data_1AYC
# 
_entry.id   1AYC 
# 
_audit_conform.dict_name       mmcif_pdbx.dic 
_audit_conform.dict_version    5.398 
_audit_conform.dict_location   http://mmcif.pdb.org/dictionaries/ascii/mmcif_pdbx.dic 
# 
loop_
_database_2.database_id 
_database_2.database_code 
_database_2.pdbx_database_accession 
_database_2.pdbx_DOI 
PDB   1AYC         pdb_00001ayc 10.2210/pdb1ayc/pdb 
WWPDB D_1000171405 ?            ?                   
# 
loop_
_pdbx_audit_revision_history.ordinal 
_pdbx_audit_revision_history.data_content_type 
_pdbx_audit_revision_history.major_revision 
_pdbx_audit_revision_history.minor_revision 
_pdbx_audit_revision_history.revision_date 
1 'Structure model' 1 0 1994-08-31 
2 'Structure model' 1 1 2008-03-24 
3 'Structure model' 1 2 2011-07-13 
4 'Structure model' 1 3 2024-06-05 
5 'Structure model' 1 4 2024-10-30 
# 
_pdbx_audit_revision_details.ordinal             1 
_pdbx_audit_revision_details.revision_ordinal    1 
_pdbx_audit_revision_details.data_content_type   'Structure model' 
_pdbx_audit_revision_details.provider            repository 
_pdbx_audit_revision_details.type                'Initial release' 
_pdbx_audit_revision_details.description         ? 
_pdbx_audit_revision_details.details             ? 
# 
loop_
_pdbx_audit_revision_group.ordinal 
_pdbx_audit_revision_group.revision_ordinal 
_pdbx_audit_revision_group.data_content_type 
_pdbx_audit_revision_group.group 
1 2 'Structure model' 'Version format compliance' 
2 3 'Structure model' 'Version format compliance' 
3 4 'Structure model' 'Data collection'           
4 4 'Structure model' 'Database references'       
5 4 'Structure model' 'Derived calculations'      
6 4 'Structure model' Other                       
7 5 'Structure model' 'Structure summary'         
# 
loop_
_pdbx_audit_revision_category.ordinal 
_pdbx_audit_revision_category.revision_ordinal 
_pdbx_audit_revision_category.data_content_type 
_pdbx_audit_revision_category.category 
1 4 'Structure model' chem_comp_atom            
2 4 'Structure model' chem_comp_bond            
3 4 'Structure model' database_2                
4 4 'Structure model' pdbx_database_status      
5 4 'Structure model' struct_conn               
6 5 'Structure model' pdbx_entry_details        
7 5 'Structure model' pdbx_modification_feature 
# 
loop_
_pdbx_audit_revision_item.ordinal 
_pdbx_audit_revision_item.revision_ordinal 
_pdbx_audit_revision_item.data_content_type 
_pdbx_audit_revision_item.item 
1 4 'Structure model' '_database_2.pdbx_DOI'                
2 4 'Structure model' '_database_2.pdbx_database_accession' 
3 4 'Structure model' '_pdbx_database_status.process_site'  
4 4 'Structure model' '_struct_conn.pdbx_leaving_atom_flag' 
# 
_pdbx_database_status.status_code                     REL 
_pdbx_database_status.entry_id                        1AYC 
_pdbx_database_status.recvd_initial_deposition_date   1994-05-15 
_pdbx_database_status.deposit_site                    ? 
_pdbx_database_status.process_site                    BNL 
_pdbx_database_status.status_code_sf                  REL 
_pdbx_database_status.status_code_mr                  ? 
_pdbx_database_status.SG_entry                        ? 
_pdbx_database_status.pdb_format_compatible           Y 
_pdbx_database_status.status_code_cs                  ? 
_pdbx_database_status.status_code_nmr_data            ? 
_pdbx_database_status.methods_development_category    ? 
# 
loop_
_audit_author.name 
_audit_author.pdbx_ordinal 
'Lee, C.-H.'  1 
'Kuriyan, J.' 2 
# 
loop_
_citation.id 
_citation.title 
_citation.journal_abbrev 
_citation.journal_volume 
_citation.page_first 
_citation.page_last 
_citation.year 
_citation.journal_id_ASTM 
_citation.country 
_citation.journal_id_ISSN 
_citation.journal_id_CSD 
_citation.book_publisher 
_citation.pdbx_database_id_PubMed 
_citation.pdbx_database_id_DOI 
primary 'Crystal structures of peptide complexes of the amino-terminal SH2 domain of the Syp tyrosine phosphatase.' Structure 2   
423 438 1994 STRUE6 UK 0969-2126 2005 ? 7521735 '10.1016/S0969-2126(00)00044-7' 
1       
'Binding of a High Affinity Phosphotyrosyl Peptide to the Src Sh2 Domain: Crystal Structures of the Complexed and Peptide-Free Forms' 
'Cell(Cambridge,Mass.)' 72  779 ?   1993 CELLB5 US 0092-8674 0998 ? ?       ?                               
2       'Structures of Sh2 and SH3 Domains' Curr.Opin.Struct.Biol.  3   828 ?   1993 COSBEF UK 0959-440X 0801 ? ?       ? 
3       'Crystal Structure of the Phosphotyrosine Recognition Domain Sh2 of V-Src Complexed with Tyrosine-Phosphorylated Peptides' 
Nature                  358 646 ?   1992 NATUAS UK 0028-0836 0006 ? ?       ?                               
# 
loop_
_citation_author.citation_id 
_citation_author.name 
_citation_author.ordinal 
_citation_author.identifier_ORCID 
primary 'Lee, C.H.'        1  ? 
primary 'Kominos, D.'      2  ? 
primary 'Jacques, S.'      3  ? 
primary 'Margolis, B.'     4  ? 
primary 'Schlessinger, J.' 5  ? 
primary 'Shoelson, S.E.'   6  ? 
primary 'Kuriyan, J.'      7  ? 
1       'Waksman, G.'      8  ? 
1       'Shoelson, S.E.'   9  ? 
1       'Pant, N.'         10 ? 
1       'Cowburn, D.'      11 ? 
1       'Kuriyan, J.'      12 ? 
2       'Kuriyan, J.'      13 ? 
2       'Cowburn, D.'      14 ? 
3       'Waksman, G.'      15 ? 
3       'Kominos, D.'      16 ? 
3       'Robertson, S.R.'  17 ? 
3       'Pant, N.'         18 ? 
3       'Baltimore, D.'    19 ? 
3       'Birge, R.B.'      20 ? 
3       'Cowburn, D.'      21 ? 
3       'Hanafusa, H.'     22 ? 
3       'Mayer, B.J.'      23 ? 
3       'Overduin, M.'     24 ? 
3       'Resh, M.D.'       25 ? 
3       'Rios, C.B.'       26 ? 
3       'Silverman, L.'    27 ? 
3       'Kuriyan, J.'      28 ? 
# 
loop_
_entity.id 
_entity.type 
_entity.src_method 
_entity.pdbx_description 
_entity.formula_weight 
_entity.pdbx_number_of_molecules 
_entity.pdbx_ec 
_entity.pdbx_mutation 
_entity.pdbx_fragment 
_entity.details 
1 polymer man 'PROTEIN-TYROSINE PHOSPHATASE SYP (N-TERMINAL SH2 DOMAIN)' 11528.979 1  3.1.3.48 ? ? ? 
2 polymer man 'PEPTIDE PDGFR-740'                                        1228.226  1  ?        ? ? ? 
3 water   nat water                                                      18.015    63 ?        ? ? ? 
# 
loop_
_entity_poly.entity_id 
_entity_poly.type 
_entity_poly.nstd_linkage 
_entity_poly.nstd_monomer 
_entity_poly.pdbx_seq_one_letter_code 
_entity_poly.pdbx_seq_one_letter_code_can 
_entity_poly.pdbx_strand_id 
_entity_poly.pdbx_target_identifier 
1 'polypeptide(L)' no no  
;MRRWFHPNITGVEAENLLLTRGVDGSFLARPSKSNPGDFTLSVRRNGAVTHIKIQNTGDYYDLYGGEKFATLAELVQYYM
EHHGQLKEKNGDVIELKYPLN
;
;MRRWFHPNITGVEAENLLLTRGVDGSFLARPSKSNPGDFTLSVRRNGAVTHIKIQNTGDYYDLYGGEKFATLAELVQYYM
EHHGQLKEKNGDVIELKYPLN
;
A ? 
2 'polypeptide(L)' no yes 'DGG(PTR)MDMSKGS'                                                                                        
DGGYMDMSKGS                                                                                              P ? 
# 
_pdbx_entity_nonpoly.entity_id   3 
_pdbx_entity_nonpoly.name        water 
_pdbx_entity_nonpoly.comp_id     HOH 
# 
loop_
_entity_poly_seq.entity_id 
_entity_poly_seq.num 
_entity_poly_seq.mon_id 
_entity_poly_seq.hetero 
1 1   MET n 
1 2   ARG n 
1 3   ARG n 
1 4   TRP n 
1 5   PHE n 
1 6   HIS n 
1 7   PRO n 
1 8   ASN n 
1 9   ILE n 
1 10  THR n 
1 11  GLY n 
1 12  VAL n 
1 13  GLU n 
1 14  ALA n 
1 15  GLU n 
1 16  ASN n 
1 17  LEU n 
1 18  LEU n 
1 19  LEU n 
1 20  THR n 
1 21  ARG n 
1 22  GLY n 
1 23  VAL n 
1 24  ASP n 
1 25  GLY n 
1 26  SER n 
1 27  PHE n 
1 28  LEU n 
1 29  ALA n 
1 30  ARG n 
1 31  PRO n 
1 32  SER n 
1 33  LYS n 
1 34  SER n 
1 35  ASN n 
1 36  PRO n 
1 37  GLY n 
1 38  ASP n 
1 39  PHE n 
1 40  THR n 
1 41  LEU n 
1 42  SER n 
1 43  VAL n 
1 44  ARG n 
1 45  ARG n 
1 46  ASN n 
1 47  GLY n 
1 48  ALA n 
1 49  VAL n 
1 50  THR n 
1 51  HIS n 
1 52  ILE n 
1 53  LYS n 
1 54  ILE n 
1 55  GLN n 
1 56  ASN n 
1 57  THR n 
1 58  GLY n 
1 59  ASP n 
1 60  TYR n 
1 61  TYR n 
1 62  ASP n 
1 63  LEU n 
1 64  TYR n 
1 65  GLY n 
1 66  GLY n 
1 67  GLU n 
1 68  LYS n 
1 69  PHE n 
1 70  ALA n 
1 71  THR n 
1 72  LEU n 
1 73  ALA n 
1 74  GLU n 
1 75  LEU n 
1 76  VAL n 
1 77  GLN n 
1 78  TYR n 
1 79  TYR n 
1 80  MET n 
1 81  GLU n 
1 82  HIS n 
1 83  HIS n 
1 84  GLY n 
1 85  GLN n 
1 86  LEU n 
1 87  LYS n 
1 88  GLU n 
1 89  LYS n 
1 90  ASN n 
1 91  GLY n 
1 92  ASP n 
1 93  VAL n 
1 94  ILE n 
1 95  GLU n 
1 96  LEU n 
1 97  LYS n 
1 98  TYR n 
1 99  PRO n 
1 100 LEU n 
1 101 ASN n 
2 1   ASP n 
2 2   GLY n 
2 3   GLY n 
2 4   PTR n 
2 5   MET n 
2 6   ASP n 
2 7   MET n 
2 8   SER n 
2 9   LYS n 
2 10  GLY n 
2 11  SER n 
# 
loop_
_entity_src_gen.entity_id 
_entity_src_gen.pdbx_src_id 
_entity_src_gen.pdbx_alt_source_flag 
_entity_src_gen.pdbx_seq_type 
_entity_src_gen.pdbx_beg_seq_num 
_entity_src_gen.pdbx_end_seq_num 
_entity_src_gen.gene_src_common_name 
_entity_src_gen.gene_src_genus 
_entity_src_gen.pdbx_gene_src_gene 
_entity_src_gen.gene_src_species 
_entity_src_gen.gene_src_strain 
_entity_src_gen.gene_src_tissue 
_entity_src_gen.gene_src_tissue_fraction 
_entity_src_gen.gene_src_details 
_entity_src_gen.pdbx_gene_src_fragment 
_entity_src_gen.pdbx_gene_src_scientific_name 
_entity_src_gen.pdbx_gene_src_ncbi_taxonomy_id 
_entity_src_gen.pdbx_gene_src_variant 
_entity_src_gen.pdbx_gene_src_cell_line 
_entity_src_gen.pdbx_gene_src_atcc 
_entity_src_gen.pdbx_gene_src_organ 
_entity_src_gen.pdbx_gene_src_organelle 
_entity_src_gen.pdbx_gene_src_cell 
_entity_src_gen.pdbx_gene_src_cellular_location 
_entity_src_gen.host_org_common_name 
_entity_src_gen.pdbx_host_org_scientific_name 
_entity_src_gen.pdbx_host_org_ncbi_taxonomy_id 
_entity_src_gen.host_org_genus 
_entity_src_gen.pdbx_host_org_gene 
_entity_src_gen.pdbx_host_org_organ 
_entity_src_gen.host_org_species 
_entity_src_gen.pdbx_host_org_tissue 
_entity_src_gen.pdbx_host_org_tissue_fraction 
_entity_src_gen.pdbx_host_org_strain 
_entity_src_gen.pdbx_host_org_variant 
_entity_src_gen.pdbx_host_org_cell_line 
_entity_src_gen.pdbx_host_org_atcc 
_entity_src_gen.pdbx_host_org_culture_collection 
_entity_src_gen.pdbx_host_org_cell 
_entity_src_gen.pdbx_host_org_organelle 
_entity_src_gen.pdbx_host_org_cellular_location 
_entity_src_gen.pdbx_host_org_vector_type 
_entity_src_gen.pdbx_host_org_vector 
_entity_src_gen.host_org_details 
_entity_src_gen.expression_system_id 
_entity_src_gen.plasmid_name 
_entity_src_gen.plasmid_details 
_entity_src_gen.pdbx_description 
1 1 sample ? ? ? 'house mouse' Mus ? ? ? ? ? ? ? 'Mus musculus' 10090 ? ? ? ? ? ? ? ? ? ? ? ? ? ? ? ? ? ? ? ? ? ? ? ? ? ? ? ? ? ? 
? 
2 1 sample ? ? ? 'house mouse' Mus ? ? ? ? ? ? ? 'Mus musculus' 10090 ? ? ? ? ? ? ? ? ? ? ? ? ? ? ? ? ? ? ? ? ? ? ? ? ? ? ? ? ? ? 
? 
# 
loop_
_chem_comp.id 
_chem_comp.type 
_chem_comp.mon_nstd_flag 
_chem_comp.name 
_chem_comp.pdbx_synonyms 
_chem_comp.formula 
_chem_comp.formula_weight 
ALA 'L-peptide linking' y ALANINE           ?                 'C3 H7 N O2'     89.093  
ARG 'L-peptide linking' y ARGININE          ?                 'C6 H15 N4 O2 1' 175.209 
ASN 'L-peptide linking' y ASPARAGINE        ?                 'C4 H8 N2 O3'    132.118 
ASP 'L-peptide linking' y 'ASPARTIC ACID'   ?                 'C4 H7 N O4'     133.103 
GLN 'L-peptide linking' y GLUTAMINE         ?                 'C5 H10 N2 O3'   146.144 
GLU 'L-peptide linking' y 'GLUTAMIC ACID'   ?                 'C5 H9 N O4'     147.129 
GLY 'peptide linking'   y GLYCINE           ?                 'C2 H5 N O2'     75.067  
HIS 'L-peptide linking' y HISTIDINE         ?                 'C6 H10 N3 O2 1' 156.162 
HOH non-polymer         . WATER             ?                 'H2 O'           18.015  
ILE 'L-peptide linking' y ISOLEUCINE        ?                 'C6 H13 N O2'    131.173 
LEU 'L-peptide linking' y LEUCINE           ?                 'C6 H13 N O2'    131.173 
LYS 'L-peptide linking' y LYSINE            ?                 'C6 H15 N2 O2 1' 147.195 
MET 'L-peptide linking' y METHIONINE        ?                 'C5 H11 N O2 S'  149.211 
PHE 'L-peptide linking' y PHENYLALANINE     ?                 'C9 H11 N O2'    165.189 
PRO 'L-peptide linking' y PROLINE           ?                 'C5 H9 N O2'     115.130 
PTR 'L-peptide linking' n O-PHOSPHOTYROSINE PHOSPHONOTYROSINE 'C9 H12 N O6 P'  261.168 
SER 'L-peptide linking' y SERINE            ?                 'C3 H7 N O3'     105.093 
THR 'L-peptide linking' y THREONINE         ?                 'C4 H9 N O3'     119.119 
TRP 'L-peptide linking' y TRYPTOPHAN        ?                 'C11 H12 N2 O2'  204.225 
TYR 'L-peptide linking' y TYROSINE          ?                 'C9 H11 N O3'    181.189 
VAL 'L-peptide linking' y VALINE            ?                 'C5 H11 N O2'    117.146 
# 
loop_
_pdbx_poly_seq_scheme.asym_id 
_pdbx_poly_seq_scheme.entity_id 
_pdbx_poly_seq_scheme.seq_id 
_pdbx_poly_seq_scheme.mon_id 
_pdbx_poly_seq_scheme.ndb_seq_num 
_pdbx_poly_seq_scheme.pdb_seq_num 
_pdbx_poly_seq_scheme.auth_seq_num 
_pdbx_poly_seq_scheme.pdb_mon_id 
_pdbx_poly_seq_scheme.auth_mon_id 
_pdbx_poly_seq_scheme.pdb_strand_id 
_pdbx_poly_seq_scheme.pdb_ins_code 
_pdbx_poly_seq_scheme.hetero 
A 1 1   MET 1   3   ?   ?   ?   A . n 
A 1 2   ARG 2   4   4   ARG ARG A . n 
A 1 3   ARG 3   5   5   ARG ARG A . n 
A 1 4   TRP 4   6   6   TRP TRP A . n 
A 1 5   PHE 5   7   7   PHE PHE A . n 
A 1 6   HIS 6   8   8   HIS HIS A . n 
A 1 7   PRO 7   9   9   PRO PRO A . n 
A 1 8   ASN 8   10  10  ASN ASN A . n 
A 1 9   ILE 9   11  11  ILE ILE A . n 
A 1 10  THR 10  12  12  THR THR A . n 
A 1 11  GLY 11  13  13  GLY GLY A . n 
A 1 12  VAL 12  14  14  VAL VAL A . n 
A 1 13  GLU 13  15  15  GLU GLU A . n 
A 1 14  ALA 14  16  16  ALA ALA A . n 
A 1 15  GLU 15  17  17  GLU GLU A . n 
A 1 16  ASN 16  18  18  ASN ASN A . n 
A 1 17  LEU 17  19  19  LEU LEU A . n 
A 1 18  LEU 18  20  20  LEU LEU A . n 
A 1 19  LEU 19  21  21  LEU LEU A . n 
A 1 20  THR 20  22  22  THR THR A . n 
A 1 21  ARG 21  23  23  ARG ARG A . n 
A 1 22  GLY 22  24  24  GLY GLY A . n 
A 1 23  VAL 23  25  25  VAL VAL A . n 
A 1 24  ASP 24  26  26  ASP ASP A . n 
A 1 25  GLY 25  27  27  GLY GLY A . n 
A 1 26  SER 26  28  28  SER SER A . n 
A 1 27  PHE 27  29  29  PHE PHE A . n 
A 1 28  LEU 28  30  30  LEU LEU A . n 
A 1 29  ALA 29  31  31  ALA ALA A . n 
A 1 30  ARG 30  32  32  ARG ARG A . n 
A 1 31  PRO 31  33  33  PRO PRO A . n 
A 1 32  SER 32  34  34  SER SER A . n 
A 1 33  LYS 33  35  35  LYS LYS A . n 
A 1 34  SER 34  36  36  SER SER A . n 
A 1 35  ASN 35  37  37  ASN ASN A . n 
A 1 36  PRO 36  38  38  PRO PRO A . n 
A 1 37  GLY 37  39  39  GLY GLY A . n 
A 1 38  ASP 38  40  40  ASP ASP A . n 
A 1 39  PHE 39  41  41  PHE PHE A . n 
A 1 40  THR 40  42  42  THR THR A . n 
A 1 41  LEU 41  43  43  LEU LEU A . n 
A 1 42  SER 42  44  44  SER SER A . n 
A 1 43  VAL 43  45  45  VAL VAL A . n 
A 1 44  ARG 44  46  46  ARG ARG A . n 
A 1 45  ARG 45  47  47  ARG ARG A . n 
A 1 46  ASN 46  48  48  ASN ASN A . n 
A 1 47  GLY 47  49  49  GLY GLY A . n 
A 1 48  ALA 48  50  50  ALA ALA A . n 
A 1 49  VAL 49  51  51  VAL VAL A . n 
A 1 50  THR 50  52  52  THR THR A . n 
A 1 51  HIS 51  53  53  HIS HIS A . n 
A 1 52  ILE 52  54  54  ILE ILE A . n 
A 1 53  LYS 53  55  55  LYS LYS A . n 
A 1 54  ILE 54  56  56  ILE ILE A . n 
A 1 55  GLN 55  57  57  GLN GLN A . n 
A 1 56  ASN 56  58  58  ASN ASN A . n 
A 1 57  THR 57  59  59  THR THR A . n 
A 1 58  GLY 58  60  60  GLY GLY A . n 
A 1 59  ASP 59  61  61  ASP ASP A . n 
A 1 60  TYR 60  62  62  TYR TYR A . n 
A 1 61  TYR 61  63  63  TYR TYR A . n 
A 1 62  ASP 62  64  64  ASP ASP A . n 
A 1 63  LEU 63  65  65  LEU LEU A . n 
A 1 64  TYR 64  66  66  TYR TYR A . n 
A 1 65  GLY 65  67  67  GLY GLY A . n 
A 1 66  GLY 66  68  68  GLY GLY A . n 
A 1 67  GLU 67  69  69  GLU GLU A . n 
A 1 68  LYS 68  70  70  LYS LYS A . n 
A 1 69  PHE 69  71  71  PHE PHE A . n 
A 1 70  ALA 70  72  72  ALA ALA A . n 
A 1 71  THR 71  73  73  THR THR A . n 
A 1 72  LEU 72  74  74  LEU LEU A . n 
A 1 73  ALA 73  75  75  ALA ALA A . n 
A 1 74  GLU 74  76  76  GLU GLU A . n 
A 1 75  LEU 75  77  77  LEU LEU A . n 
A 1 76  VAL 76  78  78  VAL VAL A . n 
A 1 77  GLN 77  79  79  GLN GLN A . n 
A 1 78  TYR 78  80  80  TYR TYR A . n 
A 1 79  TYR 79  81  81  TYR TYR A . n 
A 1 80  MET 80  82  82  MET MET A . n 
A 1 81  GLU 81  83  83  GLU GLU A . n 
A 1 82  HIS 82  84  84  HIS HIS A . n 
A 1 83  HIS 83  85  85  HIS HIS A . n 
A 1 84  GLY 84  86  86  GLY GLY A . n 
A 1 85  GLN 85  87  87  GLN GLN A . n 
A 1 86  LEU 86  88  88  LEU LEU A . n 
A 1 87  LYS 87  89  89  LYS LYS A . n 
A 1 88  GLU 88  90  90  GLU GLU A . n 
A 1 89  LYS 89  91  91  LYS LYS A . n 
A 1 90  ASN 90  92  92  ASN ASN A . n 
A 1 91  GLY 91  93  93  GLY GLY A . n 
A 1 92  ASP 92  94  94  ASP ASP A . n 
A 1 93  VAL 93  95  95  VAL VAL A . n 
A 1 94  ILE 94  96  96  ILE ILE A . n 
A 1 95  GLU 95  97  97  GLU GLU A . n 
A 1 96  LEU 96  98  98  LEU LEU A . n 
A 1 97  LYS 97  99  99  LYS LYS A . n 
A 1 98  TYR 98  100 100 TYR TYR A . n 
A 1 99  PRO 99  101 101 PRO PRO A . n 
A 1 100 LEU 100 102 102 LEU LEU A . n 
A 1 101 ASN 101 103 103 ASN ASN A . n 
B 2 1   ASP 1   -3  ?   ?   ?   P . n 
B 2 2   GLY 2   -2  -2  GLY GLY P . n 
B 2 3   GLY 3   -1  -1  GLY GLY P . n 
B 2 4   PTR 4   0   0   PTR TYR P . n 
B 2 5   MET 5   1   1   MET MET P . n 
B 2 6   ASP 6   2   2   ASP ASP P . n 
B 2 7   MET 7   3   3   MET MET P . n 
B 2 8   SER 8   4   4   SER SER P . n 
B 2 9   LYS 9   5   ?   ?   ?   P . n 
B 2 10  GLY 10  6   ?   ?   ?   P . n 
B 2 11  SER 11  7   ?   ?   ?   P . n 
# 
loop_
_pdbx_nonpoly_scheme.asym_id 
_pdbx_nonpoly_scheme.entity_id 
_pdbx_nonpoly_scheme.mon_id 
_pdbx_nonpoly_scheme.ndb_seq_num 
_pdbx_nonpoly_scheme.pdb_seq_num 
_pdbx_nonpoly_scheme.auth_seq_num 
_pdbx_nonpoly_scheme.pdb_mon_id 
_pdbx_nonpoly_scheme.auth_mon_id 
_pdbx_nonpoly_scheme.pdb_strand_id 
_pdbx_nonpoly_scheme.pdb_ins_code 
C 3 HOH 1  301 301 HOH HOH A . 
C 3 HOH 2  302 302 HOH HOH A . 
C 3 HOH 3  303 303 HOH HOH A . 
C 3 HOH 4  304 304 HOH HOH A . 
C 3 HOH 5  305 305 HOH HOH A . 
C 3 HOH 6  306 306 HOH HOH A . 
C 3 HOH 7  307 307 HOH HOH A . 
C 3 HOH 8  308 308 HOH HOH A . 
C 3 HOH 9  309 309 HOH HOH A . 
C 3 HOH 10 310 310 HOH HOH A . 
C 3 HOH 11 311 311 HOH HOH A . 
C 3 HOH 12 312 312 HOH HOH A . 
C 3 HOH 13 313 313 HOH HOH A . 
C 3 HOH 14 314 314 HOH HOH A . 
C 3 HOH 15 315 315 HOH HOH A . 
C 3 HOH 16 316 316 HOH HOH A . 
C 3 HOH 17 317 317 HOH HOH A . 
C 3 HOH 18 318 318 HOH HOH A . 
C 3 HOH 19 319 319 HOH HOH A . 
C 3 HOH 20 320 320 HOH HOH A . 
C 3 HOH 21 321 321 HOH HOH A . 
C 3 HOH 22 322 322 HOH HOH A . 
C 3 HOH 23 323 323 HOH HOH A . 
C 3 HOH 24 324 324 HOH HOH A . 
C 3 HOH 25 325 325 HOH HOH A . 
C 3 HOH 26 326 326 HOH HOH A . 
C 3 HOH 27 327 327 HOH HOH A . 
C 3 HOH 28 328 328 HOH HOH A . 
C 3 HOH 29 329 329 HOH HOH A . 
C 3 HOH 30 330 330 HOH HOH A . 
C 3 HOH 31 331 331 HOH HOH A . 
C 3 HOH 32 332 332 HOH HOH A . 
C 3 HOH 33 333 333 HOH HOH A . 
C 3 HOH 34 334 334 HOH HOH A . 
C 3 HOH 35 335 335 HOH HOH A . 
C 3 HOH 36 336 336 HOH HOH A . 
C 3 HOH 37 337 337 HOH HOH A . 
C 3 HOH 38 338 338 HOH HOH A . 
C 3 HOH 39 339 339 HOH HOH A . 
C 3 HOH 40 340 340 HOH HOH A . 
C 3 HOH 41 341 341 HOH HOH A . 
C 3 HOH 42 342 342 HOH HOH A . 
C 3 HOH 43 343 343 HOH HOH A . 
C 3 HOH 44 344 344 HOH HOH A . 
C 3 HOH 45 345 345 HOH HOH A . 
C 3 HOH 46 346 346 HOH HOH A . 
C 3 HOH 47 347 347 HOH HOH A . 
C 3 HOH 48 348 348 HOH HOH A . 
C 3 HOH 49 349 349 HOH HOH A . 
C 3 HOH 50 350 350 HOH HOH A . 
C 3 HOH 51 352 352 HOH HOH A . 
C 3 HOH 52 353 353 HOH HOH A . 
C 3 HOH 53 354 354 HOH HOH A . 
C 3 HOH 54 355 355 HOH HOH A . 
C 3 HOH 55 356 356 HOH HOH A . 
C 3 HOH 56 358 358 HOH HOH A . 
C 3 HOH 57 359 359 HOH HOH A . 
C 3 HOH 58 360 360 HOH HOH A . 
C 3 HOH 59 361 361 HOH HOH A . 
C 3 HOH 60 362 362 HOH HOH A . 
C 3 HOH 61 363 363 HOH HOH A . 
D 3 HOH 1  351 351 HOH HOH P . 
D 3 HOH 2  357 357 HOH HOH P . 
# 
loop_
_pdbx_unobs_or_zero_occ_atoms.id 
_pdbx_unobs_or_zero_occ_atoms.PDB_model_num 
_pdbx_unobs_or_zero_occ_atoms.polymer_flag 
_pdbx_unobs_or_zero_occ_atoms.occupancy_flag 
_pdbx_unobs_or_zero_occ_atoms.auth_asym_id 
_pdbx_unobs_or_zero_occ_atoms.auth_comp_id 
_pdbx_unobs_or_zero_occ_atoms.auth_seq_id 
_pdbx_unobs_or_zero_occ_atoms.PDB_ins_code 
_pdbx_unobs_or_zero_occ_atoms.auth_atom_id 
_pdbx_unobs_or_zero_occ_atoms.label_alt_id 
_pdbx_unobs_or_zero_occ_atoms.label_asym_id 
_pdbx_unobs_or_zero_occ_atoms.label_comp_id 
_pdbx_unobs_or_zero_occ_atoms.label_seq_id 
_pdbx_unobs_or_zero_occ_atoms.label_atom_id 
1  1 Y 1 A ARG 4   ? CG  ? A ARG 2   CG  
2  1 Y 1 A ARG 4   ? CD  ? A ARG 2   CD  
3  1 Y 1 A ARG 4   ? NE  ? A ARG 2   NE  
4  1 Y 1 A ARG 4   ? CZ  ? A ARG 2   CZ  
5  1 Y 1 A ARG 4   ? NH1 ? A ARG 2   NH1 
6  1 Y 1 A ARG 4   ? NH2 ? A ARG 2   NH2 
7  1 Y 1 A ARG 5   ? CG  ? A ARG 3   CG  
8  1 Y 1 A ARG 5   ? CD  ? A ARG 3   CD  
9  1 Y 1 A ARG 5   ? NE  ? A ARG 3   NE  
10 1 Y 1 A ARG 5   ? CZ  ? A ARG 3   CZ  
11 1 Y 1 A ARG 5   ? NH1 ? A ARG 3   NH1 
12 1 Y 1 A ARG 5   ? NH2 ? A ARG 3   NH2 
13 1 Y 1 A LYS 35  ? CG  ? A LYS 33  CG  
14 1 Y 1 A LYS 35  ? CD  ? A LYS 33  CD  
15 1 Y 1 A LYS 35  ? CE  ? A LYS 33  CE  
16 1 Y 1 A LYS 35  ? NZ  ? A LYS 33  NZ  
17 1 Y 1 A LYS 91  ? CG  ? A LYS 89  CG  
18 1 Y 1 A LYS 91  ? CD  ? A LYS 89  CD  
19 1 Y 1 A LYS 91  ? CE  ? A LYS 89  CE  
20 1 Y 1 A LYS 91  ? NZ  ? A LYS 89  NZ  
21 1 Y 1 A ASN 103 ? O   ? A ASN 101 O   
22 1 Y 1 P SER 4   ? O   ? B SER 8   O   
# 
loop_
_software.name 
_software.classification 
_software.version 
_software.citation_id 
_software.pdbx_ordinal 
X-PLOR 'model building' . ? 1 
X-PLOR refinement       . ? 2 
X-PLOR phasing          . ? 3 
# 
_cell.entry_id           1AYC 
_cell.length_a           62.200 
_cell.length_b           62.200 
_cell.length_c           74.700 
_cell.angle_alpha        90.00 
_cell.angle_beta         90.00 
_cell.angle_gamma        90.00 
_cell.Z_PDB              8 
_cell.pdbx_unique_axis   ? 
# 
_symmetry.entry_id                         1AYC 
_symmetry.space_group_name_H-M             'P 43 21 2' 
_symmetry.pdbx_full_space_group_name_H-M   ? 
_symmetry.cell_setting                     ? 
_symmetry.Int_Tables_number                96 
# 
_exptl.entry_id          1AYC 
_exptl.method            'X-RAY DIFFRACTION' 
_exptl.crystals_number   ? 
# 
_exptl_crystal.id                    1 
_exptl_crystal.density_meas          ? 
_exptl_crystal.density_Matthews      2.83 
_exptl_crystal.density_percent_sol   56.55 
_exptl_crystal.description           ? 
# 
_diffrn.id                     1 
_diffrn.ambient_temp           ? 
_diffrn.ambient_temp_details   ? 
_diffrn.crystal_id             1 
# 
_diffrn_radiation.diffrn_id                        1 
_diffrn_radiation.wavelength_id                    1 
_diffrn_radiation.pdbx_monochromatic_or_laue_m_l   ? 
_diffrn_radiation.monochromator                    ? 
_diffrn_radiation.pdbx_diffrn_protocol             ? 
_diffrn_radiation.pdbx_scattering_type             x-ray 
# 
_diffrn_radiation_wavelength.id           1 
_diffrn_radiation_wavelength.wavelength   . 
_diffrn_radiation_wavelength.wt           1.0 
# 
_refine.entry_id                                 1AYC 
_refine.ls_number_reflns_obs                     5362 
_refine.ls_number_reflns_all                     ? 
_refine.pdbx_ls_sigma_I                          ? 
_refine.pdbx_ls_sigma_F                          2. 
_refine.pdbx_data_cutoff_high_absF               ? 
_refine.pdbx_data_cutoff_low_absF                ? 
_refine.pdbx_data_cutoff_high_rms_absF           ? 
_refine.ls_d_res_low                             6.0 
_refine.ls_d_res_high                            2.3 
_refine.ls_percent_reflns_obs                    ? 
_refine.ls_R_factor_obs                          0.189 
_refine.ls_R_factor_all                          ? 
_refine.ls_R_factor_R_work                       0.189 
_refine.ls_R_factor_R_free                       ? 
_refine.ls_R_factor_R_free_error                 ? 
_refine.ls_R_factor_R_free_error_details         ? 
_refine.ls_percent_reflns_R_free                 ? 
_refine.ls_number_reflns_R_free                  ? 
_refine.ls_number_parameters                     ? 
_refine.ls_number_restraints                     ? 
_refine.occupancy_min                            ? 
_refine.occupancy_max                            ? 
_refine.B_iso_mean                               ? 
_refine.aniso_B[1][1]                            ? 
_refine.aniso_B[2][2]                            ? 
_refine.aniso_B[3][3]                            ? 
_refine.aniso_B[1][2]                            ? 
_refine.aniso_B[1][3]                            ? 
_refine.aniso_B[2][3]                            ? 
_refine.solvent_model_details                    ? 
_refine.solvent_model_param_ksol                 ? 
_refine.solvent_model_param_bsol                 ? 
_refine.pdbx_ls_cross_valid_method               ? 
_refine.details                                  ? 
_refine.pdbx_starting_model                      ? 
_refine.pdbx_method_to_determine_struct          ? 
_refine.pdbx_isotropic_thermal_model             ? 
_refine.pdbx_stereochemistry_target_values       ? 
_refine.pdbx_stereochem_target_val_spec_case     ? 
_refine.pdbx_R_Free_selection_details            ? 
_refine.pdbx_overall_ESU_R                       ? 
_refine.pdbx_overall_ESU_R_Free                  ? 
_refine.overall_SU_ML                            ? 
_refine.overall_SU_B                             ? 
_refine.pdbx_refine_id                           'X-RAY DIFFRACTION' 
_refine.pdbx_diffrn_id                           1 
_refine.pdbx_TLS_residual_ADP_flag               ? 
_refine.correlation_coeff_Fo_to_Fc               ? 
_refine.correlation_coeff_Fo_to_Fc_free          ? 
_refine.pdbx_solvent_vdw_probe_radii             ? 
_refine.pdbx_solvent_ion_probe_radii             ? 
_refine.pdbx_solvent_shrinkage_radii             ? 
_refine.pdbx_overall_phase_error                 ? 
_refine.overall_SU_R_Cruickshank_DPI             ? 
_refine.pdbx_overall_SU_R_free_Cruickshank_DPI   ? 
_refine.pdbx_overall_SU_R_Blow_DPI               ? 
_refine.pdbx_overall_SU_R_free_Blow_DPI          ? 
# 
_refine_hist.pdbx_refine_id                   'X-RAY DIFFRACTION' 
_refine_hist.cycle_id                         LAST 
_refine_hist.pdbx_number_atoms_protein        833 
_refine_hist.pdbx_number_atoms_nucleic_acid   0 
_refine_hist.pdbx_number_atoms_ligand         4 
_refine_hist.number_atoms_solvent             63 
_refine_hist.number_atoms_total               900 
_refine_hist.d_res_high                       2.3 
_refine_hist.d_res_low                        6.0 
# 
loop_
_refine_ls_restr.type 
_refine_ls_restr.dev_ideal 
_refine_ls_restr.dev_ideal_target 
_refine_ls_restr.weight 
_refine_ls_restr.number 
_refine_ls_restr.pdbx_refine_id 
_refine_ls_restr.pdbx_restraint_function 
x_bond_d                0.012 ? ? ? 'X-RAY DIFFRACTION' ? 
x_bond_d_na             ?     ? ? ? 'X-RAY DIFFRACTION' ? 
x_bond_d_prot           ?     ? ? ? 'X-RAY DIFFRACTION' ? 
x_angle_d               ?     ? ? ? 'X-RAY DIFFRACTION' ? 
x_angle_d_na            ?     ? ? ? 'X-RAY DIFFRACTION' ? 
x_angle_d_prot          ?     ? ? ? 'X-RAY DIFFRACTION' ? 
x_angle_deg             2.9   ? ? ? 'X-RAY DIFFRACTION' ? 
x_angle_deg_na          ?     ? ? ? 'X-RAY DIFFRACTION' ? 
x_angle_deg_prot        ?     ? ? ? 'X-RAY DIFFRACTION' ? 
x_dihedral_angle_d      ?     ? ? ? 'X-RAY DIFFRACTION' ? 
x_dihedral_angle_d_na   ?     ? ? ? 'X-RAY DIFFRACTION' ? 
x_dihedral_angle_d_prot ?     ? ? ? 'X-RAY DIFFRACTION' ? 
x_improper_angle_d      ?     ? ? ? 'X-RAY DIFFRACTION' ? 
x_improper_angle_d_na   ?     ? ? ? 'X-RAY DIFFRACTION' ? 
x_improper_angle_d_prot ?     ? ? ? 'X-RAY DIFFRACTION' ? 
x_mcbond_it             ?     ? ? ? 'X-RAY DIFFRACTION' ? 
x_mcangle_it            ?     ? ? ? 'X-RAY DIFFRACTION' ? 
x_scbond_it             ?     ? ? ? 'X-RAY DIFFRACTION' ? 
x_scangle_it            ?     ? ? ? 'X-RAY DIFFRACTION' ? 
# 
_struct.entry_id                  1AYC 
_struct.title                     
'CRYSTAL STRUCTURES OF PEPTIDE COMPLEXES OF THE AMINO-TERMINAL SH2 DOMAIN OF THE SYP TYROSINE PHOSPHATASE' 
_struct.pdbx_model_details        ? 
_struct.pdbx_CASP_flag            ? 
_struct.pdbx_model_type_details   ? 
# 
_struct_keywords.entry_id        1AYC 
_struct_keywords.pdbx_keywords   'HYDROLASE(SH2 DOMAIN)' 
_struct_keywords.text            'HYDROLASE(SH2 DOMAIN)' 
# 
loop_
_struct_asym.id 
_struct_asym.pdbx_blank_PDB_chainid_flag 
_struct_asym.pdbx_modified 
_struct_asym.entity_id 
_struct_asym.details 
A N N 1 ? 
B N N 2 ? 
C N N 3 ? 
D N N 3 ? 
# 
loop_
_struct_ref.id 
_struct_ref.db_name 
_struct_ref.db_code 
_struct_ref.pdbx_db_accession 
_struct_ref.entity_id 
_struct_ref.pdbx_align_begin 
_struct_ref.pdbx_db_isoform 
_struct_ref.pdbx_seq_one_letter_code 
1 UNP PTN11_MOUSE P35235 1 4   ? ? 
2 UNP PGFRB_MOUSE P05622 2 736 ? ? 
# 
loop_
_struct_ref_seq.align_id 
_struct_ref_seq.ref_id 
_struct_ref_seq.pdbx_PDB_id_code 
_struct_ref_seq.pdbx_strand_id 
_struct_ref_seq.seq_align_beg 
_struct_ref_seq.pdbx_seq_align_beg_ins_code 
_struct_ref_seq.seq_align_end 
_struct_ref_seq.pdbx_seq_align_end_ins_code 
_struct_ref_seq.pdbx_db_accession 
_struct_ref_seq.db_align_beg 
_struct_ref_seq.pdbx_db_align_beg_ins_code 
_struct_ref_seq.db_align_end 
_struct_ref_seq.pdbx_db_align_end_ins_code 
_struct_ref_seq.pdbx_auth_seq_align_beg 
_struct_ref_seq.pdbx_auth_seq_align_end 
1 1 1AYC A 2 ? 101 ? P35235 4   ? 103 ? 4  103 
2 2 1AYC P 1 ? 9   ? P05622 736 ? 744 ? -3 5   
# 
_pdbx_struct_assembly.id                   1 
_pdbx_struct_assembly.details              author_and_software_defined_assembly 
_pdbx_struct_assembly.method_details       PISA 
_pdbx_struct_assembly.oligomeric_details   dimeric 
_pdbx_struct_assembly.oligomeric_count     2 
# 
loop_
_pdbx_struct_assembly_prop.biol_id 
_pdbx_struct_assembly_prop.type 
_pdbx_struct_assembly_prop.value 
_pdbx_struct_assembly_prop.details 
1 'ABSA (A^2)' 870  ? 
1 MORE         -14  ? 
1 'SSA (A^2)'  5610 ? 
# 
_pdbx_struct_assembly_gen.assembly_id       1 
_pdbx_struct_assembly_gen.oper_expression   1 
_pdbx_struct_assembly_gen.asym_id_list      A,B,C,D 
# 
_pdbx_struct_oper_list.id                   1 
_pdbx_struct_oper_list.type                 'identity operation' 
_pdbx_struct_oper_list.name                 1_555 
_pdbx_struct_oper_list.symmetry_operation   x,y,z 
_pdbx_struct_oper_list.matrix[1][1]         1.0000000000 
_pdbx_struct_oper_list.matrix[1][2]         0.0000000000 
_pdbx_struct_oper_list.matrix[1][3]         0.0000000000 
_pdbx_struct_oper_list.vector[1]            0.0000000000 
_pdbx_struct_oper_list.matrix[2][1]         0.0000000000 
_pdbx_struct_oper_list.matrix[2][2]         1.0000000000 
_pdbx_struct_oper_list.matrix[2][3]         0.0000000000 
_pdbx_struct_oper_list.vector[2]            0.0000000000 
_pdbx_struct_oper_list.matrix[3][1]         0.0000000000 
_pdbx_struct_oper_list.matrix[3][2]         0.0000000000 
_pdbx_struct_oper_list.matrix[3][3]         1.0000000000 
_pdbx_struct_oper_list.vector[3]            0.0000000000 
# 
_struct_biol.id   1 
# 
loop_
_struct_conf.conf_type_id 
_struct_conf.id 
_struct_conf.pdbx_PDB_helix_id 
_struct_conf.beg_label_comp_id 
_struct_conf.beg_label_asym_id 
_struct_conf.beg_label_seq_id 
_struct_conf.pdbx_beg_PDB_ins_code 
_struct_conf.end_label_comp_id 
_struct_conf.end_label_asym_id 
_struct_conf.end_label_seq_id 
_struct_conf.pdbx_end_PDB_ins_code 
_struct_conf.beg_auth_comp_id 
_struct_conf.beg_auth_asym_id 
_struct_conf.beg_auth_seq_id 
_struct_conf.end_auth_comp_id 
_struct_conf.end_auth_asym_id 
_struct_conf.end_auth_seq_id 
_struct_conf.pdbx_PDB_helix_class 
_struct_conf.details 
_struct_conf.pdbx_PDB_helix_length 
HELX_P HELX_P1 1 THR A 10 ? ARG A 21 ? THR A 12 ARG A 23 1 ? 12 
HELX_P HELX_P2 2 THR A 71 ? HIS A 82 ? THR A 73 HIS A 84 1 ? 12 
# 
_struct_conf_type.id          HELX_P 
_struct_conf_type.criteria    ? 
_struct_conf_type.reference   ? 
# 
loop_
_struct_conn.id 
_struct_conn.conn_type_id 
_struct_conn.pdbx_leaving_atom_flag 
_struct_conn.pdbx_PDB_id 
_struct_conn.ptnr1_label_asym_id 
_struct_conn.ptnr1_label_comp_id 
_struct_conn.ptnr1_label_seq_id 
_struct_conn.ptnr1_label_atom_id 
_struct_conn.pdbx_ptnr1_label_alt_id 
_struct_conn.pdbx_ptnr1_PDB_ins_code 
_struct_conn.pdbx_ptnr1_standard_comp_id 
_struct_conn.ptnr1_symmetry 
_struct_conn.ptnr2_label_asym_id 
_struct_conn.ptnr2_label_comp_id 
_struct_conn.ptnr2_label_seq_id 
_struct_conn.ptnr2_label_atom_id 
_struct_conn.pdbx_ptnr2_label_alt_id 
_struct_conn.pdbx_ptnr2_PDB_ins_code 
_struct_conn.ptnr1_auth_asym_id 
_struct_conn.ptnr1_auth_comp_id 
_struct_conn.ptnr1_auth_seq_id 
_struct_conn.ptnr2_auth_asym_id 
_struct_conn.ptnr2_auth_comp_id 
_struct_conn.ptnr2_auth_seq_id 
_struct_conn.ptnr2_symmetry 
_struct_conn.pdbx_ptnr3_label_atom_id 
_struct_conn.pdbx_ptnr3_label_seq_id 
_struct_conn.pdbx_ptnr3_label_comp_id 
_struct_conn.pdbx_ptnr3_label_asym_id 
_struct_conn.pdbx_ptnr3_label_alt_id 
_struct_conn.pdbx_ptnr3_PDB_ins_code 
_struct_conn.details 
_struct_conn.pdbx_dist_value 
_struct_conn.pdbx_value_order 
_struct_conn.pdbx_role 
covale1 covale both ? B GLY 3 C ? ? ? 1_555 B PTR 4 N ? ? P GLY -1 P PTR 0 1_555 ? ? ? ? ? ? ? 1.338 ? ? 
covale2 covale both ? B PTR 4 C ? ? ? 1_555 B MET 5 N ? ? P PTR 0  P MET 1 1_555 ? ? ? ? ? ? ? 1.327 ? ? 
# 
_struct_conn_type.id          covale 
_struct_conn_type.criteria    ? 
_struct_conn_type.reference   ? 
# 
_pdbx_modification_feature.ordinal                            1 
_pdbx_modification_feature.label_comp_id                      PTR 
_pdbx_modification_feature.label_asym_id                      B 
_pdbx_modification_feature.label_seq_id                       4 
_pdbx_modification_feature.label_alt_id                       ? 
_pdbx_modification_feature.modified_residue_label_comp_id     . 
_pdbx_modification_feature.modified_residue_label_asym_id     . 
_pdbx_modification_feature.modified_residue_label_seq_id      . 
_pdbx_modification_feature.modified_residue_label_alt_id      . 
_pdbx_modification_feature.auth_comp_id                       PTR 
_pdbx_modification_feature.auth_asym_id                       P 
_pdbx_modification_feature.auth_seq_id                        0 
_pdbx_modification_feature.PDB_ins_code                       ? 
_pdbx_modification_feature.symmetry                           1_555 
_pdbx_modification_feature.modified_residue_auth_comp_id      . 
_pdbx_modification_feature.modified_residue_auth_asym_id      . 
_pdbx_modification_feature.modified_residue_auth_seq_id       . 
_pdbx_modification_feature.modified_residue_PDB_ins_code      . 
_pdbx_modification_feature.modified_residue_symmetry          . 
_pdbx_modification_feature.comp_id_linking_atom               . 
_pdbx_modification_feature.modified_residue_id_linking_atom   . 
_pdbx_modification_feature.modified_residue_id                TYR 
_pdbx_modification_feature.ref_pcm_id                         1 
_pdbx_modification_feature.ref_comp_id                        PTR 
_pdbx_modification_feature.type                               Phosphorylation 
_pdbx_modification_feature.category                           'Named protein modification' 
# 
_struct_sheet.id               A 
_struct_sheet.type             ? 
_struct_sheet.number_strands   5 
_struct_sheet.details          ? 
# 
loop_
_struct_sheet_order.sheet_id 
_struct_sheet_order.range_id_1 
_struct_sheet_order.range_id_2 
_struct_sheet_order.offset 
_struct_sheet_order.sense 
A 1 2 ? anti-parallel 
A 2 3 ? anti-parallel 
A 3 4 ? anti-parallel 
A 4 5 ? parallel      
# 
loop_
_struct_sheet_range.sheet_id 
_struct_sheet_range.id 
_struct_sheet_range.beg_label_comp_id 
_struct_sheet_range.beg_label_asym_id 
_struct_sheet_range.beg_label_seq_id 
_struct_sheet_range.pdbx_beg_PDB_ins_code 
_struct_sheet_range.end_label_comp_id 
_struct_sheet_range.end_label_asym_id 
_struct_sheet_range.end_label_seq_id 
_struct_sheet_range.pdbx_end_PDB_ins_code 
_struct_sheet_range.beg_auth_comp_id 
_struct_sheet_range.beg_auth_asym_id 
_struct_sheet_range.beg_auth_seq_id 
_struct_sheet_range.end_auth_comp_id 
_struct_sheet_range.end_auth_asym_id 
_struct_sheet_range.end_auth_seq_id 
A 1 TYR A 61 ? ASP A 62 ? TYR A 63  ASP A 64  
A 2 ALA A 48 ? ASN A 56 ? ALA A 50  ASN A 58  
A 3 PHE A 39 ? ARG A 45 ? PHE A 41  ARG A 47  
A 4 SER A 26 ? PRO A 31 ? SER A 28  PRO A 33  
A 5 TYR A 98 ? PRO A 99 ? TYR A 100 PRO A 101 
# 
loop_
_pdbx_struct_sheet_hbond.sheet_id 
_pdbx_struct_sheet_hbond.range_id_1 
_pdbx_struct_sheet_hbond.range_id_2 
_pdbx_struct_sheet_hbond.range_1_label_atom_id 
_pdbx_struct_sheet_hbond.range_1_label_comp_id 
_pdbx_struct_sheet_hbond.range_1_label_asym_id 
_pdbx_struct_sheet_hbond.range_1_label_seq_id 
_pdbx_struct_sheet_hbond.range_1_PDB_ins_code 
_pdbx_struct_sheet_hbond.range_1_auth_atom_id 
_pdbx_struct_sheet_hbond.range_1_auth_comp_id 
_pdbx_struct_sheet_hbond.range_1_auth_asym_id 
_pdbx_struct_sheet_hbond.range_1_auth_seq_id 
_pdbx_struct_sheet_hbond.range_2_label_atom_id 
_pdbx_struct_sheet_hbond.range_2_label_comp_id 
_pdbx_struct_sheet_hbond.range_2_label_asym_id 
_pdbx_struct_sheet_hbond.range_2_label_seq_id 
_pdbx_struct_sheet_hbond.range_2_PDB_ins_code 
_pdbx_struct_sheet_hbond.range_2_auth_atom_id 
_pdbx_struct_sheet_hbond.range_2_auth_comp_id 
_pdbx_struct_sheet_hbond.range_2_auth_asym_id 
_pdbx_struct_sheet_hbond.range_2_auth_seq_id 
A 1 2 O ASP A 62 ? O ASP A 64 N GLN A 55 ? N GLN A 57  
A 2 3 N ILE A 54 ? N ILE A 56 O PHE A 39 ? O PHE A 41  
A 3 4 N ARG A 44 ? N ARG A 46 O SER A 26 ? O SER A 28  
A 4 5 N PHE A 27 ? N PHE A 29 O TYR A 98 ? O TYR A 100 
# 
_pdbx_entry_details.entry_id                   1AYC 
_pdbx_entry_details.compound_details           ? 
_pdbx_entry_details.source_details             ? 
_pdbx_entry_details.nonpolymer_details         ? 
_pdbx_entry_details.sequence_details           ? 
_pdbx_entry_details.has_ligand_of_interest     ? 
_pdbx_entry_details.has_protein_modification   Y 
# 
loop_
_pdbx_validate_rmsd_bond.id 
_pdbx_validate_rmsd_bond.PDB_model_num 
_pdbx_validate_rmsd_bond.auth_atom_id_1 
_pdbx_validate_rmsd_bond.auth_asym_id_1 
_pdbx_validate_rmsd_bond.auth_comp_id_1 
_pdbx_validate_rmsd_bond.auth_seq_id_1 
_pdbx_validate_rmsd_bond.PDB_ins_code_1 
_pdbx_validate_rmsd_bond.label_alt_id_1 
_pdbx_validate_rmsd_bond.auth_atom_id_2 
_pdbx_validate_rmsd_bond.auth_asym_id_2 
_pdbx_validate_rmsd_bond.auth_comp_id_2 
_pdbx_validate_rmsd_bond.auth_seq_id_2 
_pdbx_validate_rmsd_bond.PDB_ins_code_2 
_pdbx_validate_rmsd_bond.label_alt_id_2 
_pdbx_validate_rmsd_bond.bond_value 
_pdbx_validate_rmsd_bond.bond_target_value 
_pdbx_validate_rmsd_bond.bond_deviation 
_pdbx_validate_rmsd_bond.bond_standard_deviation 
_pdbx_validate_rmsd_bond.linker_flag 
1 1 NE2 A HIS 84 ? ? CD2 A HIS 84 ? ? 1.303 1.373 -0.070 0.011 N 
2 1 NE2 A HIS 85 ? ? CD2 A HIS 85 ? ? 1.307 1.373 -0.066 0.011 N 
# 
loop_
_pdbx_validate_rmsd_angle.id 
_pdbx_validate_rmsd_angle.PDB_model_num 
_pdbx_validate_rmsd_angle.auth_atom_id_1 
_pdbx_validate_rmsd_angle.auth_asym_id_1 
_pdbx_validate_rmsd_angle.auth_comp_id_1 
_pdbx_validate_rmsd_angle.auth_seq_id_1 
_pdbx_validate_rmsd_angle.PDB_ins_code_1 
_pdbx_validate_rmsd_angle.label_alt_id_1 
_pdbx_validate_rmsd_angle.auth_atom_id_2 
_pdbx_validate_rmsd_angle.auth_asym_id_2 
_pdbx_validate_rmsd_angle.auth_comp_id_2 
_pdbx_validate_rmsd_angle.auth_seq_id_2 
_pdbx_validate_rmsd_angle.PDB_ins_code_2 
_pdbx_validate_rmsd_angle.label_alt_id_2 
_pdbx_validate_rmsd_angle.auth_atom_id_3 
_pdbx_validate_rmsd_angle.auth_asym_id_3 
_pdbx_validate_rmsd_angle.auth_comp_id_3 
_pdbx_validate_rmsd_angle.auth_seq_id_3 
_pdbx_validate_rmsd_angle.PDB_ins_code_3 
_pdbx_validate_rmsd_angle.label_alt_id_3 
_pdbx_validate_rmsd_angle.angle_value 
_pdbx_validate_rmsd_angle.angle_target_value 
_pdbx_validate_rmsd_angle.angle_deviation 
_pdbx_validate_rmsd_angle.angle_standard_deviation 
_pdbx_validate_rmsd_angle.linker_flag 
1 1 CD1 A TRP 6  ? ? CG  A TRP 6  ? ? CD2 A TRP 6  ? ? 112.15 106.30 5.85  0.80 N 
2 1 CE2 A TRP 6  ? ? CD2 A TRP 6  ? ? CG  A TRP 6  ? ? 101.32 107.30 -5.98 0.80 N 
3 1 NE  A ARG 46 ? ? CZ  A ARG 46 ? ? NH1 A ARG 46 ? ? 123.74 120.30 3.44  0.50 N 
4 1 NE  A ARG 47 ? ? CZ  A ARG 47 ? ? NH1 A ARG 47 ? ? 123.51 120.30 3.21  0.50 N 
5 1 NE  A ARG 47 ? ? CZ  A ARG 47 ? ? NH2 A ARG 47 ? ? 116.86 120.30 -3.44 0.50 N 
# 
loop_
_pdbx_validate_torsion.id 
_pdbx_validate_torsion.PDB_model_num 
_pdbx_validate_torsion.auth_comp_id 
_pdbx_validate_torsion.auth_asym_id 
_pdbx_validate_torsion.auth_seq_id 
_pdbx_validate_torsion.PDB_ins_code 
_pdbx_validate_torsion.label_alt_id 
_pdbx_validate_torsion.phi 
_pdbx_validate_torsion.psi 
1 1 ASN A 48 ? ? 37.65  60.45  
2 1 LEU A 65 ? ? -99.55 50.93  
3 1 LYS A 91 ? ? 53.32  -71.44 
# 
_pdbx_struct_mod_residue.id               1 
_pdbx_struct_mod_residue.label_asym_id    B 
_pdbx_struct_mod_residue.label_comp_id    PTR 
_pdbx_struct_mod_residue.label_seq_id     4 
_pdbx_struct_mod_residue.auth_asym_id     P 
_pdbx_struct_mod_residue.auth_comp_id     PTR 
_pdbx_struct_mod_residue.auth_seq_id      0 
_pdbx_struct_mod_residue.PDB_ins_code     ? 
_pdbx_struct_mod_residue.parent_comp_id   TYR 
_pdbx_struct_mod_residue.details          O-PHOSPHOTYROSINE 
# 
loop_
_pdbx_unobs_or_zero_occ_residues.id 
_pdbx_unobs_or_zero_occ_residues.PDB_model_num 
_pdbx_unobs_or_zero_occ_residues.polymer_flag 
_pdbx_unobs_or_zero_occ_residues.occupancy_flag 
_pdbx_unobs_or_zero_occ_residues.auth_asym_id 
_pdbx_unobs_or_zero_occ_residues.auth_comp_id 
_pdbx_unobs_or_zero_occ_residues.auth_seq_id 
_pdbx_unobs_or_zero_occ_residues.PDB_ins_code 
_pdbx_unobs_or_zero_occ_residues.label_asym_id 
_pdbx_unobs_or_zero_occ_residues.label_comp_id 
_pdbx_unobs_or_zero_occ_residues.label_seq_id 
1 1 Y 1 A MET 3  ? A MET 1  
2 1 Y 1 P ASP -3 ? B ASP 1  
3 1 Y 1 P LYS 5  ? B LYS 9  
4 1 Y 1 P GLY 6  ? B GLY 10 
5 1 Y 1 P SER 7  ? B SER 11 
# 
loop_
_chem_comp_atom.comp_id 
_chem_comp_atom.atom_id 
_chem_comp_atom.type_symbol 
_chem_comp_atom.pdbx_aromatic_flag 
_chem_comp_atom.pdbx_stereo_config 
_chem_comp_atom.pdbx_ordinal 
ALA N    N N N 1   
ALA CA   C N S 2   
ALA C    C N N 3   
ALA O    O N N 4   
ALA CB   C N N 5   
ALA OXT  O N N 6   
ALA H    H N N 7   
ALA H2   H N N 8   
ALA HA   H N N 9   
ALA HB1  H N N 10  
ALA HB2  H N N 11  
ALA HB3  H N N 12  
ALA HXT  H N N 13  
ARG N    N N N 14  
ARG CA   C N S 15  
ARG C    C N N 16  
ARG O    O N N 17  
ARG CB   C N N 18  
ARG CG   C N N 19  
ARG CD   C N N 20  
ARG NE   N N N 21  
ARG CZ   C N N 22  
ARG NH1  N N N 23  
ARG NH2  N N N 24  
ARG OXT  O N N 25  
ARG H    H N N 26  
ARG H2   H N N 27  
ARG HA   H N N 28  
ARG HB2  H N N 29  
ARG HB3  H N N 30  
ARG HG2  H N N 31  
ARG HG3  H N N 32  
ARG HD2  H N N 33  
ARG HD3  H N N 34  
ARG HE   H N N 35  
ARG HH11 H N N 36  
ARG HH12 H N N 37  
ARG HH21 H N N 38  
ARG HH22 H N N 39  
ARG HXT  H N N 40  
ASN N    N N N 41  
ASN CA   C N S 42  
ASN C    C N N 43  
ASN O    O N N 44  
ASN CB   C N N 45  
ASN CG   C N N 46  
ASN OD1  O N N 47  
ASN ND2  N N N 48  
ASN OXT  O N N 49  
ASN H    H N N 50  
ASN H2   H N N 51  
ASN HA   H N N 52  
ASN HB2  H N N 53  
ASN HB3  H N N 54  
ASN HD21 H N N 55  
ASN HD22 H N N 56  
ASN HXT  H N N 57  
ASP N    N N N 58  
ASP CA   C N S 59  
ASP C    C N N 60  
ASP O    O N N 61  
ASP CB   C N N 62  
ASP CG   C N N 63  
ASP OD1  O N N 64  
ASP OD2  O N N 65  
ASP OXT  O N N 66  
ASP H    H N N 67  
ASP H2   H N N 68  
ASP HA   H N N 69  
ASP HB2  H N N 70  
ASP HB3  H N N 71  
ASP HD2  H N N 72  
ASP HXT  H N N 73  
GLN N    N N N 74  
GLN CA   C N S 75  
GLN C    C N N 76  
GLN O    O N N 77  
GLN CB   C N N 78  
GLN CG   C N N 79  
GLN CD   C N N 80  
GLN OE1  O N N 81  
GLN NE2  N N N 82  
GLN OXT  O N N 83  
GLN H    H N N 84  
GLN H2   H N N 85  
GLN HA   H N N 86  
GLN HB2  H N N 87  
GLN HB3  H N N 88  
GLN HG2  H N N 89  
GLN HG3  H N N 90  
GLN HE21 H N N 91  
GLN HE22 H N N 92  
GLN HXT  H N N 93  
GLU N    N N N 94  
GLU CA   C N S 95  
GLU C    C N N 96  
GLU O    O N N 97  
GLU CB   C N N 98  
GLU CG   C N N 99  
GLU CD   C N N 100 
GLU OE1  O N N 101 
GLU OE2  O N N 102 
GLU OXT  O N N 103 
GLU H    H N N 104 
GLU H2   H N N 105 
GLU HA   H N N 106 
GLU HB2  H N N 107 
GLU HB3  H N N 108 
GLU HG2  H N N 109 
GLU HG3  H N N 110 
GLU HE2  H N N 111 
GLU HXT  H N N 112 
GLY N    N N N 113 
GLY CA   C N N 114 
GLY C    C N N 115 
GLY O    O N N 116 
GLY OXT  O N N 117 
GLY H    H N N 118 
GLY H2   H N N 119 
GLY HA2  H N N 120 
GLY HA3  H N N 121 
GLY HXT  H N N 122 
HIS N    N N N 123 
HIS CA   C N S 124 
HIS C    C N N 125 
HIS O    O N N 126 
HIS CB   C N N 127 
HIS CG   C Y N 128 
HIS ND1  N Y N 129 
HIS CD2  C Y N 130 
HIS CE1  C Y N 131 
HIS NE2  N Y N 132 
HIS OXT  O N N 133 
HIS H    H N N 134 
HIS H2   H N N 135 
HIS HA   H N N 136 
HIS HB2  H N N 137 
HIS HB3  H N N 138 
HIS HD1  H N N 139 
HIS HD2  H N N 140 
HIS HE1  H N N 141 
HIS HE2  H N N 142 
HIS HXT  H N N 143 
HOH O    O N N 144 
HOH H1   H N N 145 
HOH H2   H N N 146 
ILE N    N N N 147 
ILE CA   C N S 148 
ILE C    C N N 149 
ILE O    O N N 150 
ILE CB   C N S 151 
ILE CG1  C N N 152 
ILE CG2  C N N 153 
ILE CD1  C N N 154 
ILE OXT  O N N 155 
ILE H    H N N 156 
ILE H2   H N N 157 
ILE HA   H N N 158 
ILE HB   H N N 159 
ILE HG12 H N N 160 
ILE HG13 H N N 161 
ILE HG21 H N N 162 
ILE HG22 H N N 163 
ILE HG23 H N N 164 
ILE HD11 H N N 165 
ILE HD12 H N N 166 
ILE HD13 H N N 167 
ILE HXT  H N N 168 
LEU N    N N N 169 
LEU CA   C N S 170 
LEU C    C N N 171 
LEU O    O N N 172 
LEU CB   C N N 173 
LEU CG   C N N 174 
LEU CD1  C N N 175 
LEU CD2  C N N 176 
LEU OXT  O N N 177 
LEU H    H N N 178 
LEU H2   H N N 179 
LEU HA   H N N 180 
LEU HB2  H N N 181 
LEU HB3  H N N 182 
LEU HG   H N N 183 
LEU HD11 H N N 184 
LEU HD12 H N N 185 
LEU HD13 H N N 186 
LEU HD21 H N N 187 
LEU HD22 H N N 188 
LEU HD23 H N N 189 
LEU HXT  H N N 190 
LYS N    N N N 191 
LYS CA   C N S 192 
LYS C    C N N 193 
LYS O    O N N 194 
LYS CB   C N N 195 
LYS CG   C N N 196 
LYS CD   C N N 197 
LYS CE   C N N 198 
LYS NZ   N N N 199 
LYS OXT  O N N 200 
LYS H    H N N 201 
LYS H2   H N N 202 
LYS HA   H N N 203 
LYS HB2  H N N 204 
LYS HB3  H N N 205 
LYS HG2  H N N 206 
LYS HG3  H N N 207 
LYS HD2  H N N 208 
LYS HD3  H N N 209 
LYS HE2  H N N 210 
LYS HE3  H N N 211 
LYS HZ1  H N N 212 
LYS HZ2  H N N 213 
LYS HZ3  H N N 214 
LYS HXT  H N N 215 
MET N    N N N 216 
MET CA   C N S 217 
MET C    C N N 218 
MET O    O N N 219 
MET CB   C N N 220 
MET CG   C N N 221 
MET SD   S N N 222 
MET CE   C N N 223 
MET OXT  O N N 224 
MET H    H N N 225 
MET H2   H N N 226 
MET HA   H N N 227 
MET HB2  H N N 228 
MET HB3  H N N 229 
MET HG2  H N N 230 
MET HG3  H N N 231 
MET HE1  H N N 232 
MET HE2  H N N 233 
MET HE3  H N N 234 
MET HXT  H N N 235 
PHE N    N N N 236 
PHE CA   C N S 237 
PHE C    C N N 238 
PHE O    O N N 239 
PHE CB   C N N 240 
PHE CG   C Y N 241 
PHE CD1  C Y N 242 
PHE CD2  C Y N 243 
PHE CE1  C Y N 244 
PHE CE2  C Y N 245 
PHE CZ   C Y N 246 
PHE OXT  O N N 247 
PHE H    H N N 248 
PHE H2   H N N 249 
PHE HA   H N N 250 
PHE HB2  H N N 251 
PHE HB3  H N N 252 
PHE HD1  H N N 253 
PHE HD2  H N N 254 
PHE HE1  H N N 255 
PHE HE2  H N N 256 
PHE HZ   H N N 257 
PHE HXT  H N N 258 
PRO N    N N N 259 
PRO CA   C N S 260 
PRO C    C N N 261 
PRO O    O N N 262 
PRO CB   C N N 263 
PRO CG   C N N 264 
PRO CD   C N N 265 
PRO OXT  O N N 266 
PRO H    H N N 267 
PRO HA   H N N 268 
PRO HB2  H N N 269 
PRO HB3  H N N 270 
PRO HG2  H N N 271 
PRO HG3  H N N 272 
PRO HD2  H N N 273 
PRO HD3  H N N 274 
PRO HXT  H N N 275 
PTR N    N N N 276 
PTR CA   C N S 277 
PTR C    C N N 278 
PTR O    O N N 279 
PTR OXT  O N N 280 
PTR CB   C N N 281 
PTR CG   C Y N 282 
PTR CD1  C Y N 283 
PTR CD2  C Y N 284 
PTR CE1  C Y N 285 
PTR CE2  C Y N 286 
PTR CZ   C Y N 287 
PTR OH   O N N 288 
PTR P    P N N 289 
PTR O1P  O N N 290 
PTR O2P  O N N 291 
PTR O3P  O N N 292 
PTR H    H N N 293 
PTR H2   H N N 294 
PTR HA   H N N 295 
PTR HXT  H N N 296 
PTR HB2  H N N 297 
PTR HB3  H N N 298 
PTR HD1  H N N 299 
PTR HD2  H N N 300 
PTR HE1  H N N 301 
PTR HE2  H N N 302 
PTR HO2P H N N 303 
PTR HO3P H N N 304 
SER N    N N N 305 
SER CA   C N S 306 
SER C    C N N 307 
SER O    O N N 308 
SER CB   C N N 309 
SER OG   O N N 310 
SER OXT  O N N 311 
SER H    H N N 312 
SER H2   H N N 313 
SER HA   H N N 314 
SER HB2  H N N 315 
SER HB3  H N N 316 
SER HG   H N N 317 
SER HXT  H N N 318 
THR N    N N N 319 
THR CA   C N S 320 
THR C    C N N 321 
THR O    O N N 322 
THR CB   C N R 323 
THR OG1  O N N 324 
THR CG2  C N N 325 
THR OXT  O N N 326 
THR H    H N N 327 
THR H2   H N N 328 
THR HA   H N N 329 
THR HB   H N N 330 
THR HG1  H N N 331 
THR HG21 H N N 332 
THR HG22 H N N 333 
THR HG23 H N N 334 
THR HXT  H N N 335 
TRP N    N N N 336 
TRP CA   C N S 337 
TRP C    C N N 338 
TRP O    O N N 339 
TRP CB   C N N 340 
TRP CG   C Y N 341 
TRP CD1  C Y N 342 
TRP CD2  C Y N 343 
TRP NE1  N Y N 344 
TRP CE2  C Y N 345 
TRP CE3  C Y N 346 
TRP CZ2  C Y N 347 
TRP CZ3  C Y N 348 
TRP CH2  C Y N 349 
TRP OXT  O N N 350 
TRP H    H N N 351 
TRP H2   H N N 352 
TRP HA   H N N 353 
TRP HB2  H N N 354 
TRP HB3  H N N 355 
TRP HD1  H N N 356 
TRP HE1  H N N 357 
TRP HE3  H N N 358 
TRP HZ2  H N N 359 
TRP HZ3  H N N 360 
TRP HH2  H N N 361 
TRP HXT  H N N 362 
TYR N    N N N 363 
TYR CA   C N S 364 
TYR C    C N N 365 
TYR O    O N N 366 
TYR CB   C N N 367 
TYR CG   C Y N 368 
TYR CD1  C Y N 369 
TYR CD2  C Y N 370 
TYR CE1  C Y N 371 
TYR CE2  C Y N 372 
TYR CZ   C Y N 373 
TYR OH   O N N 374 
TYR OXT  O N N 375 
TYR H    H N N 376 
TYR H2   H N N 377 
TYR HA   H N N 378 
TYR HB2  H N N 379 
TYR HB3  H N N 380 
TYR HD1  H N N 381 
TYR HD2  H N N 382 
TYR HE1  H N N 383 
TYR HE2  H N N 384 
TYR HH   H N N 385 
TYR HXT  H N N 386 
VAL N    N N N 387 
VAL CA   C N S 388 
VAL C    C N N 389 
VAL O    O N N 390 
VAL CB   C N N 391 
VAL CG1  C N N 392 
VAL CG2  C N N 393 
VAL OXT  O N N 394 
VAL H    H N N 395 
VAL H2   H N N 396 
VAL HA   H N N 397 
VAL HB   H N N 398 
VAL HG11 H N N 399 
VAL HG12 H N N 400 
VAL HG13 H N N 401 
VAL HG21 H N N 402 
VAL HG22 H N N 403 
VAL HG23 H N N 404 
VAL HXT  H N N 405 
# 
loop_
_chem_comp_bond.comp_id 
_chem_comp_bond.atom_id_1 
_chem_comp_bond.atom_id_2 
_chem_comp_bond.value_order 
_chem_comp_bond.pdbx_aromatic_flag 
_chem_comp_bond.pdbx_stereo_config 
_chem_comp_bond.pdbx_ordinal 
ALA N   CA   sing N N 1   
ALA N   H    sing N N 2   
ALA N   H2   sing N N 3   
ALA CA  C    sing N N 4   
ALA CA  CB   sing N N 5   
ALA CA  HA   sing N N 6   
ALA C   O    doub N N 7   
ALA C   OXT  sing N N 8   
ALA CB  HB1  sing N N 9   
ALA CB  HB2  sing N N 10  
ALA CB  HB3  sing N N 11  
ALA OXT HXT  sing N N 12  
ARG N   CA   sing N N 13  
ARG N   H    sing N N 14  
ARG N   H2   sing N N 15  
ARG CA  C    sing N N 16  
ARG CA  CB   sing N N 17  
ARG CA  HA   sing N N 18  
ARG C   O    doub N N 19  
ARG C   OXT  sing N N 20  
ARG CB  CG   sing N N 21  
ARG CB  HB2  sing N N 22  
ARG CB  HB3  sing N N 23  
ARG CG  CD   sing N N 24  
ARG CG  HG2  sing N N 25  
ARG CG  HG3  sing N N 26  
ARG CD  NE   sing N N 27  
ARG CD  HD2  sing N N 28  
ARG CD  HD3  sing N N 29  
ARG NE  CZ   sing N N 30  
ARG NE  HE   sing N N 31  
ARG CZ  NH1  sing N N 32  
ARG CZ  NH2  doub N N 33  
ARG NH1 HH11 sing N N 34  
ARG NH1 HH12 sing N N 35  
ARG NH2 HH21 sing N N 36  
ARG NH2 HH22 sing N N 37  
ARG OXT HXT  sing N N 38  
ASN N   CA   sing N N 39  
ASN N   H    sing N N 40  
ASN N   H2   sing N N 41  
ASN CA  C    sing N N 42  
ASN CA  CB   sing N N 43  
ASN CA  HA   sing N N 44  
ASN C   O    doub N N 45  
ASN C   OXT  sing N N 46  
ASN CB  CG   sing N N 47  
ASN CB  HB2  sing N N 48  
ASN CB  HB3  sing N N 49  
ASN CG  OD1  doub N N 50  
ASN CG  ND2  sing N N 51  
ASN ND2 HD21 sing N N 52  
ASN ND2 HD22 sing N N 53  
ASN OXT HXT  sing N N 54  
ASP N   CA   sing N N 55  
ASP N   H    sing N N 56  
ASP N   H2   sing N N 57  
ASP CA  C    sing N N 58  
ASP CA  CB   sing N N 59  
ASP CA  HA   sing N N 60  
ASP C   O    doub N N 61  
ASP C   OXT  sing N N 62  
ASP CB  CG   sing N N 63  
ASP CB  HB2  sing N N 64  
ASP CB  HB3  sing N N 65  
ASP CG  OD1  doub N N 66  
ASP CG  OD2  sing N N 67  
ASP OD2 HD2  sing N N 68  
ASP OXT HXT  sing N N 69  
GLN N   CA   sing N N 70  
GLN N   H    sing N N 71  
GLN N   H2   sing N N 72  
GLN CA  C    sing N N 73  
GLN CA  CB   sing N N 74  
GLN CA  HA   sing N N 75  
GLN C   O    doub N N 76  
GLN C   OXT  sing N N 77  
GLN CB  CG   sing N N 78  
GLN CB  HB2  sing N N 79  
GLN CB  HB3  sing N N 80  
GLN CG  CD   sing N N 81  
GLN CG  HG2  sing N N 82  
GLN CG  HG3  sing N N 83  
GLN CD  OE1  doub N N 84  
GLN CD  NE2  sing N N 85  
GLN NE2 HE21 sing N N 86  
GLN NE2 HE22 sing N N 87  
GLN OXT HXT  sing N N 88  
GLU N   CA   sing N N 89  
GLU N   H    sing N N 90  
GLU N   H2   sing N N 91  
GLU CA  C    sing N N 92  
GLU CA  CB   sing N N 93  
GLU CA  HA   sing N N 94  
GLU C   O    doub N N 95  
GLU C   OXT  sing N N 96  
GLU CB  CG   sing N N 97  
GLU CB  HB2  sing N N 98  
GLU CB  HB3  sing N N 99  
GLU CG  CD   sing N N 100 
GLU CG  HG2  sing N N 101 
GLU CG  HG3  sing N N 102 
GLU CD  OE1  doub N N 103 
GLU CD  OE2  sing N N 104 
GLU OE2 HE2  sing N N 105 
GLU OXT HXT  sing N N 106 
GLY N   CA   sing N N 107 
GLY N   H    sing N N 108 
GLY N   H2   sing N N 109 
GLY CA  C    sing N N 110 
GLY CA  HA2  sing N N 111 
GLY CA  HA3  sing N N 112 
GLY C   O    doub N N 113 
GLY C   OXT  sing N N 114 
GLY OXT HXT  sing N N 115 
HIS N   CA   sing N N 116 
HIS N   H    sing N N 117 
HIS N   H2   sing N N 118 
HIS CA  C    sing N N 119 
HIS CA  CB   sing N N 120 
HIS CA  HA   sing N N 121 
HIS C   O    doub N N 122 
HIS C   OXT  sing N N 123 
HIS CB  CG   sing N N 124 
HIS CB  HB2  sing N N 125 
HIS CB  HB3  sing N N 126 
HIS CG  ND1  sing Y N 127 
HIS CG  CD2  doub Y N 128 
HIS ND1 CE1  doub Y N 129 
HIS ND1 HD1  sing N N 130 
HIS CD2 NE2  sing Y N 131 
HIS CD2 HD2  sing N N 132 
HIS CE1 NE2  sing Y N 133 
HIS CE1 HE1  sing N N 134 
HIS NE2 HE2  sing N N 135 
HIS OXT HXT  sing N N 136 
HOH O   H1   sing N N 137 
HOH O   H2   sing N N 138 
ILE N   CA   sing N N 139 
ILE N   H    sing N N 140 
ILE N   H2   sing N N 141 
ILE CA  C    sing N N 142 
ILE CA  CB   sing N N 143 
ILE CA  HA   sing N N 144 
ILE C   O    doub N N 145 
ILE C   OXT  sing N N 146 
ILE CB  CG1  sing N N 147 
ILE CB  CG2  sing N N 148 
ILE CB  HB   sing N N 149 
ILE CG1 CD1  sing N N 150 
ILE CG1 HG12 sing N N 151 
ILE CG1 HG13 sing N N 152 
ILE CG2 HG21 sing N N 153 
ILE CG2 HG22 sing N N 154 
ILE CG2 HG23 sing N N 155 
ILE CD1 HD11 sing N N 156 
ILE CD1 HD12 sing N N 157 
ILE CD1 HD13 sing N N 158 
ILE OXT HXT  sing N N 159 
LEU N   CA   sing N N 160 
LEU N   H    sing N N 161 
LEU N   H2   sing N N 162 
LEU CA  C    sing N N 163 
LEU CA  CB   sing N N 164 
LEU CA  HA   sing N N 165 
LEU C   O    doub N N 166 
LEU C   OXT  sing N N 167 
LEU CB  CG   sing N N 168 
LEU CB  HB2  sing N N 169 
LEU CB  HB3  sing N N 170 
LEU CG  CD1  sing N N 171 
LEU CG  CD2  sing N N 172 
LEU CG  HG   sing N N 173 
LEU CD1 HD11 sing N N 174 
LEU CD1 HD12 sing N N 175 
LEU CD1 HD13 sing N N 176 
LEU CD2 HD21 sing N N 177 
LEU CD2 HD22 sing N N 178 
LEU CD2 HD23 sing N N 179 
LEU OXT HXT  sing N N 180 
LYS N   CA   sing N N 181 
LYS N   H    sing N N 182 
LYS N   H2   sing N N 183 
LYS CA  C    sing N N 184 
LYS CA  CB   sing N N 185 
LYS CA  HA   sing N N 186 
LYS C   O    doub N N 187 
LYS C   OXT  sing N N 188 
LYS CB  CG   sing N N 189 
LYS CB  HB2  sing N N 190 
LYS CB  HB3  sing N N 191 
LYS CG  CD   sing N N 192 
LYS CG  HG2  sing N N 193 
LYS CG  HG3  sing N N 194 
LYS CD  CE   sing N N 195 
LYS CD  HD2  sing N N 196 
LYS CD  HD3  sing N N 197 
LYS CE  NZ   sing N N 198 
LYS CE  HE2  sing N N 199 
LYS CE  HE3  sing N N 200 
LYS NZ  HZ1  sing N N 201 
LYS NZ  HZ2  sing N N 202 
LYS NZ  HZ3  sing N N 203 
LYS OXT HXT  sing N N 204 
MET N   CA   sing N N 205 
MET N   H    sing N N 206 
MET N   H2   sing N N 207 
MET CA  C    sing N N 208 
MET CA  CB   sing N N 209 
MET CA  HA   sing N N 210 
MET C   O    doub N N 211 
MET C   OXT  sing N N 212 
MET CB  CG   sing N N 213 
MET CB  HB2  sing N N 214 
MET CB  HB3  sing N N 215 
MET CG  SD   sing N N 216 
MET CG  HG2  sing N N 217 
MET CG  HG3  sing N N 218 
MET SD  CE   sing N N 219 
MET CE  HE1  sing N N 220 
MET CE  HE2  sing N N 221 
MET CE  HE3  sing N N 222 
MET OXT HXT  sing N N 223 
PHE N   CA   sing N N 224 
PHE N   H    sing N N 225 
PHE N   H2   sing N N 226 
PHE CA  C    sing N N 227 
PHE CA  CB   sing N N 228 
PHE CA  HA   sing N N 229 
PHE C   O    doub N N 230 
PHE C   OXT  sing N N 231 
PHE CB  CG   sing N N 232 
PHE CB  HB2  sing N N 233 
PHE CB  HB3  sing N N 234 
PHE CG  CD1  doub Y N 235 
PHE CG  CD2  sing Y N 236 
PHE CD1 CE1  sing Y N 237 
PHE CD1 HD1  sing N N 238 
PHE CD2 CE2  doub Y N 239 
PHE CD2 HD2  sing N N 240 
PHE CE1 CZ   doub Y N 241 
PHE CE1 HE1  sing N N 242 
PHE CE2 CZ   sing Y N 243 
PHE CE2 HE2  sing N N 244 
PHE CZ  HZ   sing N N 245 
PHE OXT HXT  sing N N 246 
PRO N   CA   sing N N 247 
PRO N   CD   sing N N 248 
PRO N   H    sing N N 249 
PRO CA  C    sing N N 250 
PRO CA  CB   sing N N 251 
PRO CA  HA   sing N N 252 
PRO C   O    doub N N 253 
PRO C   OXT  sing N N 254 
PRO CB  CG   sing N N 255 
PRO CB  HB2  sing N N 256 
PRO CB  HB3  sing N N 257 
PRO CG  CD   sing N N 258 
PRO CG  HG2  sing N N 259 
PRO CG  HG3  sing N N 260 
PRO CD  HD2  sing N N 261 
PRO CD  HD3  sing N N 262 
PRO OXT HXT  sing N N 263 
PTR N   CA   sing N N 264 
PTR N   H    sing N N 265 
PTR N   H2   sing N N 266 
PTR CA  C    sing N N 267 
PTR CA  CB   sing N N 268 
PTR CA  HA   sing N N 269 
PTR C   O    doub N N 270 
PTR C   OXT  sing N N 271 
PTR OXT HXT  sing N N 272 
PTR CB  CG   sing N N 273 
PTR CB  HB2  sing N N 274 
PTR CB  HB3  sing N N 275 
PTR CG  CD1  doub Y N 276 
PTR CG  CD2  sing Y N 277 
PTR CD1 CE1  sing Y N 278 
PTR CD1 HD1  sing N N 279 
PTR CD2 CE2  doub Y N 280 
PTR CD2 HD2  sing N N 281 
PTR CE1 CZ   doub Y N 282 
PTR CE1 HE1  sing N N 283 
PTR CE2 CZ   sing Y N 284 
PTR CE2 HE2  sing N N 285 
PTR CZ  OH   sing N N 286 
PTR OH  P    sing N N 287 
PTR P   O1P  doub N N 288 
PTR P   O2P  sing N N 289 
PTR P   O3P  sing N N 290 
PTR O2P HO2P sing N N 291 
PTR O3P HO3P sing N N 292 
SER N   CA   sing N N 293 
SER N   H    sing N N 294 
SER N   H2   sing N N 295 
SER CA  C    sing N N 296 
SER CA  CB   sing N N 297 
SER CA  HA   sing N N 298 
SER C   O    doub N N 299 
SER C   OXT  sing N N 300 
SER CB  OG   sing N N 301 
SER CB  HB2  sing N N 302 
SER CB  HB3  sing N N 303 
SER OG  HG   sing N N 304 
SER OXT HXT  sing N N 305 
THR N   CA   sing N N 306 
THR N   H    sing N N 307 
THR N   H2   sing N N 308 
THR CA  C    sing N N 309 
THR CA  CB   sing N N 310 
THR CA  HA   sing N N 311 
THR C   O    doub N N 312 
THR C   OXT  sing N N 313 
THR CB  OG1  sing N N 314 
THR CB  CG2  sing N N 315 
THR CB  HB   sing N N 316 
THR OG1 HG1  sing N N 317 
THR CG2 HG21 sing N N 318 
THR CG2 HG22 sing N N 319 
THR CG2 HG23 sing N N 320 
THR OXT HXT  sing N N 321 
TRP N   CA   sing N N 322 
TRP N   H    sing N N 323 
TRP N   H2   sing N N 324 
TRP CA  C    sing N N 325 
TRP CA  CB   sing N N 326 
TRP CA  HA   sing N N 327 
TRP C   O    doub N N 328 
TRP C   OXT  sing N N 329 
TRP CB  CG   sing N N 330 
TRP CB  HB2  sing N N 331 
TRP CB  HB3  sing N N 332 
TRP CG  CD1  doub Y N 333 
TRP CG  CD2  sing Y N 334 
TRP CD1 NE1  sing Y N 335 
TRP CD1 HD1  sing N N 336 
TRP CD2 CE2  doub Y N 337 
TRP CD2 CE3  sing Y N 338 
TRP NE1 CE2  sing Y N 339 
TRP NE1 HE1  sing N N 340 
TRP CE2 CZ2  sing Y N 341 
TRP CE3 CZ3  doub Y N 342 
TRP CE3 HE3  sing N N 343 
TRP CZ2 CH2  doub Y N 344 
TRP CZ2 HZ2  sing N N 345 
TRP CZ3 CH2  sing Y N 346 
TRP CZ3 HZ3  sing N N 347 
TRP CH2 HH2  sing N N 348 
TRP OXT HXT  sing N N 349 
TYR N   CA   sing N N 350 
TYR N   H    sing N N 351 
TYR N   H2   sing N N 352 
TYR CA  C    sing N N 353 
TYR CA  CB   sing N N 354 
TYR CA  HA   sing N N 355 
TYR C   O    doub N N 356 
TYR C   OXT  sing N N 357 
TYR CB  CG   sing N N 358 
TYR CB  HB2  sing N N 359 
TYR CB  HB3  sing N N 360 
TYR CG  CD1  doub Y N 361 
TYR CG  CD2  sing Y N 362 
TYR CD1 CE1  sing Y N 363 
TYR CD1 HD1  sing N N 364 
TYR CD2 CE2  doub Y N 365 
TYR CD2 HD2  sing N N 366 
TYR CE1 CZ   doub Y N 367 
TYR CE1 HE1  sing N N 368 
TYR CE2 CZ   sing Y N 369 
TYR CE2 HE2  sing N N 370 
TYR CZ  OH   sing N N 371 
TYR OH  HH   sing N N 372 
TYR OXT HXT  sing N N 373 
VAL N   CA   sing N N 374 
VAL N   H    sing N N 375 
VAL N   H2   sing N N 376 
VAL CA  C    sing N N 377 
VAL CA  CB   sing N N 378 
VAL CA  HA   sing N N 379 
VAL C   O    doub N N 380 
VAL C   OXT  sing N N 381 
VAL CB  CG1  sing N N 382 
VAL CB  CG2  sing N N 383 
VAL CB  HB   sing N N 384 
VAL CG1 HG11 sing N N 385 
VAL CG1 HG12 sing N N 386 
VAL CG1 HG13 sing N N 387 
VAL CG2 HG21 sing N N 388 
VAL CG2 HG22 sing N N 389 
VAL CG2 HG23 sing N N 390 
VAL OXT HXT  sing N N 391 
# 
_atom_sites.entry_id                    1AYC 
_atom_sites.fract_transf_matrix[1][1]   0.01003110 
_atom_sites.fract_transf_matrix[1][2]   0.00231400 
_atom_sites.fract_transf_matrix[1][3]   -0.01234878 
_atom_sites.fract_transf_matrix[2][1]   0.00877042 
_atom_sites.fract_transf_matrix[2][2]   -0.01260431 
_atom_sites.fract_transf_matrix[2][3]   0.00476247 
_atom_sites.fract_transf_matrix[3][1]   -0.00749073 
_atom_sites.fract_transf_matrix[3][2]   -0.00808373 
_atom_sites.fract_transf_matrix[3][3]   -0.00759961 
_atom_sites.fract_transf_vector[1]      0.290363 
_atom_sites.fract_transf_vector[2]      0.165351 
_atom_sites.fract_transf_vector[3]      0.294021 
# 
loop_
_atom_type.symbol 
C 
N 
O 
P 
S 
# 
loop_
_atom_site.group_PDB 
_atom_site.id 
_atom_site.type_symbol 
_atom_site.label_atom_id 
_atom_site.label_alt_id 
_atom_site.label_comp_id 
_atom_site.label_asym_id 
_atom_site.label_entity_id 
_atom_site.label_seq_id 
_atom_site.pdbx_PDB_ins_code 
_atom_site.Cartn_x 
_atom_site.Cartn_y 
_atom_site.Cartn_z 
_atom_site.occupancy 
_atom_site.B_iso_or_equiv 
_atom_site.pdbx_formal_charge 
_atom_site.auth_seq_id 
_atom_site.auth_comp_id 
_atom_site.auth_asym_id 
_atom_site.auth_atom_id 
_atom_site.pdbx_PDB_model_num 
ATOM   1   N N   . ARG A 1 2   ? -3.839  -0.268  -14.105 1.00 62.30  ? 4   ARG A N   1 
ATOM   2   C CA  . ARG A 1 2   ? -4.584  0.116   -12.921 1.00 66.45  ? 4   ARG A CA  1 
ATOM   3   C C   . ARG A 1 2   ? -4.064  1.506   -12.573 1.00 62.90  ? 4   ARG A C   1 
ATOM   4   O O   . ARG A 1 2   ? -2.843  1.680   -12.506 1.00 63.28  ? 4   ARG A O   1 
ATOM   5   C CB  . ARG A 1 2   ? -4.308  -0.861  -11.775 1.00 57.04  ? 4   ARG A CB  1 
ATOM   6   N N   . ARG A 1 3   ? -4.973  2.475   -12.371 1.00 58.07  ? 5   ARG A N   1 
ATOM   7   C CA  . ARG A 1 3   ? -4.615  3.881   -12.173 1.00 55.75  ? 5   ARG A CA  1 
ATOM   8   C C   . ARG A 1 3   ? -4.011  4.273   -10.817 1.00 54.76  ? 5   ARG A C   1 
ATOM   9   O O   . ARG A 1 3   ? -3.416  5.333   -10.681 1.00 49.18  ? 5   ARG A O   1 
ATOM   10  C CB  . ARG A 1 3   ? -5.860  4.705   -12.454 1.00 56.01  ? 5   ARG A CB  1 
ATOM   11  N N   . TRP A 1 4   ? -4.157  3.427   -9.793  1.00 49.53  ? 6   TRP A N   1 
ATOM   12  C CA  . TRP A 1 4   ? -3.548  3.636   -8.483  1.00 35.29  ? 6   TRP A CA  1 
ATOM   13  C C   . TRP A 1 4   ? -2.094  3.218   -8.497  1.00 28.61  ? 6   TRP A C   1 
ATOM   14  O O   . TRP A 1 4   ? -1.410  3.308   -7.466  1.00 19.23  ? 6   TRP A O   1 
ATOM   15  C CB  . TRP A 1 4   ? -4.295  2.817   -7.389  1.00 29.61  ? 6   TRP A CB  1 
ATOM   16  C CG  . TRP A 1 4   ? -4.655  1.369   -7.768  1.00 42.13  ? 6   TRP A CG  1 
ATOM   17  C CD1 . TRP A 1 4   ? -5.934  1.043   -8.146  1.00 37.26  ? 6   TRP A CD1 1 
ATOM   18  C CD2 . TRP A 1 4   ? -3.797  0.283   -7.835  1.00 37.54  ? 6   TRP A CD2 1 
ATOM   19  N NE1 . TRP A 1 4   ? -5.895  -0.229  -8.461  1.00 37.46  ? 6   TRP A NE1 1 
ATOM   20  C CE2 . TRP A 1 4   ? -4.655  -0.715  -8.295  1.00 34.53  ? 6   TRP A CE2 1 
ATOM   21  C CE3 . TRP A 1 4   ? -2.452  -0.008  -7.584  1.00 32.20  ? 6   TRP A CE3 1 
ATOM   22  C CZ2 . TRP A 1 4   ? -4.172  -1.997  -8.516  1.00 34.88  ? 6   TRP A CZ2 1 
ATOM   23  C CZ3 . TRP A 1 4   ? -1.969  -1.293  -7.804  1.00 26.97  ? 6   TRP A CZ3 1 
ATOM   24  C CH2 . TRP A 1 4   ? -2.823  -2.278  -8.269  1.00 30.80  ? 6   TRP A CH2 1 
ATOM   25  N N   . PHE A 1 5   ? -1.638  2.675   -9.633  1.00 33.67  ? 7   PHE A N   1 
ATOM   26  C CA  . PHE A 1 5   ? -0.302  2.130   -9.745  1.00 30.61  ? 7   PHE A CA  1 
ATOM   27  C C   . PHE A 1 5   ? 0.482   3.278   -10.269 1.00 27.31  ? 7   PHE A C   1 
ATOM   28  O O   . PHE A 1 5   ? 0.195   3.716   -11.373 1.00 31.74  ? 7   PHE A O   1 
ATOM   29  C CB  . PHE A 1 5   ? -0.200  0.958   -10.755 1.00 33.64  ? 7   PHE A CB  1 
ATOM   30  C CG  . PHE A 1 5   ? 1.232   0.410   -10.814 1.00 28.45  ? 7   PHE A CG  1 
ATOM   31  C CD1 . PHE A 1 5   ? 1.781   -0.233  -9.708  1.00 33.03  ? 7   PHE A CD1 1 
ATOM   32  C CD2 . PHE A 1 5   ? 2.013   0.609   -11.948 1.00 30.21  ? 7   PHE A CD2 1 
ATOM   33  C CE1 . PHE A 1 5   ? 3.104   -0.658  -9.733  1.00 38.07  ? 7   PHE A CE1 1 
ATOM   34  C CE2 . PHE A 1 5   ? 3.333   0.180   -11.969 1.00 31.80  ? 7   PHE A CE2 1 
ATOM   35  C CZ  . PHE A 1 5   ? 3.884   -0.452  -10.863 1.00 37.37  ? 7   PHE A CZ  1 
ATOM   36  N N   . HIS A 1 6   ? 1.454   3.718   -9.486  1.00 35.41  ? 8   HIS A N   1 
ATOM   37  C CA  . HIS A 1 6   ? 2.331   4.827   -9.818  1.00 39.08  ? 8   HIS A CA  1 
ATOM   38  C C   . HIS A 1 6   ? 3.753   4.331   -10.050 1.00 39.88  ? 8   HIS A C   1 
ATOM   39  O O   . HIS A 1 6   ? 4.466   3.933   -9.119  1.00 41.73  ? 8   HIS A O   1 
ATOM   40  C CB  . HIS A 1 6   ? 2.270   5.839   -8.675  1.00 35.79  ? 8   HIS A CB  1 
ATOM   41  C CG  . HIS A 1 6   ? 0.993   6.659   -8.753  1.00 29.20  ? 8   HIS A CG  1 
ATOM   42  N ND1 . HIS A 1 6   ? 0.814   7.748   -9.473  1.00 33.77  ? 8   HIS A ND1 1 
ATOM   43  C CD2 . HIS A 1 6   ? -0.191  6.395   -8.115  1.00 32.59  ? 8   HIS A CD2 1 
ATOM   44  C CE1 . HIS A 1 6   ? -0.425  8.152   -9.300  1.00 33.36  ? 8   HIS A CE1 1 
ATOM   45  N NE2 . HIS A 1 6   ? -1.028  7.336   -8.480  1.00 26.24  ? 8   HIS A NE2 1 
ATOM   46  N N   . PRO A 1 7   ? 4.199   4.296   -11.308 1.00 48.77  ? 9   PRO A N   1 
ATOM   47  C CA  . PRO A 1 7   ? 5.307   3.474   -11.787 1.00 53.24  ? 9   PRO A CA  1 
ATOM   48  C C   . PRO A 1 7   ? 6.692   3.970   -11.420 1.00 66.02  ? 9   PRO A C   1 
ATOM   49  O O   . PRO A 1 7   ? 7.611   3.210   -11.099 1.00 65.80  ? 9   PRO A O   1 
ATOM   50  C CB  . PRO A 1 7   ? 5.144   3.430   -13.274 1.00 41.62  ? 9   PRO A CB  1 
ATOM   51  C CG  . PRO A 1 7   ? 3.813   4.074   -13.550 1.00 46.86  ? 9   PRO A CG  1 
ATOM   52  C CD  . PRO A 1 7   ? 3.656   5.058   -12.419 1.00 49.36  ? 9   PRO A CD  1 
ATOM   53  N N   . ASN A 1 8   ? 6.800   5.291   -11.531 1.00 76.63  ? 10  ASN A N   1 
ATOM   54  C CA  . ASN A 1 8   ? 8.048   6.017   -11.411 1.00 80.19  ? 10  ASN A CA  1 
ATOM   55  C C   . ASN A 1 8   ? 7.818   7.123   -10.396 1.00 74.27  ? 10  ASN A C   1 
ATOM   56  O O   . ASN A 1 8   ? 7.858   8.308   -10.711 1.00 74.35  ? 10  ASN A O   1 
ATOM   57  C CB  . ASN A 1 8   ? 8.404   6.572   -12.806 1.00 87.82  ? 10  ASN A CB  1 
ATOM   58  C CG  . ASN A 1 8   ? 7.229   7.325   -13.453 1.00 96.97  ? 10  ASN A CG  1 
ATOM   59  O OD1 . ASN A 1 8   ? 6.347   6.727   -14.077 1.00 97.76  ? 10  ASN A OD1 1 
ATOM   60  N ND2 . ASN A 1 8   ? 7.084   8.629   -13.277 1.00 102.22 ? 10  ASN A ND2 1 
ATOM   61  N N   . ILE A 1 9   ? 7.570   6.767   -9.142  1.00 72.02  ? 11  ILE A N   1 
ATOM   62  C CA  . ILE A 1 9   ? 7.308   7.733   -8.094  1.00 65.52  ? 11  ILE A CA  1 
ATOM   63  C C   . ILE A 1 9   ? 8.076   7.270   -6.850  1.00 61.90  ? 11  ILE A C   1 
ATOM   64  O O   . ILE A 1 9   ? 8.303   6.088   -6.579  1.00 51.94  ? 11  ILE A O   1 
ATOM   65  C CB  . ILE A 1 9   ? 5.728   7.807   -7.956  1.00 62.06  ? 11  ILE A CB  1 
ATOM   66  C CG1 . ILE A 1 9   ? 5.300   9.016   -8.783  1.00 63.53  ? 11  ILE A CG1 1 
ATOM   67  C CG2 . ILE A 1 9   ? 5.209   7.939   -6.534  1.00 58.18  ? 11  ILE A CG2 1 
ATOM   68  C CD1 . ILE A 1 9   ? 3.795   9.359   -8.858  1.00 67.43  ? 11  ILE A CD1 1 
ATOM   69  N N   . THR A 1 10  ? 8.598   8.286   -6.182  1.00 61.58  ? 12  THR A N   1 
ATOM   70  C CA  . THR A 1 10  ? 9.356   8.156   -4.950  1.00 62.17  ? 12  THR A CA  1 
ATOM   71  C C   . THR A 1 10  ? 8.383   8.121   -3.790  1.00 59.91  ? 12  THR A C   1 
ATOM   72  O O   . THR A 1 10  ? 7.332   8.751   -3.896  1.00 69.46  ? 12  THR A O   1 
ATOM   73  C CB  . THR A 1 10  ? 10.257  9.371   -4.742  1.00 58.87  ? 12  THR A CB  1 
ATOM   74  O OG1 . THR A 1 10  ? 10.609  9.873   -6.028  1.00 61.09  ? 12  THR A OG1 1 
ATOM   75  C CG2 . THR A 1 10  ? 11.467  9.022   -3.895  1.00 64.23  ? 12  THR A CG2 1 
ATOM   76  N N   . GLY A 1 11  ? 8.724   7.531   -2.646  1.00 60.99  ? 13  GLY A N   1 
ATOM   77  C CA  . GLY A 1 11  ? 7.927   7.646   -1.422  1.00 62.45  ? 13  GLY A CA  1 
ATOM   78  C C   . GLY A 1 11  ? 7.673   9.114   -1.091  1.00 58.01  ? 13  GLY A C   1 
ATOM   79  O O   . GLY A 1 11  ? 6.595   9.501   -0.666  1.00 64.30  ? 13  GLY A O   1 
ATOM   80  N N   . VAL A 1 12  ? 8.631   9.986   -1.378  1.00 62.06  ? 14  VAL A N   1 
ATOM   81  C CA  . VAL A 1 12  ? 8.467   11.428  -1.220  1.00 66.33  ? 14  VAL A CA  1 
ATOM   82  C C   . VAL A 1 12  ? 7.350   11.922  -2.149  1.00 63.90  ? 14  VAL A C   1 
ATOM   83  O O   . VAL A 1 12  ? 6.466   12.640  -1.676  1.00 73.06  ? 14  VAL A O   1 
ATOM   84  C CB  . VAL A 1 12  ? 9.840   12.149  -1.534  1.00 67.83  ? 14  VAL A CB  1 
ATOM   85  C CG1 . VAL A 1 12  ? 9.720   13.670  -1.456  1.00 61.65  ? 14  VAL A CG1 1 
ATOM   86  C CG2 . VAL A 1 12  ? 10.878  11.719  -0.501  1.00 66.19  ? 14  VAL A CG2 1 
ATOM   87  N N   . GLU A 1 13  ? 7.292   11.566  -3.441  1.00 53.74  ? 15  GLU A N   1 
ATOM   88  C CA  . GLU A 1 13  ? 6.246   12.080  -4.303  1.00 50.51  ? 15  GLU A CA  1 
ATOM   89  C C   . GLU A 1 13  ? 4.938   11.368  -4.008  1.00 49.25  ? 15  GLU A C   1 
ATOM   90  O O   . GLU A 1 13  ? 3.868   11.874  -4.343  1.00 53.44  ? 15  GLU A O   1 
ATOM   91  C CB  . GLU A 1 13  ? 6.601   11.884  -5.769  1.00 63.18  ? 15  GLU A CB  1 
ATOM   92  C CG  . GLU A 1 13  ? 6.301   13.126  -6.682  1.00 77.26  ? 15  GLU A CG  1 
ATOM   93  C CD  . GLU A 1 13  ? 4.873   13.532  -7.140  1.00 68.92  ? 15  GLU A CD  1 
ATOM   94  O OE1 . GLU A 1 13  ? 4.103   12.687  -7.598  1.00 60.14  ? 15  GLU A OE1 1 
ATOM   95  O OE2 . GLU A 1 13  ? 4.551   14.723  -7.093  1.00 64.72  ? 15  GLU A OE2 1 
ATOM   96  N N   . ALA A 1 14  ? 4.978   10.213  -3.346  1.00 43.50  ? 16  ALA A N   1 
ATOM   97  C CA  . ALA A 1 14  ? 3.775   9.495   -2.999  1.00 35.80  ? 16  ALA A CA  1 
ATOM   98  C C   . ALA A 1 14  ? 3.137   10.265  -1.874  1.00 33.41  ? 16  ALA A C   1 
ATOM   99  O O   . ALA A 1 14  ? 1.954   10.586  -1.929  1.00 36.79  ? 16  ALA A O   1 
ATOM   100 C CB  . ALA A 1 14  ? 4.136   8.099   -2.563  1.00 30.29  ? 16  ALA A CB  1 
ATOM   101 N N   . GLU A 1 15  ? 3.927   10.672  -0.893  1.00 43.91  ? 17  GLU A N   1 
ATOM   102 C CA  . GLU A 1 15  ? 3.486   11.538  0.201   1.00 44.64  ? 17  GLU A CA  1 
ATOM   103 C C   . GLU A 1 15  ? 3.027   12.920  -0.304  1.00 44.28  ? 17  GLU A C   1 
ATOM   104 O O   . GLU A 1 15  ? 2.055   13.494  0.189   1.00 42.82  ? 17  GLU A O   1 
ATOM   105 C CB  . GLU A 1 15  ? 4.645   11.654  1.175   1.00 41.77  ? 17  GLU A CB  1 
ATOM   106 C CG  . GLU A 1 15  ? 4.908   10.311  1.849   1.00 53.64  ? 17  GLU A CG  1 
ATOM   107 C CD  . GLU A 1 15  ? 6.149   10.253  2.731   1.00 59.98  ? 17  GLU A CD  1 
ATOM   108 O OE1 . GLU A 1 15  ? 7.236   10.504  2.218   1.00 68.66  ? 17  GLU A OE1 1 
ATOM   109 O OE2 . GLU A 1 15  ? 6.035   9.929   3.920   1.00 64.50  ? 17  GLU A OE2 1 
ATOM   110 N N   . ASN A 1 16  ? 3.666   13.468  -1.346  1.00 50.60  ? 18  ASN A N   1 
ATOM   111 C CA  . ASN A 1 16  ? 3.280   14.725  -2.000  1.00 47.81  ? 18  ASN A CA  1 
ATOM   112 C C   . ASN A 1 16  ? 1.857   14.611  -2.513  1.00 45.67  ? 18  ASN A C   1 
ATOM   113 O O   . ASN A 1 16  ? 0.981   15.376  -2.132  1.00 46.24  ? 18  ASN A O   1 
ATOM   114 C CB  . ASN A 1 16  ? 4.200   15.019  -3.191  1.00 56.20  ? 18  ASN A CB  1 
ATOM   115 C CG  . ASN A 1 16  ? 3.972   16.342  -3.909  1.00 66.25  ? 18  ASN A CG  1 
ATOM   116 O OD1 . ASN A 1 16  ? 2.983   16.584  -4.624  1.00 68.10  ? 18  ASN A OD1 1 
ATOM   117 N ND2 . ASN A 1 16  ? 4.937   17.241  -3.774  1.00 72.88  ? 18  ASN A ND2 1 
ATOM   118 N N   . LEU A 1 17  ? 1.620   13.610  -3.354  1.00 49.09  ? 19  LEU A N   1 
ATOM   119 C CA  . LEU A 1 17  ? 0.334   13.329  -3.940  1.00 39.54  ? 19  LEU A CA  1 
ATOM   120 C C   . LEU A 1 17  ? -0.718  13.019  -2.901  1.00 31.02  ? 19  LEU A C   1 
ATOM   121 O O   . LEU A 1 17  ? -1.770  13.650  -2.854  1.00 32.18  ? 19  LEU A O   1 
ATOM   122 C CB  . LEU A 1 17  ? 0.451   12.146  -4.888  1.00 44.17  ? 19  LEU A CB  1 
ATOM   123 C CG  . LEU A 1 17  ? 1.070   12.366  -6.260  1.00 44.69  ? 19  LEU A CG  1 
ATOM   124 C CD1 . LEU A 1 17  ? 1.139   11.070  -7.066  1.00 35.18  ? 19  LEU A CD1 1 
ATOM   125 C CD2 . LEU A 1 17  ? 0.203   13.355  -7.003  1.00 41.58  ? 19  LEU A CD2 1 
ATOM   126 N N   . LEU A 1 18  ? -0.490  12.085  -2.013  1.00 25.91  ? 20  LEU A N   1 
ATOM   127 C CA  . LEU A 1 18  ? -1.499  11.778  -1.027  1.00 38.89  ? 20  LEU A CA  1 
ATOM   128 C C   . LEU A 1 18  ? -1.864  12.910  -0.060  1.00 41.24  ? 20  LEU A C   1 
ATOM   129 O O   . LEU A 1 18  ? -2.992  12.897  0.451   1.00 37.02  ? 20  LEU A O   1 
ATOM   130 C CB  . LEU A 1 18  ? -1.051  10.568  -0.242  1.00 27.88  ? 20  LEU A CB  1 
ATOM   131 C CG  . LEU A 1 18  ? -1.077  9.288   -0.986  1.00 21.40  ? 20  LEU A CG  1 
ATOM   132 C CD1 . LEU A 1 18  ? -0.388  8.276   -0.115  1.00 26.13  ? 20  LEU A CD1 1 
ATOM   133 C CD2 . LEU A 1 18  ? -2.484  8.856   -1.282  1.00 18.88  ? 20  LEU A CD2 1 
ATOM   134 N N   . LEU A 1 19  ? -0.970  13.888  0.207   1.00 43.70  ? 21  LEU A N   1 
ATOM   135 C CA  . LEU A 1 19  ? -1.271  14.972  1.133   1.00 37.47  ? 21  LEU A CA  1 
ATOM   136 C C   . LEU A 1 19  ? -1.915  16.182  0.479   1.00 38.39  ? 21  LEU A C   1 
ATOM   137 O O   . LEU A 1 19  ? -2.672  16.907  1.137   1.00 41.52  ? 21  LEU A O   1 
ATOM   138 C CB  . LEU A 1 19  ? -0.002  15.373  1.848   1.00 24.80  ? 21  LEU A CB  1 
ATOM   139 C CG  . LEU A 1 19  ? 0.543   14.266  2.769   1.00 30.71  ? 21  LEU A CG  1 
ATOM   140 C CD1 . LEU A 1 19  ? 1.907   14.683  3.286   1.00 34.18  ? 21  LEU A CD1 1 
ATOM   141 C CD2 . LEU A 1 19  ? -0.405  14.000  3.914   1.00 18.60  ? 21  LEU A CD2 1 
ATOM   142 N N   . THR A 1 20  ? -1.671  16.375  -0.823  1.00 41.41  ? 22  THR A N   1 
ATOM   143 C CA  . THR A 1 20  ? -2.261  17.459  -1.591  1.00 40.04  ? 22  THR A CA  1 
ATOM   144 C C   . THR A 1 20  ? -3.478  17.048  -2.418  1.00 44.15  ? 22  THR A C   1 
ATOM   145 O O   . THR A 1 20  ? -4.414  17.840  -2.600  1.00 47.75  ? 22  THR A O   1 
ATOM   146 C CB  . THR A 1 20  ? -1.201  18.066  -2.530  1.00 39.48  ? 22  THR A CB  1 
ATOM   147 O OG1 . THR A 1 20  ? -0.652  17.031  -3.347  1.00 36.57  ? 22  THR A OG1 1 
ATOM   148 C CG2 . THR A 1 20  ? -0.109  18.744  -1.723  1.00 33.27  ? 22  THR A CG2 1 
ATOM   149 N N   . ARG A 1 21  ? -3.454  15.826  -2.964  1.00 38.09  ? 23  ARG A N   1 
ATOM   150 C CA  . ARG A 1 21  ? -4.525  15.301  -3.800  1.00 36.27  ? 23  ARG A CA  1 
ATOM   151 C C   . ARG A 1 21  ? -5.388  14.259  -3.077  1.00 33.14  ? 23  ARG A C   1 
ATOM   152 O O   . ARG A 1 21  ? -6.468  13.892  -3.569  1.00 38.18  ? 23  ARG A O   1 
ATOM   153 C CB  . ARG A 1 21  ? -3.922  14.673  -5.048  1.00 37.91  ? 23  ARG A CB  1 
ATOM   154 C CG  . ARG A 1 21  ? -3.008  15.582  -5.857  1.00 39.88  ? 23  ARG A CG  1 
ATOM   155 C CD  . ARG A 1 21  ? -3.773  16.246  -6.952  1.00 60.50  ? 23  ARG A CD  1 
ATOM   156 N NE  . ARG A 1 21  ? -4.436  15.227  -7.741  1.00 86.23  ? 23  ARG A NE  1 
ATOM   157 C CZ  . ARG A 1 21  ? -5.637  15.418  -8.301  1.00 98.02  ? 23  ARG A CZ  1 
ATOM   158 N NH1 . ARG A 1 21  ? -6.313  16.567  -8.185  1.00 98.80  ? 23  ARG A NH1 1 
ATOM   159 N NH2 . ARG A 1 21  ? -6.194  14.398  -8.954  1.00 105.38 ? 23  ARG A NH2 1 
ATOM   160 N N   . GLY A 1 22  ? -4.986  13.737  -1.920  1.00 26.80  ? 24  GLY A N   1 
ATOM   161 C CA  . GLY A 1 22  ? -5.810  12.749  -1.258  1.00 20.94  ? 24  GLY A CA  1 
ATOM   162 C C   . GLY A 1 22  ? -6.634  13.315  -0.099  1.00 28.60  ? 24  GLY A C   1 
ATOM   163 O O   . GLY A 1 22  ? -6.604  14.485  0.325   1.00 28.54  ? 24  GLY A O   1 
ATOM   164 N N   . VAL A 1 23  ? -7.426  12.350  0.365   1.00 33.57  ? 25  VAL A N   1 
ATOM   165 C CA  . VAL A 1 23  ? -8.246  12.411  1.578   1.00 36.69  ? 25  VAL A CA  1 
ATOM   166 C C   . VAL A 1 23  ? -7.882  11.168  2.418   1.00 38.23  ? 25  VAL A C   1 
ATOM   167 O O   . VAL A 1 23  ? -7.289  10.203  1.892   1.00 44.71  ? 25  VAL A O   1 
ATOM   168 C CB  . VAL A 1 23  ? -9.787  12.373  1.281   1.00 31.47  ? 25  VAL A CB  1 
ATOM   169 C CG1 . VAL A 1 23  ? -10.093 13.620  0.467   1.00 23.38  ? 25  VAL A CG1 1 
ATOM   170 C CG2 . VAL A 1 23  ? -10.249 11.101  0.540   1.00 27.71  ? 25  VAL A CG2 1 
ATOM   171 N N   . ASP A 1 24  ? -8.207  11.077  3.704   1.00 41.65  ? 26  ASP A N   1 
ATOM   172 C CA  . ASP A 1 24  ? -7.867  9.889   4.458   1.00 32.81  ? 26  ASP A CA  1 
ATOM   173 C C   . ASP A 1 24  ? -8.642  8.726   3.918   1.00 31.55  ? 26  ASP A C   1 
ATOM   174 O O   . ASP A 1 24  ? -9.869  8.705   3.731   1.00 29.19  ? 26  ASP A O   1 
ATOM   175 C CB  . ASP A 1 24  ? -8.184  10.066  5.914   1.00 36.19  ? 26  ASP A CB  1 
ATOM   176 C CG  . ASP A 1 24  ? -7.321  11.128  6.570   1.00 46.43  ? 26  ASP A CG  1 
ATOM   177 O OD1 . ASP A 1 24  ? -6.146  11.258  6.220   1.00 52.64  ? 26  ASP A OD1 1 
ATOM   178 O OD2 . ASP A 1 24  ? -7.833  11.828  7.442   1.00 54.55  ? 26  ASP A OD2 1 
ATOM   179 N N   . GLY A 1 25  ? -7.755  7.816   3.566   1.00 29.85  ? 27  GLY A N   1 
ATOM   180 C CA  . GLY A 1 25  ? -8.163  6.563   2.984   1.00 22.79  ? 27  GLY A CA  1 
ATOM   181 C C   . GLY A 1 25  ? -7.670  6.428   1.576   1.00 15.56  ? 27  GLY A C   1 
ATOM   182 O O   . GLY A 1 25  ? -7.985  5.423   0.949   1.00 23.45  ? 27  GLY A O   1 
ATOM   183 N N   . SER A 1 26  ? -6.982  7.419   1.027   1.00 16.41  ? 28  SER A N   1 
ATOM   184 C CA  . SER A 1 26  ? -6.480  7.341   -0.330  1.00 21.28  ? 28  SER A CA  1 
ATOM   185 C C   . SER A 1 26  ? -5.214  6.534   -0.317  1.00 20.00  ? 28  SER A C   1 
ATOM   186 O O   . SER A 1 26  ? -4.502  6.571   0.688   1.00 29.44  ? 28  SER A O   1 
ATOM   187 C CB  . SER A 1 26  ? -6.193  8.738   -0.872  1.00 23.62  ? 28  SER A CB  1 
ATOM   188 O OG  . SER A 1 26  ? -7.371  9.557   -0.867  1.00 29.13  ? 28  SER A OG  1 
ATOM   189 N N   . PHE A 1 27  ? -4.900  5.820   -1.388  1.00 27.73  ? 29  PHE A N   1 
ATOM   190 C CA  . PHE A 1 27  ? -3.692  5.005   -1.440  1.00 25.93  ? 29  PHE A CA  1 
ATOM   191 C C   . PHE A 1 27  ? -3.188  4.891   -2.884  1.00 25.68  ? 29  PHE A C   1 
ATOM   192 O O   . PHE A 1 27  ? -3.884  5.271   -3.833  1.00 24.90  ? 29  PHE A O   1 
ATOM   193 C CB  . PHE A 1 27  ? -3.992  3.602   -0.848  1.00 25.02  ? 29  PHE A CB  1 
ATOM   194 C CG  . PHE A 1 27  ? -4.877  2.751   -1.728  1.00 23.94  ? 29  PHE A CG  1 
ATOM   195 C CD1 . PHE A 1 27  ? -6.256  2.890   -1.648  1.00 17.63  ? 29  PHE A CD1 1 
ATOM   196 C CD2 . PHE A 1 27  ? -4.297  1.896   -2.671  1.00 29.13  ? 29  PHE A CD2 1 
ATOM   197 C CE1 . PHE A 1 27  ? -7.071  2.186   -2.517  1.00 15.61  ? 29  PHE A CE1 1 
ATOM   198 C CE2 . PHE A 1 27  ? -5.110  1.196   -3.540  1.00 18.76  ? 29  PHE A CE2 1 
ATOM   199 C CZ  . PHE A 1 27  ? -6.494  1.343   -3.463  1.00 25.22  ? 29  PHE A CZ  1 
ATOM   200 N N   . LEU A 1 28  ? -1.989  4.361   -3.065  1.00 30.44  ? 30  LEU A N   1 
ATOM   201 C CA  . LEU A 1 28  ? -1.387  4.114   -4.364  1.00 26.00  ? 30  LEU A CA  1 
ATOM   202 C C   . LEU A 1 28  ? -0.381  3.009   -4.133  1.00 22.90  ? 30  LEU A C   1 
ATOM   203 O O   . LEU A 1 28  ? -0.049  2.755   -2.970  1.00 25.81  ? 30  LEU A O   1 
ATOM   204 C CB  . LEU A 1 28  ? -0.680  5.377   -4.894  1.00 23.73  ? 30  LEU A CB  1 
ATOM   205 C CG  . LEU A 1 28  ? 0.403   6.188   -4.185  1.00 25.46  ? 30  LEU A CG  1 
ATOM   206 C CD1 . LEU A 1 28  ? 1.774   5.875   -4.721  1.00 26.68  ? 30  LEU A CD1 1 
ATOM   207 C CD2 . LEU A 1 28  ? 0.256   7.655   -4.564  1.00 24.92  ? 30  LEU A CD2 1 
ATOM   208 N N   . ALA A 1 29  ? 0.027   2.282   -5.174  1.00 28.78  ? 31  ALA A N   1 
ATOM   209 C CA  . ALA A 1 29  ? 1.121   1.315   -5.091  1.00 29.62  ? 31  ALA A CA  1 
ATOM   210 C C   . ALA A 1 29  ? 2.175   1.959   -5.955  1.00 34.50  ? 31  ALA A C   1 
ATOM   211 O O   . ALA A 1 29  ? 1.858   2.593   -6.970  1.00 42.75  ? 31  ALA A O   1 
ATOM   212 C CB  . ALA A 1 29  ? 0.877   -0.047  -5.753  1.00 23.57  ? 31  ALA A CB  1 
ATOM   213 N N   . ARG A 1 30  ? 3.435   1.843   -5.603  1.00 42.90  ? 32  ARG A N   1 
ATOM   214 C CA  . ARG A 1 30  ? 4.553   2.372   -6.394  1.00 50.33  ? 32  ARG A CA  1 
ATOM   215 C C   . ARG A 1 30  ? 5.691   1.327   -6.242  1.00 56.22  ? 32  ARG A C   1 
ATOM   216 O O   . ARG A 1 30  ? 5.502   0.301   -5.555  1.00 56.08  ? 32  ARG A O   1 
ATOM   217 C CB  . ARG A 1 30  ? 4.955   3.796   -5.851  1.00 48.31  ? 32  ARG A CB  1 
ATOM   218 C CG  . ARG A 1 30  ? 4.859   3.940   -4.333  1.00 46.81  ? 32  ARG A CG  1 
ATOM   219 C CD  . ARG A 1 30  ? 5.862   4.861   -3.721  1.00 41.39  ? 32  ARG A CD  1 
ATOM   220 N NE  . ARG A 1 30  ? 5.966   4.514   -2.307  1.00 44.08  ? 32  ARG A NE  1 
ATOM   221 C CZ  . ARG A 1 30  ? 7.126   4.112   -1.769  1.00 46.30  ? 32  ARG A CZ  1 
ATOM   222 N NH1 . ARG A 1 30  ? 8.233   4.001   -2.503  1.00 47.64  ? 32  ARG A NH1 1 
ATOM   223 N NH2 . ARG A 1 30  ? 7.213   3.869   -0.470  1.00 36.83  ? 32  ARG A NH2 1 
ATOM   224 N N   . PRO A 1 31  ? 6.859   1.415   -6.862  1.00 52.11  ? 33  PRO A N   1 
ATOM   225 C CA  . PRO A 1 31  ? 7.931   0.465   -6.649  1.00 49.26  ? 33  PRO A CA  1 
ATOM   226 C C   . PRO A 1 31  ? 8.783   0.762   -5.423  1.00 54.18  ? 33  PRO A C   1 
ATOM   227 O O   . PRO A 1 31  ? 8.897   1.897   -4.955  1.00 54.59  ? 33  PRO A O   1 
ATOM   228 C CB  . PRO A 1 31  ? 8.650   0.531   -7.938  1.00 55.56  ? 33  PRO A CB  1 
ATOM   229 C CG  . PRO A 1 31  ? 8.591   2.015   -8.243  1.00 55.97  ? 33  PRO A CG  1 
ATOM   230 C CD  . PRO A 1 31  ? 7.142   2.307   -7.969  1.00 53.54  ? 33  PRO A CD  1 
ATOM   231 N N   . SER A 1 32  ? 9.420   -0.270  -4.891  1.00 61.96  ? 34  SER A N   1 
ATOM   232 C CA  . SER A 1 32  ? 10.223  -0.169  -3.692  1.00 64.60  ? 34  SER A CA  1 
ATOM   233 C C   . SER A 1 32  ? 11.571  0.446   -4.018  1.00 71.93  ? 34  SER A C   1 
ATOM   234 O O   . SER A 1 32  ? 12.126  0.271   -5.117  1.00 65.24  ? 34  SER A O   1 
ATOM   235 C CB  . SER A 1 32  ? 10.420  -1.544  -3.113  1.00 58.11  ? 34  SER A CB  1 
ATOM   236 O OG  . SER A 1 32  ? 10.239  -1.557  -1.712  1.00 64.17  ? 34  SER A OG  1 
ATOM   237 N N   . LYS A 1 33  ? 12.079  1.173   -3.013  1.00 75.50  ? 35  LYS A N   1 
ATOM   238 C CA  . LYS A 1 33  ? 13.385  1.819   -3.109  1.00 81.94  ? 35  LYS A CA  1 
ATOM   239 C C   . LYS A 1 33  ? 14.447  0.896   -2.533  1.00 82.12  ? 35  LYS A C   1 
ATOM   240 O O   . LYS A 1 33  ? 15.509  0.677   -3.129  1.00 78.18  ? 35  LYS A O   1 
ATOM   241 C CB  . LYS A 1 33  ? 13.440  3.129   -2.315  1.00 83.60  ? 35  LYS A CB  1 
ATOM   242 N N   . SER A 1 34  ? 14.096  0.353   -1.362  1.00 79.79  ? 36  SER A N   1 
ATOM   243 C CA  . SER A 1 34  ? 14.953  -0.560  -0.638  1.00 82.15  ? 36  SER A CA  1 
ATOM   244 C C   . SER A 1 34  ? 15.016  -1.921  -1.305  1.00 84.16  ? 36  SER A C   1 
ATOM   245 O O   . SER A 1 34  ? 16.008  -2.639  -1.191  1.00 89.27  ? 36  SER A O   1 
ATOM   246 C CB  . SER A 1 34  ? 14.426  -0.694  0.786   1.00 76.10  ? 36  SER A CB  1 
ATOM   247 O OG  . SER A 1 34  ? 13.008  -0.701  0.768   1.00 65.85  ? 36  SER A OG  1 
ATOM   248 N N   . ASN A 1 35  ? 13.938  -2.364  -1.953  1.00 88.36  ? 37  ASN A N   1 
ATOM   249 C CA  . ASN A 1 35  ? 13.936  -3.654  -2.623  1.00 87.73  ? 37  ASN A CA  1 
ATOM   250 C C   . ASN A 1 35  ? 13.574  -3.426  -4.077  1.00 85.62  ? 37  ASN A C   1 
ATOM   251 O O   . ASN A 1 35  ? 12.399  -3.523  -4.432  1.00 80.47  ? 37  ASN A O   1 
ATOM   252 C CB  . ASN A 1 35  ? 12.923  -4.564  -1.937  1.00 91.40  ? 37  ASN A CB  1 
ATOM   253 C CG  . ASN A 1 35  ? 13.222  -4.835  -0.463  1.00 98.80  ? 37  ASN A CG  1 
ATOM   254 O OD1 . ASN A 1 35  ? 12.334  -5.215  0.293   1.00 105.60 ? 37  ASN A OD1 1 
ATOM   255 N ND2 . ASN A 1 35  ? 14.423  -4.680  0.094   1.00 101.96 ? 37  ASN A ND2 1 
ATOM   256 N N   . PRO A 1 36  ? 14.525  -3.024  -4.943  1.00 87.72  ? 38  PRO A N   1 
ATOM   257 C CA  . PRO A 1 36  ? 14.284  -2.722  -6.352  1.00 88.45  ? 38  PRO A CA  1 
ATOM   258 C C   . PRO A 1 36  ? 13.632  -3.877  -7.105  1.00 87.35  ? 38  PRO A C   1 
ATOM   259 O O   . PRO A 1 36  ? 14.103  -5.021  -7.061  1.00 94.30  ? 38  PRO A O   1 
ATOM   260 C CB  . PRO A 1 36  ? 15.659  -2.338  -6.882  1.00 86.60  ? 38  PRO A CB  1 
ATOM   261 C CG  . PRO A 1 36  ? 16.318  -1.703  -5.683  1.00 81.18  ? 38  PRO A CG  1 
ATOM   262 C CD  . PRO A 1 36  ? 15.917  -2.712  -4.617  1.00 83.71  ? 38  PRO A CD  1 
ATOM   263 N N   . GLY A 1 37  ? 12.528  -3.590  -7.784  1.00 81.91  ? 39  GLY A N   1 
ATOM   264 C CA  . GLY A 1 37  ? 11.802  -4.607  -8.511  1.00 74.63  ? 39  GLY A CA  1 
ATOM   265 C C   . GLY A 1 37  ? 10.511  -4.986  -7.807  1.00 73.38  ? 39  GLY A C   1 
ATOM   266 O O   . GLY A 1 37  ? 9.681   -5.634  -8.459  1.00 75.91  ? 39  GLY A O   1 
ATOM   267 N N   . ASP A 1 38  ? 10.342  -4.640  -6.515  1.00 66.62  ? 40  ASP A N   1 
ATOM   268 C CA  . ASP A 1 38  ? 9.137   -4.883  -5.709  1.00 53.34  ? 40  ASP A CA  1 
ATOM   269 C C   . ASP A 1 38  ? 8.247   -3.656  -5.570  1.00 44.78  ? 40  ASP A C   1 
ATOM   270 O O   . ASP A 1 38  ? 8.578   -2.606  -6.135  1.00 40.07  ? 40  ASP A O   1 
ATOM   271 C CB  . ASP A 1 38  ? 9.504   -5.321  -4.312  1.00 56.28  ? 40  ASP A CB  1 
ATOM   272 C CG  . ASP A 1 38  ? 9.995   -6.740  -4.152  1.00 55.60  ? 40  ASP A CG  1 
ATOM   273 O OD1 . ASP A 1 38  ? 10.262  -7.418  -5.143  1.00 53.53  ? 40  ASP A OD1 1 
ATOM   274 O OD2 . ASP A 1 38  ? 10.102  -7.158  -2.999  1.00 63.59  ? 40  ASP A OD2 1 
ATOM   275 N N   . PHE A 1 39  ? 7.137   -3.724  -4.819  1.00 45.43  ? 41  PHE A N   1 
ATOM   276 C CA  . PHE A 1 39  ? 6.196   -2.601  -4.670  1.00 45.04  ? 41  PHE A CA  1 
ATOM   277 C C   . PHE A 1 39  ? 5.881   -2.239  -3.243  1.00 40.99  ? 41  PHE A C   1 
ATOM   278 O O   . PHE A 1 39  ? 6.157   -2.984  -2.279  1.00 42.75  ? 41  PHE A O   1 
ATOM   279 C CB  . PHE A 1 39  ? 4.841   -2.864  -5.329  1.00 41.53  ? 41  PHE A CB  1 
ATOM   280 C CG  . PHE A 1 39  ? 5.099   -3.325  -6.721  1.00 35.01  ? 41  PHE A CG  1 
ATOM   281 C CD1 . PHE A 1 39  ? 5.637   -2.433  -7.632  1.00 44.38  ? 41  PHE A CD1 1 
ATOM   282 C CD2 . PHE A 1 39  ? 4.892   -4.660  -7.027  1.00 47.51  ? 41  PHE A CD2 1 
ATOM   283 C CE1 . PHE A 1 39  ? 5.994   -2.894  -8.891  1.00 55.07  ? 41  PHE A CE1 1 
ATOM   284 C CE2 . PHE A 1 39  ? 5.247   -5.119  -8.287  1.00 59.40  ? 41  PHE A CE2 1 
ATOM   285 C CZ  . PHE A 1 39  ? 5.800   -4.237  -9.218  1.00 60.10  ? 41  PHE A CZ  1 
ATOM   286 N N   . THR A 1 40  ? 5.272   -1.059  -3.147  1.00 33.56  ? 42  THR A N   1 
ATOM   287 C CA  . THR A 1 40  ? 4.920   -0.478  -1.873  1.00 36.50  ? 42  THR A CA  1 
ATOM   288 C C   . THR A 1 40  ? 3.609   0.277   -2.025  1.00 26.86  ? 42  THR A C   1 
ATOM   289 O O   . THR A 1 40  ? 3.348   0.931   -3.034  1.00 29.91  ? 42  THR A O   1 
ATOM   290 C CB  . THR A 1 40  ? 6.088   0.443   -1.442  1.00 36.00  ? 42  THR A CB  1 
ATOM   291 O OG1 . THR A 1 40  ? 7.260   -0.376  -1.413  1.00 42.08  ? 42  THR A OG1 1 
ATOM   292 C CG2 . THR A 1 40  ? 5.895   1.056   -0.084  1.00 32.59  ? 42  THR A CG2 1 
ATOM   293 N N   . LEU A 1 41  ? 2.757   0.081   -1.037  1.00 28.86  ? 43  LEU A N   1 
ATOM   294 C CA  . LEU A 1 41  ? 1.478   0.749   -0.894  1.00 33.97  ? 43  LEU A CA  1 
ATOM   295 C C   . LEU A 1 41  ? 1.637   1.991   -0.024  1.00 36.23  ? 43  LEU A C   1 
ATOM   296 O O   . LEU A 1 41  ? 2.002   1.864   1.149   1.00 46.53  ? 43  LEU A O   1 
ATOM   297 C CB  . LEU A 1 41  ? 0.472   -0.153  -0.218  1.00 21.32  ? 43  LEU A CB  1 
ATOM   298 C CG  . LEU A 1 41  ? -0.031  -1.382  -0.891  1.00 22.07  ? 43  LEU A CG  1 
ATOM   299 C CD1 . LEU A 1 41  ? -0.870  -2.174  0.106   1.00 21.62  ? 43  LEU A CD1 1 
ATOM   300 C CD2 . LEU A 1 41  ? -0.833  -0.980  -2.143  1.00 26.88  ? 43  LEU A CD2 1 
ATOM   301 N N   . SER A 1 42  ? 1.393   3.199   -0.505  1.00 30.85  ? 44  SER A N   1 
ATOM   302 C CA  . SER A 1 42  ? 1.483   4.359   0.349   1.00 25.16  ? 44  SER A CA  1 
ATOM   303 C C   . SER A 1 42  ? 0.051   4.731   0.690   1.00 31.57  ? 44  SER A C   1 
ATOM   304 O O   . SER A 1 42  ? -0.655  5.183   -0.204  1.00 33.75  ? 44  SER A O   1 
ATOM   305 C CB  . SER A 1 42  ? 2.192   5.408   -0.436  1.00 25.30  ? 44  SER A CB  1 
ATOM   306 O OG  . SER A 1 42  ? 3.504   4.938   -0.696  1.00 28.19  ? 44  SER A OG  1 
ATOM   307 N N   . VAL A 1 43  ? -0.430  4.480   1.907   1.00 29.61  ? 45  VAL A N   1 
ATOM   308 C CA  . VAL A 1 43  ? -1.820  4.735   2.301   1.00 32.26  ? 45  VAL A CA  1 
ATOM   309 C C   . VAL A 1 43  ? -1.927  6.001   3.135   1.00 38.25  ? 45  VAL A C   1 
ATOM   310 O O   . VAL A 1 43  ? -0.933  6.367   3.762   1.00 46.19  ? 45  VAL A O   1 
ATOM   311 C CB  . VAL A 1 43  ? -2.378  3.547   3.120   1.00 21.79  ? 45  VAL A CB  1 
ATOM   312 C CG1 . VAL A 1 43  ? -3.834  3.754   3.501   1.00 17.53  ? 45  VAL A CG1 1 
ATOM   313 C CG2 . VAL A 1 43  ? -2.294  2.295   2.262   1.00 27.00  ? 45  VAL A CG2 1 
ATOM   314 N N   . ARG A 1 44  ? -3.059  6.709   3.200   1.00 38.94  ? 46  ARG A N   1 
ATOM   315 C CA  . ARG A 1 44  ? -3.171  7.910   4.016   1.00 30.66  ? 46  ARG A CA  1 
ATOM   316 C C   . ARG A 1 44  ? -4.169  7.634   5.096   1.00 31.31  ? 46  ARG A C   1 
ATOM   317 O O   . ARG A 1 44  ? -5.306  7.236   4.825   1.00 33.93  ? 46  ARG A O   1 
ATOM   318 C CB  . ARG A 1 44  ? -3.647  9.105   3.196   1.00 33.21  ? 46  ARG A CB  1 
ATOM   319 C CG  . ARG A 1 44  ? -3.769  10.397  3.982   1.00 31.41  ? 46  ARG A CG  1 
ATOM   320 C CD  . ARG A 1 44  ? -4.004  11.622  3.113   1.00 26.56  ? 46  ARG A CD  1 
ATOM   321 N NE  . ARG A 1 44  ? -4.734  12.553  3.950   1.00 29.98  ? 46  ARG A NE  1 
ATOM   322 C CZ  . ARG A 1 44  ? -5.018  13.819  3.630   1.00 28.26  ? 46  ARG A CZ  1 
ATOM   323 N NH1 . ARG A 1 44  ? -4.638  14.395  2.501   1.00 37.39  ? 46  ARG A NH1 1 
ATOM   324 N NH2 . ARG A 1 44  ? -5.816  14.508  4.447   1.00 35.93  ? 46  ARG A NH2 1 
ATOM   325 N N   . ARG A 1 45  ? -3.736  7.873   6.325   1.00 37.64  ? 47  ARG A N   1 
ATOM   326 C CA  . ARG A 1 45  ? -4.546  7.684   7.516   1.00 39.35  ? 47  ARG A CA  1 
ATOM   327 C C   . ARG A 1 45  ? -4.168  8.843   8.433   1.00 39.52  ? 47  ARG A C   1 
ATOM   328 O O   . ARG A 1 45  ? -3.017  9.282   8.447   1.00 36.51  ? 47  ARG A O   1 
ATOM   329 C CB  . ARG A 1 45  ? -4.205  6.325   8.138   1.00 38.01  ? 47  ARG A CB  1 
ATOM   330 C CG  . ARG A 1 45  ? -5.062  5.899   9.325   1.00 44.85  ? 47  ARG A CG  1 
ATOM   331 C CD  . ARG A 1 45  ? -4.618  4.528   9.827   1.00 59.06  ? 47  ARG A CD  1 
ATOM   332 N NE  . ARG A 1 45  ? -3.186  4.475   10.107  1.00 67.64  ? 47  ARG A NE  1 
ATOM   333 C CZ  . ARG A 1 45  ? -2.609  3.525   10.853  1.00 70.75  ? 47  ARG A CZ  1 
ATOM   334 N NH1 . ARG A 1 45  ? -3.288  2.511   11.418  1.00 67.63  ? 47  ARG A NH1 1 
ATOM   335 N NH2 . ARG A 1 45  ? -1.299  3.634   11.059  1.00 72.08  ? 47  ARG A NH2 1 
ATOM   336 N N   . ASN A 1 46  ? -5.170  9.378   9.143   1.00 46.68  ? 48  ASN A N   1 
ATOM   337 C CA  . ASN A 1 46  ? -5.069  10.485  10.107  1.00 50.69  ? 48  ASN A CA  1 
ATOM   338 C C   . ASN A 1 46  ? -4.080  11.541  9.643   1.00 55.94  ? 48  ASN A C   1 
ATOM   339 O O   . ASN A 1 46  ? -3.010  11.754  10.218  1.00 64.41  ? 48  ASN A O   1 
ATOM   340 C CB  . ASN A 1 46  ? -4.633  9.983   11.501  1.00 60.20  ? 48  ASN A CB  1 
ATOM   341 C CG  . ASN A 1 46  ? -5.471  8.851   12.094  1.00 73.98  ? 48  ASN A CG  1 
ATOM   342 O OD1 . ASN A 1 46  ? -6.707  8.834   12.097  1.00 73.60  ? 48  ASN A OD1 1 
ATOM   343 N ND2 . ASN A 1 46  ? -4.815  7.806   12.587  1.00 80.11  ? 48  ASN A ND2 1 
ATOM   344 N N   . GLY A 1 47  ? -4.391  12.107  8.482   1.00 54.72  ? 49  GLY A N   1 
ATOM   345 C CA  . GLY A 1 47  ? -3.575  13.127  7.855   1.00 47.65  ? 49  GLY A CA  1 
ATOM   346 C C   . GLY A 1 47  ? -2.127  12.782  7.559   1.00 43.45  ? 49  GLY A C   1 
ATOM   347 O O   . GLY A 1 47  ? -1.406  13.690  7.146   1.00 43.97  ? 49  GLY A O   1 
ATOM   348 N N   . ALA A 1 48  ? -1.613  11.571  7.760   1.00 48.83  ? 50  ALA A N   1 
ATOM   349 C CA  . ALA A 1 48  ? -0.245  11.225  7.367   1.00 55.94  ? 50  ALA A CA  1 
ATOM   350 C C   . ALA A 1 48  ? -0.149  9.954   6.521   1.00 52.68  ? 50  ALA A C   1 
ATOM   351 O O   . ALA A 1 48  ? -1.067  9.130   6.460   1.00 51.69  ? 50  ALA A O   1 
ATOM   352 C CB  . ALA A 1 48  ? 0.636   11.017  8.579   1.00 60.95  ? 50  ALA A CB  1 
ATOM   353 N N   . VAL A 1 49  ? 0.981   9.785   5.849   1.00 41.66  ? 51  VAL A N   1 
ATOM   354 C CA  . VAL A 1 49  ? 1.162   8.687   4.927   1.00 41.33  ? 51  VAL A CA  1 
ATOM   355 C C   . VAL A 1 49  ? 1.968   7.549   5.514   1.00 45.78  ? 51  VAL A C   1 
ATOM   356 O O   . VAL A 1 49  ? 2.979   7.753   6.166   1.00 52.89  ? 51  VAL A O   1 
ATOM   357 C CB  . VAL A 1 49  ? 1.830   9.221   3.667   1.00 34.53  ? 51  VAL A CB  1 
ATOM   358 C CG1 . VAL A 1 49  ? 2.004   8.099   2.649   1.00 31.16  ? 51  VAL A CG1 1 
ATOM   359 C CG2 . VAL A 1 49  ? 0.945   10.323  3.070   1.00 27.48  ? 51  VAL A CG2 1 
ATOM   360 N N   . THR A 1 50  ? 1.517   6.332   5.275   1.00 51.21  ? 52  THR A N   1 
ATOM   361 C CA  . THR A 1 50  ? 2.154   5.124   5.759   1.00 50.72  ? 52  THR A CA  1 
ATOM   362 C C   . THR A 1 50  ? 2.563   4.372   4.493   1.00 48.47  ? 52  THR A C   1 
ATOM   363 O O   . THR A 1 50  ? 1.955   4.536   3.426   1.00 48.69  ? 52  THR A O   1 
ATOM   364 C CB  . THR A 1 50  ? 1.143   4.310   6.590   1.00 52.36  ? 52  THR A CB  1 
ATOM   365 O OG1 . THR A 1 50  ? 0.566   5.228   7.528   1.00 57.41  ? 52  THR A OG1 1 
ATOM   366 C CG2 . THR A 1 50  ? 1.776   3.091   7.262   1.00 44.92  ? 52  THR A CG2 1 
ATOM   367 N N   . HIS A 1 51  ? 3.577   3.530   4.559   1.00 44.26  ? 53  HIS A N   1 
ATOM   368 C CA  . HIS A 1 51  ? 4.046   2.820   3.395   1.00 45.03  ? 53  HIS A CA  1 
ATOM   369 C C   . HIS A 1 51  ? 4.070   1.361   3.794   1.00 45.10  ? 53  HIS A C   1 
ATOM   370 O O   . HIS A 1 51  ? 4.586   1.065   4.869   1.00 45.43  ? 53  HIS A O   1 
ATOM   371 C CB  . HIS A 1 51  ? 5.423   3.312   3.053   1.00 47.28  ? 53  HIS A CB  1 
ATOM   372 C CG  . HIS A 1 51  ? 5.489   4.764   2.586   1.00 46.93  ? 53  HIS A CG  1 
ATOM   373 N ND1 . HIS A 1 51  ? 5.093   5.253   1.421   1.00 44.75  ? 53  HIS A ND1 1 
ATOM   374 C CD2 . HIS A 1 51  ? 6.028   5.804   3.294   1.00 40.66  ? 53  HIS A CD2 1 
ATOM   375 C CE1 . HIS A 1 51  ? 5.362   6.531   1.372   1.00 38.93  ? 53  HIS A CE1 1 
ATOM   376 N NE2 . HIS A 1 51  ? 5.921   6.843   2.504   1.00 43.66  ? 53  HIS A NE2 1 
ATOM   377 N N   . ILE A 1 52  ? 3.482   0.452   3.008   1.00 46.65  ? 54  ILE A N   1 
ATOM   378 C CA  . ILE A 1 52  ? 3.417   -0.988  3.262   1.00 45.50  ? 54  ILE A CA  1 
ATOM   379 C C   . ILE A 1 52  ? 4.097   -1.766  2.117   1.00 51.91  ? 54  ILE A C   1 
ATOM   380 O O   . ILE A 1 52  ? 3.746   -1.652  0.938   1.00 54.49  ? 54  ILE A O   1 
ATOM   381 C CB  . ILE A 1 52  ? 1.940   -1.414  3.383   1.00 46.38  ? 54  ILE A CB  1 
ATOM   382 C CG1 . ILE A 1 52  ? 1.253   -0.615  4.473   1.00 42.51  ? 54  ILE A CG1 1 
ATOM   383 C CG2 . ILE A 1 52  ? 1.853   -2.903  3.671   1.00 32.68  ? 54  ILE A CG2 1 
ATOM   384 C CD1 . ILE A 1 52  ? -0.266  -0.692  4.265   1.00 47.34  ? 54  ILE A CD1 1 
ATOM   385 N N   . LYS A 1 53  ? 5.105   -2.568  2.435   1.00 58.59  ? 55  LYS A N   1 
ATOM   386 C CA  . LYS A 1 53  ? 5.839   -3.366  1.464   1.00 51.76  ? 55  LYS A CA  1 
ATOM   387 C C   . LYS A 1 53  ? 4.967   -4.536  1.010   1.00 45.99  ? 55  LYS A C   1 
ATOM   388 O O   . LYS A 1 53  ? 4.279   -5.165  1.830   1.00 34.36  ? 55  LYS A O   1 
ATOM   389 C CB  . LYS A 1 53  ? 7.116   -3.894  2.117   1.00 57.90  ? 55  LYS A CB  1 
ATOM   390 C CG  . LYS A 1 53  ? 8.080   -2.853  2.667   1.00 65.77  ? 55  LYS A CG  1 
ATOM   391 C CD  . LYS A 1 53  ? 8.846   -2.189  1.522   1.00 75.58  ? 55  LYS A CD  1 
ATOM   392 C CE  . LYS A 1 53  ? 10.156  -2.907  1.159   1.00 77.19  ? 55  LYS A CE  1 
ATOM   393 N NZ  . LYS A 1 53  ? 11.221  -2.702  2.131   1.00 76.18  ? 55  LYS A NZ  1 
ATOM   394 N N   . ILE A 1 54  ? 5.012   -4.839  -0.290  1.00 46.32  ? 56  ILE A N   1 
ATOM   395 C CA  . ILE A 1 54  ? 4.256   -5.953  -0.869  1.00 44.28  ? 56  ILE A CA  1 
ATOM   396 C C   . ILE A 1 54  ? 5.291   -7.006  -1.259  1.00 42.84  ? 56  ILE A C   1 
ATOM   397 O O   . ILE A 1 54  ? 6.300   -6.743  -1.932  1.00 37.71  ? 56  ILE A O   1 
ATOM   398 C CB  . ILE A 1 54  ? 3.444   -5.487  -2.131  1.00 36.09  ? 56  ILE A CB  1 
ATOM   399 C CG1 . ILE A 1 54  ? 2.477   -4.383  -1.729  1.00 30.90  ? 56  ILE A CG1 1 
ATOM   400 C CG2 . ILE A 1 54  ? 2.668   -6.652  -2.741  1.00 28.21  ? 56  ILE A CG2 1 
ATOM   401 C CD1 . ILE A 1 54  ? 1.837   -3.715  -2.938  1.00 26.91  ? 56  ILE A CD1 1 
ATOM   402 N N   . GLN A 1 55  ? 5.058   -8.207  -0.756  1.00 35.01  ? 57  GLN A N   1 
ATOM   403 C CA  . GLN A 1 55  ? 5.916   -9.336  -1.048  1.00 35.55  ? 57  GLN A CA  1 
ATOM   404 C C   . GLN A 1 55  ? 5.540   -10.025 -2.343  1.00 29.15  ? 57  GLN A C   1 
ATOM   405 O O   . GLN A 1 55  ? 4.422   -10.531 -2.489  1.00 33.97  ? 57  GLN A O   1 
ATOM   406 C CB  . GLN A 1 55  ? 5.849   -10.342 0.112   1.00 38.18  ? 57  GLN A CB  1 
ATOM   407 C CG  . GLN A 1 55  ? 6.690   -11.569 -0.141  1.00 34.08  ? 57  GLN A CG  1 
ATOM   408 C CD  . GLN A 1 55  ? 7.052   -12.398 1.065   1.00 36.64  ? 57  GLN A CD  1 
ATOM   409 O OE1 . GLN A 1 55  ? 8.236   -12.505 1.358   1.00 44.44  ? 57  GLN A OE1 1 
ATOM   410 N NE2 . GLN A 1 55  ? 6.148   -13.067 1.766   1.00 27.18  ? 57  GLN A NE2 1 
ATOM   411 N N   . ASN A 1 56  ? 6.466   -10.097 -3.276  1.00 29.80  ? 58  ASN A N   1 
ATOM   412 C CA  . ASN A 1 56  ? 6.228   -10.847 -4.491  1.00 30.67  ? 58  ASN A CA  1 
ATOM   413 C C   . ASN A 1 56  ? 7.078   -12.086 -4.306  1.00 35.68  ? 58  ASN A C   1 
ATOM   414 O O   . ASN A 1 56  ? 8.299   -11.915 -4.320  1.00 33.32  ? 58  ASN A O   1 
ATOM   415 C CB  . ASN A 1 56  ? 6.723   -10.107 -5.719  1.00 30.55  ? 58  ASN A CB  1 
ATOM   416 C CG  . ASN A 1 56  ? 6.512   -10.889 -7.001  1.00 37.35  ? 58  ASN A CG  1 
ATOM   417 O OD1 . ASN A 1 56  ? 5.986   -12.004 -7.017  1.00 37.33  ? 58  ASN A OD1 1 
ATOM   418 N ND2 . ASN A 1 56  ? 6.888   -10.329 -8.133  1.00 39.85  ? 58  ASN A ND2 1 
ATOM   419 N N   . THR A 1 57  ? 6.565   -13.307 -4.091  1.00 36.06  ? 59  THR A N   1 
ATOM   420 C CA  . THR A 1 57  ? 7.461   -14.460 -3.971  1.00 32.05  ? 59  THR A CA  1 
ATOM   421 C C   . THR A 1 57  ? 7.718   -15.165 -5.278  1.00 32.50  ? 59  THR A C   1 
ATOM   422 O O   . THR A 1 57  ? 8.469   -16.141 -5.334  1.00 36.60  ? 59  THR A O   1 
ATOM   423 C CB  . THR A 1 57  ? 6.954   -15.565 -3.048  1.00 27.93  ? 59  THR A CB  1 
ATOM   424 O OG1 . THR A 1 57  ? 5.767   -16.141 -3.584  1.00 27.04  ? 59  THR A OG1 1 
ATOM   425 C CG2 . THR A 1 57  ? 6.793   -15.006 -1.676  1.00 20.28  ? 59  THR A CG2 1 
ATOM   426 N N   . GLY A 1 58  ? 6.999   -14.744 -6.310  1.00 28.89  ? 60  GLY A N   1 
ATOM   427 C CA  . GLY A 1 58  ? 7.071   -15.399 -7.585  1.00 28.75  ? 60  GLY A CA  1 
ATOM   428 C C   . GLY A 1 58  ? 6.015   -16.472 -7.619  1.00 30.36  ? 60  GLY A C   1 
ATOM   429 O O   . GLY A 1 58  ? 5.686   -16.971 -8.693  1.00 34.58  ? 60  GLY A O   1 
ATOM   430 N N   . ASP A 1 59  ? 5.495   -16.897 -6.462  1.00 36.44  ? 61  ASP A N   1 
ATOM   431 C CA  . ASP A 1 59  ? 4.396   -17.857 -6.444  1.00 35.65  ? 61  ASP A CA  1 
ATOM   432 C C   . ASP A 1 59  ? 3.066   -17.182 -6.087  1.00 27.61  ? 61  ASP A C   1 
ATOM   433 O O   . ASP A 1 59  ? 2.010   -17.759 -6.339  1.00 26.60  ? 61  ASP A O   1 
ATOM   434 C CB  . ASP A 1 59  ? 4.701   -18.970 -5.429  1.00 41.72  ? 61  ASP A CB  1 
ATOM   435 C CG  . ASP A 1 59  ? 5.700   -20.036 -5.895  1.00 43.01  ? 61  ASP A CG  1 
ATOM   436 O OD1 . ASP A 1 59  ? 6.898   -19.799 -5.859  1.00 36.43  ? 61  ASP A OD1 1 
ATOM   437 O OD2 . ASP A 1 59  ? 5.269   -21.123 -6.279  1.00 52.49  ? 61  ASP A OD2 1 
ATOM   438 N N   . TYR A 1 60  ? 3.129   -15.985 -5.478  1.00 31.94  ? 62  TYR A N   1 
ATOM   439 C CA  . TYR A 1 60  ? 2.007   -15.180 -5.030  1.00 27.44  ? 62  TYR A CA  1 
ATOM   440 C C   . TYR A 1 60  ? 2.530   -13.815 -4.588  1.00 30.66  ? 62  TYR A C   1 
ATOM   441 O O   . TYR A 1 60  ? 3.754   -13.583 -4.496  1.00 23.92  ? 62  TYR A O   1 
ATOM   442 C CB  . TYR A 1 60  ? 1.298   -15.864 -3.842  1.00 29.07  ? 62  TYR A CB  1 
ATOM   443 C CG  . TYR A 1 60  ? 2.158   -16.144 -2.599  1.00 33.89  ? 62  TYR A CG  1 
ATOM   444 C CD1 . TYR A 1 60  ? 2.385   -15.135 -1.651  1.00 28.93  ? 62  TYR A CD1 1 
ATOM   445 C CD2 . TYR A 1 60  ? 2.706   -17.417 -2.388  1.00 38.50  ? 62  TYR A CD2 1 
ATOM   446 C CE1 . TYR A 1 60  ? 3.126   -15.389 -0.508  1.00 30.37  ? 62  TYR A CE1 1 
ATOM   447 C CE2 . TYR A 1 60  ? 3.455   -17.679 -1.239  1.00 30.90  ? 62  TYR A CE2 1 
ATOM   448 C CZ  . TYR A 1 60  ? 3.648   -16.664 -0.313  1.00 28.32  ? 62  TYR A CZ  1 
ATOM   449 O OH  . TYR A 1 60  ? 4.304   -16.927 0.867   1.00 33.89  ? 62  TYR A OH  1 
ATOM   450 N N   . TYR A 1 61  ? 1.553   -12.963 -4.246  1.00 39.53  ? 63  TYR A N   1 
ATOM   451 C CA  . TYR A 1 61  ? 1.741   -11.633 -3.633  1.00 34.43  ? 63  TYR A CA  1 
ATOM   452 C C   . TYR A 1 61  ? 1.045   -11.644 -2.278  1.00 29.99  ? 63  TYR A C   1 
ATOM   453 O O   . TYR A 1 61  ? 0.019   -12.328 -2.134  1.00 27.00  ? 63  TYR A O   1 
ATOM   454 C CB  . TYR A 1 61  ? 1.064   -10.494 -4.358  1.00 31.17  ? 63  TYR A CB  1 
ATOM   455 C CG  . TYR A 1 61  ? 1.716   -10.211 -5.666  1.00 29.74  ? 63  TYR A CG  1 
ATOM   456 C CD1 . TYR A 1 61  ? 1.292   -10.907 -6.781  1.00 25.66  ? 63  TYR A CD1 1 
ATOM   457 C CD2 . TYR A 1 61  ? 2.731   -9.262  -5.730  1.00 28.08  ? 63  TYR A CD2 1 
ATOM   458 C CE1 . TYR A 1 61  ? 1.906   -10.641 -8.001  1.00 33.02  ? 63  TYR A CE1 1 
ATOM   459 C CE2 . TYR A 1 61  ? 3.341   -8.997  -6.944  1.00 27.35  ? 63  TYR A CE2 1 
ATOM   460 C CZ  . TYR A 1 61  ? 2.923   -9.689  -8.077  1.00 29.61  ? 63  TYR A CZ  1 
ATOM   461 O OH  . TYR A 1 61  ? 3.489   -9.400  -9.308  1.00 33.69  ? 63  TYR A OH  1 
ATOM   462 N N   . ASP A 1 62  ? 1.594   -10.942 -1.291  1.00 24.89  ? 64  ASP A N   1 
ATOM   463 C CA  . ASP A 1 62  ? 0.950   -10.779 -0.003  1.00 23.82  ? 64  ASP A CA  1 
ATOM   464 C C   . ASP A 1 62  ? 1.665   -9.629  0.703   1.00 27.84  ? 64  ASP A C   1 
ATOM   465 O O   . ASP A 1 62  ? 2.679   -9.093  0.226   1.00 26.47  ? 64  ASP A O   1 
ATOM   466 C CB  . ASP A 1 62  ? 1.019   -12.090 0.876   1.00 29.84  ? 64  ASP A CB  1 
ATOM   467 C CG  . ASP A 1 62  ? 2.306   -12.564 1.572   1.00 36.32  ? 64  ASP A CG  1 
ATOM   468 O OD1 . ASP A 1 62  ? 3.387   -11.985 1.418   1.00 37.31  ? 64  ASP A OD1 1 
ATOM   469 O OD2 . ASP A 1 62  ? 2.210   -13.546 2.303   1.00 31.75  ? 64  ASP A OD2 1 
ATOM   470 N N   . LEU A 1 63  ? 1.176   -9.287  1.892   1.00 26.73  ? 65  LEU A N   1 
ATOM   471 C CA  . LEU A 1 63  ? 1.738   -8.241  2.717   1.00 29.81  ? 65  LEU A CA  1 
ATOM   472 C C   . LEU A 1 63  ? 2.638   -8.793  3.824   1.00 36.75  ? 65  LEU A C   1 
ATOM   473 O O   . LEU A 1 63  ? 2.516   -8.399  4.985   1.00 44.48  ? 65  LEU A O   1 
ATOM   474 C CB  . LEU A 1 63  ? 0.548   -7.449  3.255   1.00 27.08  ? 65  LEU A CB  1 
ATOM   475 C CG  . LEU A 1 63  ? -0.362  -6.808  2.198   1.00 28.52  ? 65  LEU A CG  1 
ATOM   476 C CD1 . LEU A 1 63  ? -1.267  -5.822  2.871   1.00 27.32  ? 65  LEU A CD1 1 
ATOM   477 C CD2 . LEU A 1 63  ? 0.438   -6.024  1.173   1.00 24.35  ? 65  LEU A CD2 1 
ATOM   478 N N   . TYR A 1 64  ? 3.595   -9.664  3.435   1.00 37.62  ? 66  TYR A N   1 
ATOM   479 C CA  . TYR A 1 64  ? 4.491   -10.423 4.337   1.00 40.26  ? 66  TYR A CA  1 
ATOM   480 C C   . TYR A 1 64  ? 3.723   -11.038 5.517   1.00 39.90  ? 66  TYR A C   1 
ATOM   481 O O   . TYR A 1 64  ? 4.077   -10.913 6.693   1.00 49.68  ? 66  TYR A O   1 
ATOM   482 C CB  . TYR A 1 64  ? 5.630   -9.526  4.876   1.00 25.15  ? 66  TYR A CB  1 
ATOM   483 C CG  . TYR A 1 64  ? 6.551   -9.026  3.770   1.00 27.76  ? 66  TYR A CG  1 
ATOM   484 C CD1 . TYR A 1 64  ? 6.263   -7.831  3.116   1.00 23.28  ? 66  TYR A CD1 1 
ATOM   485 C CD2 . TYR A 1 64  ? 7.698   -9.740  3.404   1.00 31.39  ? 66  TYR A CD2 1 
ATOM   486 C CE1 . TYR A 1 64  ? 7.102   -7.356  2.107   1.00 24.20  ? 66  TYR A CE1 1 
ATOM   487 C CE2 . TYR A 1 64  ? 8.542   -9.256  2.386   1.00 27.63  ? 66  TYR A CE2 1 
ATOM   488 C CZ  . TYR A 1 64  ? 8.243   -8.059  1.738   1.00 30.03  ? 66  TYR A CZ  1 
ATOM   489 O OH  . TYR A 1 64  ? 9.064   -7.569  0.711   1.00 43.11  ? 66  TYR A OH  1 
ATOM   490 N N   . GLY A 1 65  ? 2.634   -11.708 5.131   1.00 30.26  ? 67  GLY A N   1 
ATOM   491 C CA  . GLY A 1 65  ? 1.663   -12.312 6.027   1.00 29.90  ? 67  GLY A CA  1 
ATOM   492 C C   . GLY A 1 65  ? 0.296   -12.022 5.405   1.00 35.22  ? 67  GLY A C   1 
ATOM   493 O O   . GLY A 1 65  ? 0.183   -11.164 4.515   1.00 44.98  ? 67  GLY A O   1 
ATOM   494 N N   . GLY A 1 66  ? -0.770  -12.720 5.738   1.00 32.35  ? 68  GLY A N   1 
ATOM   495 C CA  . GLY A 1 66  ? -2.097  -12.372 5.243   1.00 34.86  ? 68  GLY A CA  1 
ATOM   496 C C   . GLY A 1 66  ? -2.583  -13.293 4.162   1.00 37.54  ? 68  GLY A C   1 
ATOM   497 O O   . GLY A 1 66  ? -1.989  -14.354 3.975   1.00 36.30  ? 68  GLY A O   1 
ATOM   498 N N   . GLU A 1 67  ? -3.665  -12.972 3.442   1.00 40.02  ? 69  GLU A N   1 
ATOM   499 C CA  . GLU A 1 67  ? -4.079  -13.795 2.307   1.00 40.75  ? 69  GLU A CA  1 
ATOM   500 C C   . GLU A 1 67  ? -3.065  -13.729 1.158   1.00 35.27  ? 69  GLU A C   1 
ATOM   501 O O   . GLU A 1 67  ? -2.255  -12.793 1.093   1.00 34.25  ? 69  GLU A O   1 
ATOM   502 C CB  . GLU A 1 67  ? -5.467  -13.347 1.841   1.00 40.03  ? 69  GLU A CB  1 
ATOM   503 C CG  . GLU A 1 67  ? -6.532  -14.339 2.355   1.00 63.66  ? 69  GLU A CG  1 
ATOM   504 C CD  . GLU A 1 67  ? -6.682  -14.473 3.887   1.00 73.23  ? 69  GLU A CD  1 
ATOM   505 O OE1 . GLU A 1 67  ? -7.436  -13.707 4.502   1.00 77.67  ? 69  GLU A OE1 1 
ATOM   506 O OE2 . GLU A 1 67  ? -6.051  -15.359 4.475   1.00 80.30  ? 69  GLU A OE2 1 
ATOM   507 N N   . LYS A 1 68  ? -2.954  -14.736 0.293   1.00 35.02  ? 70  LYS A N   1 
ATOM   508 C CA  . LYS A 1 68  ? -2.023  -14.609 -0.798  1.00 26.98  ? 70  LYS A CA  1 
ATOM   509 C C   . LYS A 1 68  ? -2.814  -14.547 -2.080  1.00 29.75  ? 70  LYS A C   1 
ATOM   510 O O   . LYS A 1 68  ? -3.959  -15.007 -2.197  1.00 29.97  ? 70  LYS A O   1 
ATOM   511 C CB  . LYS A 1 68  ? -1.042  -15.750 -0.759  1.00 31.14  ? 70  LYS A CB  1 
ATOM   512 C CG  . LYS A 1 68  ? -1.502  -17.174 -0.625  1.00 40.47  ? 70  LYS A CG  1 
ATOM   513 C CD  . LYS A 1 68  ? -0.320  -18.003 -0.104  1.00 44.13  ? 70  LYS A CD  1 
ATOM   514 C CE  . LYS A 1 68  ? 0.200   -17.431 1.221   1.00 40.30  ? 70  LYS A CE  1 
ATOM   515 N NZ  . LYS A 1 68  ? 1.218   -18.268 1.817   1.00 39.80  ? 70  LYS A NZ  1 
ATOM   516 N N   . PHE A 1 69  ? -2.186  -13.834 -3.004  1.00 35.46  ? 71  PHE A N   1 
ATOM   517 C CA  . PHE A 1 69  ? -2.813  -13.393 -4.235  1.00 29.21  ? 71  PHE A CA  1 
ATOM   518 C C   . PHE A 1 69  ? -2.001  -13.767 -5.457  1.00 27.74  ? 71  PHE A C   1 
ATOM   519 O O   . PHE A 1 69  ? -0.807  -13.997 -5.320  1.00 31.10  ? 71  PHE A O   1 
ATOM   520 C CB  . PHE A 1 69  ? -2.957  -11.884 -4.155  1.00 26.68  ? 71  PHE A CB  1 
ATOM   521 C CG  . PHE A 1 69  ? -3.775  -11.449 -2.949  1.00 26.90  ? 71  PHE A CG  1 
ATOM   522 C CD1 . PHE A 1 69  ? -5.161  -11.565 -2.972  1.00 25.47  ? 71  PHE A CD1 1 
ATOM   523 C CD2 . PHE A 1 69  ? -3.136  -10.943 -1.821  1.00 28.38  ? 71  PHE A CD2 1 
ATOM   524 C CE1 . PHE A 1 69  ? -5.904  -11.184 -1.878  1.00 20.66  ? 71  PHE A CE1 1 
ATOM   525 C CE2 . PHE A 1 69  ? -3.899  -10.556 -0.720  1.00 25.38  ? 71  PHE A CE2 1 
ATOM   526 C CZ  . PHE A 1 69  ? -5.274  -10.680 -0.752  1.00 16.20  ? 71  PHE A CZ  1 
ATOM   527 N N   . ALA A 1 70  ? -2.584  -13.836 -6.650  1.00 27.69  ? 72  ALA A N   1 
ATOM   528 C CA  . ALA A 1 70  ? -1.814  -14.139 -7.849  1.00 24.07  ? 72  ALA A CA  1 
ATOM   529 C C   . ALA A 1 70  ? -1.289  -12.867 -8.448  1.00 25.11  ? 72  ALA A C   1 
ATOM   530 O O   . ALA A 1 70  ? -0.198  -12.901 -8.997  1.00 31.84  ? 72  ALA A O   1 
ATOM   531 C CB  . ALA A 1 70  ? -2.650  -14.785 -8.940  1.00 21.49  ? 72  ALA A CB  1 
ATOM   532 N N   . THR A 1 71  ? -2.008  -11.740 -8.348  1.00 30.19  ? 73  THR A N   1 
ATOM   533 C CA  . THR A 1 71  ? -1.630  -10.491 -8.989  1.00 26.94  ? 73  THR A CA  1 
ATOM   534 C C   . THR A 1 71  ? -1.733  -9.389  -7.945  1.00 26.74  ? 73  THR A C   1 
ATOM   535 O O   . THR A 1 71  ? -2.452  -9.533  -6.942  1.00 27.19  ? 73  THR A O   1 
ATOM   536 C CB  . THR A 1 71  ? -2.593  -10.181 -10.198 1.00 28.29  ? 73  THR A CB  1 
ATOM   537 O OG1 . THR A 1 71  ? -3.905  -10.075 -9.663  1.00 28.03  ? 73  THR A OG1 1 
ATOM   538 C CG2 . THR A 1 71  ? -2.653  -11.281 -11.259 1.00 29.17  ? 73  THR A CG2 1 
ATOM   539 N N   . LEU A 1 72  ? -1.064  -8.275  -8.220  1.00 16.53  ? 74  LEU A N   1 
ATOM   540 C CA  . LEU A 1 72  ? -1.076  -7.071  -7.406  1.00 23.40  ? 74  LEU A CA  1 
ATOM   541 C C   . LEU A 1 72  ? -2.457  -6.425  -7.338  1.00 24.23  ? 74  LEU A C   1 
ATOM   542 O O   . LEU A 1 72  ? -2.947  -6.016  -6.291  1.00 32.09  ? 74  LEU A O   1 
ATOM   543 C CB  . LEU A 1 72  ? -0.090  -6.115  -8.003  1.00 30.30  ? 74  LEU A CB  1 
ATOM   544 C CG  . LEU A 1 72  ? 0.340   -4.940  -7.182  1.00 41.36  ? 74  LEU A CG  1 
ATOM   545 C CD1 . LEU A 1 72  ? 1.065   -5.443  -5.965  1.00 49.42  ? 74  LEU A CD1 1 
ATOM   546 C CD2 . LEU A 1 72  ? 1.278   -4.063  -7.985  1.00 40.39  ? 74  LEU A CD2 1 
ATOM   547 N N   . ALA A 1 73  ? -3.140  -6.349  -8.468  1.00 24.80  ? 75  ALA A N   1 
ATOM   548 C CA  . ALA A 1 73  ? -4.461  -5.781  -8.570  1.00 20.08  ? 75  ALA A CA  1 
ATOM   549 C C   . ALA A 1 73  ? -5.447  -6.604  -7.778  1.00 19.50  ? 75  ALA A C   1 
ATOM   550 O O   . ALA A 1 73  ? -6.451  -6.090  -7.294  1.00 32.82  ? 75  ALA A O   1 
ATOM   551 C CB  . ALA A 1 73  ? -4.877  -5.762  -10.013 1.00 19.20  ? 75  ALA A CB  1 
ATOM   552 N N   . GLU A 1 74  ? -5.178  -7.888  -7.597  1.00 30.35  ? 76  GLU A N   1 
ATOM   553 C CA  . GLU A 1 74  ? -6.040  -8.759  -6.821  1.00 27.52  ? 76  GLU A CA  1 
ATOM   554 C C   . GLU A 1 74  ? -5.913  -8.444  -5.358  1.00 30.33  ? 76  GLU A C   1 
ATOM   555 O O   . GLU A 1 74  ? -6.932  -8.410  -4.659  1.00 31.53  ? 76  GLU A O   1 
ATOM   556 C CB  . GLU A 1 74  ? -5.668  -10.208 -7.043  1.00 30.50  ? 76  GLU A CB  1 
ATOM   557 C CG  . GLU A 1 74  ? -6.561  -11.078 -6.204  1.00 40.51  ? 76  GLU A CG  1 
ATOM   558 C CD  . GLU A 1 74  ? -6.488  -12.576 -6.384  1.00 47.61  ? 76  GLU A CD  1 
ATOM   559 O OE1 . GLU A 1 74  ? -5.416  -13.167 -6.578  1.00 28.80  ? 76  GLU A OE1 1 
ATOM   560 O OE2 . GLU A 1 74  ? -7.574  -13.144 -6.286  1.00 57.58  ? 76  GLU A OE2 1 
ATOM   561 N N   . LEU A 1 75  ? -4.664  -8.250  -4.924  1.00 21.86  ? 77  LEU A N   1 
ATOM   562 C CA  . LEU A 1 75  ? -4.387  -7.860  -3.560  1.00 23.10  ? 77  LEU A CA  1 
ATOM   563 C C   . LEU A 1 75  ? -5.106  -6.570  -3.198  1.00 18.24  ? 77  LEU A C   1 
ATOM   564 O O   . LEU A 1 75  ? -5.779  -6.460  -2.184  1.00 26.46  ? 77  LEU A O   1 
ATOM   565 C CB  . LEU A 1 75  ? -2.858  -7.681  -3.357  1.00 22.67  ? 77  LEU A CB  1 
ATOM   566 C CG  . LEU A 1 75  ? -2.245  -7.328  -1.958  1.00 25.60  ? 77  LEU A CG  1 
ATOM   567 C CD1 . LEU A 1 75  ? -0.790  -7.805  -1.927  1.00 18.34  ? 77  LEU A CD1 1 
ATOM   568 C CD2 . LEU A 1 75  ? -2.293  -5.811  -1.678  1.00 19.97  ? 77  LEU A CD2 1 
ATOM   569 N N   . VAL A 1 76  ? -4.947  -5.571  -4.044  1.00 23.75  ? 78  VAL A N   1 
ATOM   570 C CA  . VAL A 1 76  ? -5.490  -4.261  -3.817  1.00 16.02  ? 78  VAL A CA  1 
ATOM   571 C C   . VAL A 1 76  ? -6.986  -4.361  -3.747  1.00 22.65  ? 78  VAL A C   1 
ATOM   572 O O   . VAL A 1 76  ? -7.589  -3.668  -2.927  1.00 33.79  ? 78  VAL A O   1 
ATOM   573 C CB  . VAL A 1 76  ? -5.020  -3.349  -4.960  1.00 17.29  ? 78  VAL A CB  1 
ATOM   574 C CG1 . VAL A 1 76  ? -5.793  -2.031  -4.949  1.00 21.70  ? 78  VAL A CG1 1 
ATOM   575 C CG2 . VAL A 1 76  ? -3.513  -3.045  -4.762  1.00 13.14  ? 78  VAL A CG2 1 
ATOM   576 N N   . GLN A 1 77  ? -7.602  -5.228  -4.553  1.00 29.57  ? 79  GLN A N   1 
ATOM   577 C CA  . GLN A 1 77  ? -9.047  -5.388  -4.520  1.00 26.89  ? 79  GLN A CA  1 
ATOM   578 C C   . GLN A 1 77  ? -9.469  -6.053  -3.228  1.00 28.70  ? 79  GLN A C   1 
ATOM   579 O O   . GLN A 1 77  ? -10.469 -5.637  -2.648  1.00 36.53  ? 79  GLN A O   1 
ATOM   580 C CB  . GLN A 1 77  ? -9.516  -6.221  -5.677  1.00 26.74  ? 79  GLN A CB  1 
ATOM   581 C CG  . GLN A 1 77  ? -11.039 -6.190  -5.716  1.00 46.25  ? 79  GLN A CG  1 
ATOM   582 C CD  . GLN A 1 77  ? -11.684 -7.156  -6.697  1.00 58.76  ? 79  GLN A CD  1 
ATOM   583 O OE1 . GLN A 1 77  ? -12.544 -6.739  -7.457  1.00 66.84  ? 79  GLN A OE1 1 
ATOM   584 N NE2 . GLN A 1 77  ? -11.356 -8.442  -6.792  1.00 70.37  ? 79  GLN A NE2 1 
ATOM   585 N N   . TYR A 1 78  ? -8.734  -7.029  -2.690  1.00 31.71  ? 80  TYR A N   1 
ATOM   586 C CA  . TYR A 1 78  ? -9.153  -7.692  -1.465  1.00 26.78  ? 80  TYR A CA  1 
ATOM   587 C C   . TYR A 1 78  ? -9.243  -6.688  -0.341  1.00 27.56  ? 80  TYR A C   1 
ATOM   588 O O   . TYR A 1 78  ? -10.297 -6.490  0.275   1.00 32.71  ? 80  TYR A O   1 
ATOM   589 C CB  . TYR A 1 78  ? -8.171  -8.788  -1.110  1.00 21.88  ? 80  TYR A CB  1 
ATOM   590 C CG  . TYR A 1 78  ? -8.539  -9.556  0.153   1.00 21.65  ? 80  TYR A CG  1 
ATOM   591 C CD1 . TYR A 1 78  ? -9.440  -10.636 0.120   1.00 20.99  ? 80  TYR A CD1 1 
ATOM   592 C CD2 . TYR A 1 78  ? -7.984  -9.136  1.364   1.00 17.62  ? 80  TYR A CD2 1 
ATOM   593 C CE1 . TYR A 1 78  ? -9.779  -11.282 1.318   1.00 29.65  ? 80  TYR A CE1 1 
ATOM   594 C CE2 . TYR A 1 78  ? -8.316  -9.766  2.550   1.00 21.15  ? 80  TYR A CE2 1 
ATOM   595 C CZ  . TYR A 1 78  ? -9.207  -10.834 2.524   1.00 34.01  ? 80  TYR A CZ  1 
ATOM   596 O OH  . TYR A 1 78  ? -9.483  -11.458 3.728   1.00 42.79  ? 80  TYR A OH  1 
ATOM   597 N N   . TYR A 1 79  ? -8.128  -6.016  -0.127  1.00 35.51  ? 81  TYR A N   1 
ATOM   598 C CA  . TYR A 1 79  ? -8.034  -5.005  0.911   1.00 32.33  ? 81  TYR A CA  1 
ATOM   599 C C   . TYR A 1 79  ? -9.029  -3.883  0.703   1.00 30.21  ? 81  TYR A C   1 
ATOM   600 O O   . TYR A 1 79  ? -9.591  -3.385  1.676   1.00 34.45  ? 81  TYR A O   1 
ATOM   601 C CB  . TYR A 1 79  ? -6.585  -4.507  0.952   1.00 23.30  ? 81  TYR A CB  1 
ATOM   602 C CG  . TYR A 1 79  ? -5.778  -5.633  1.607   1.00 35.28  ? 81  TYR A CG  1 
ATOM   603 C CD1 . TYR A 1 79  ? -6.040  -5.981  2.948   1.00 33.98  ? 81  TYR A CD1 1 
ATOM   604 C CD2 . TYR A 1 79  ? -4.814  -6.346  0.891   1.00 31.33  ? 81  TYR A CD2 1 
ATOM   605 C CE1 . TYR A 1 79  ? -5.357  -7.024  3.565   1.00 32.81  ? 81  TYR A CE1 1 
ATOM   606 C CE2 . TYR A 1 79  ? -4.126  -7.400  1.500   1.00 32.28  ? 81  TYR A CE2 1 
ATOM   607 C CZ  . TYR A 1 79  ? -4.403  -7.729  2.829   1.00 40.56  ? 81  TYR A CZ  1 
ATOM   608 O OH  . TYR A 1 79  ? -3.744  -8.778  3.440   1.00 42.19  ? 81  TYR A OH  1 
ATOM   609 N N   . MET A 1 80  ? -9.356  -3.536  -0.531  1.00 28.35  ? 82  MET A N   1 
ATOM   610 C CA  . MET A 1 80  ? -10.358 -2.521  -0.734  1.00 29.77  ? 82  MET A CA  1 
ATOM   611 C C   . MET A 1 80  ? -11.701 -3.067  -0.330  1.00 27.76  ? 82  MET A C   1 
ATOM   612 O O   . MET A 1 80  ? -12.561 -2.311  0.121   1.00 31.85  ? 82  MET A O   1 
ATOM   613 C CB  . MET A 1 80  ? -10.461 -2.084  -2.194  1.00 28.12  ? 82  MET A CB  1 
ATOM   614 C CG  . MET A 1 80  ? -9.432  -1.050  -2.547  1.00 20.87  ? 82  MET A CG  1 
ATOM   615 S SD  . MET A 1 80  ? -9.710  -0.376  -4.192  1.00 31.38  ? 82  MET A SD  1 
ATOM   616 C CE  . MET A 1 80  ? -11.235 0.472   -3.871  1.00 21.68  ? 82  MET A CE  1 
ATOM   617 N N   . GLU A 1 81  ? -11.908 -4.370  -0.526  1.00 27.13  ? 83  GLU A N   1 
ATOM   618 C CA  . GLU A 1 81  ? -13.213 -4.939  -0.289  1.00 21.11  ? 83  GLU A CA  1 
ATOM   619 C C   . GLU A 1 81  ? -13.357 -5.441  1.102   1.00 28.60  ? 83  GLU A C   1 
ATOM   620 O O   . GLU A 1 81  ? -14.471 -5.765  1.509   1.00 37.24  ? 83  GLU A O   1 
ATOM   621 C CB  . GLU A 1 81  ? -13.494 -6.071  -1.232  1.00 23.49  ? 83  GLU A CB  1 
ATOM   622 C CG  . GLU A 1 81  ? -13.743 -5.567  -2.660  1.00 27.26  ? 83  GLU A CG  1 
ATOM   623 C CD  . GLU A 1 81  ? -14.072 -6.629  -3.704  1.00 32.54  ? 83  GLU A CD  1 
ATOM   624 O OE1 . GLU A 1 81  ? -13.754 -7.807  -3.513  1.00 30.78  ? 83  GLU A OE1 1 
ATOM   625 O OE2 . GLU A 1 81  ? -14.661 -6.262  -4.723  1.00 30.77  ? 83  GLU A OE2 1 
ATOM   626 N N   . HIS A 1 82  ? -12.258 -5.524  1.839   1.00 28.81  ? 84  HIS A N   1 
ATOM   627 C CA  . HIS A 1 82  ? -12.299 -5.915  3.228   1.00 26.20  ? 84  HIS A CA  1 
ATOM   628 C C   . HIS A 1 82  ? -11.512 -4.857  4.000   1.00 35.59  ? 84  HIS A C   1 
ATOM   629 O O   . HIS A 1 82  ? -10.330 -5.090  4.328   1.00 30.81  ? 84  HIS A O   1 
ATOM   630 C CB  . HIS A 1 82  ? -11.657 -7.267  3.372   1.00 19.80  ? 84  HIS A CB  1 
ATOM   631 C CG  . HIS A 1 82  ? -12.304 -8.346  2.539   1.00 24.07  ? 84  HIS A CG  1 
ATOM   632 N ND1 . HIS A 1 82  ? -12.248 -8.471  1.223   1.00 29.40  ? 84  HIS A ND1 1 
ATOM   633 C CD2 . HIS A 1 82  ? -13.034 -9.395  3.033   1.00 23.25  ? 84  HIS A CD2 1 
ATOM   634 C CE1 . HIS A 1 82  ? -12.909 -9.558  0.891   1.00 21.77  ? 84  HIS A CE1 1 
ATOM   635 N NE2 . HIS A 1 82  ? -13.377 -10.101 1.992   1.00 23.89  ? 84  HIS A NE2 1 
ATOM   636 N N   . HIS A 1 83  ? -12.104 -3.685  4.349   1.00 41.18  ? 85  HIS A N   1 
ATOM   637 C CA  . HIS A 1 83  ? -11.326 -2.651  5.046   1.00 42.62  ? 85  HIS A CA  1 
ATOM   638 C C   . HIS A 1 83  ? -10.875 -2.973  6.461   1.00 45.28  ? 85  HIS A C   1 
ATOM   639 O O   . HIS A 1 83  ? -10.111 -2.177  6.995   1.00 49.97  ? 85  HIS A O   1 
ATOM   640 C CB  . HIS A 1 83  ? -12.045 -1.310  5.174   1.00 44.64  ? 85  HIS A CB  1 
ATOM   641 C CG  . HIS A 1 83  ? -12.443 -0.624  3.885   1.00 52.12  ? 85  HIS A CG  1 
ATOM   642 N ND1 . HIS A 1 83  ? -13.359 0.324   3.741   1.00 52.37  ? 85  HIS A ND1 1 
ATOM   643 C CD2 . HIS A 1 83  ? -11.960 -0.920  2.637   1.00 53.89  ? 85  HIS A CD2 1 
ATOM   644 C CE1 . HIS A 1 83  ? -13.458 0.602   2.464   1.00 53.15  ? 85  HIS A CE1 1 
ATOM   645 N NE2 . HIS A 1 83  ? -12.611 -0.150  1.806   1.00 52.75  ? 85  HIS A NE2 1 
ATOM   646 N N   . GLY A 1 84  ? -11.286 -4.062  7.130   1.00 49.90  ? 86  GLY A N   1 
ATOM   647 C CA  . GLY A 1 84  ? -10.765 -4.388  8.460   1.00 51.46  ? 86  GLY A CA  1 
ATOM   648 C C   . GLY A 1 84  ? -9.503  -5.268  8.442   1.00 52.99  ? 86  GLY A C   1 
ATOM   649 O O   . GLY A 1 84  ? -8.807  -5.425  9.447   1.00 46.50  ? 86  GLY A O   1 
ATOM   650 N N   . GLN A 1 85  ? -9.121  -5.801  7.278   1.00 52.70  ? 87  GLN A N   1 
ATOM   651 C CA  . GLN A 1 85  ? -8.079  -6.809  7.194   1.00 45.68  ? 87  GLN A CA  1 
ATOM   652 C C   . GLN A 1 85  ? -6.644  -6.376  7.150   1.00 43.58  ? 87  GLN A C   1 
ATOM   653 O O   . GLN A 1 85  ? -5.801  -7.266  7.057   1.00 47.74  ? 87  GLN A O   1 
ATOM   654 C CB  . GLN A 1 85  ? -8.307  -7.714  5.974   1.00 48.84  ? 87  GLN A CB  1 
ATOM   655 C CG  . GLN A 1 85  ? -9.564  -8.561  6.022   1.00 57.09  ? 87  GLN A CG  1 
ATOM   656 C CD  . GLN A 1 85  ? -9.724  -9.363  7.305   1.00 63.33  ? 87  GLN A CD  1 
ATOM   657 O OE1 . GLN A 1 85  ? -8.802  -10.031 7.776   1.00 68.38  ? 87  GLN A OE1 1 
ATOM   658 N NE2 . GLN A 1 85  ? -10.903 -9.326  7.910   1.00 65.43  ? 87  GLN A NE2 1 
ATOM   659 N N   . LEU A 1 86  ? -6.250  -5.105  7.154   1.00 43.52  ? 88  LEU A N   1 
ATOM   660 C CA  . LEU A 1 86  ? -4.824  -4.807  7.175   1.00 43.02  ? 88  LEU A CA  1 
ATOM   661 C C   . LEU A 1 86  ? -4.564  -4.113  8.508   1.00 41.43  ? 88  LEU A C   1 
ATOM   662 O O   . LEU A 1 86  ? -5.027  -3.004  8.744   1.00 37.23  ? 88  LEU A O   1 
ATOM   663 C CB  . LEU A 1 86  ? -4.500  -3.966  5.917   1.00 36.08  ? 88  LEU A CB  1 
ATOM   664 C CG  . LEU A 1 86  ? -3.144  -3.284  5.701   1.00 41.39  ? 88  LEU A CG  1 
ATOM   665 C CD1 . LEU A 1 86  ? -1.973  -4.204  5.977   1.00 40.84  ? 88  LEU A CD1 1 
ATOM   666 C CD2 . LEU A 1 86  ? -3.121  -2.800  4.271   1.00 33.23  ? 88  LEU A CD2 1 
ATOM   667 N N   . LYS A 1 87  ? -3.903  -4.824  9.428   1.00 57.50  ? 89  LYS A N   1 
ATOM   668 C CA  . LYS A 1 87  ? -3.656  -4.398  10.808  1.00 60.77  ? 89  LYS A CA  1 
ATOM   669 C C   . LYS A 1 87  ? -2.157  -4.328  11.011  1.00 68.73  ? 89  LYS A C   1 
ATOM   670 O O   . LYS A 1 87  ? -1.427  -5.251  10.628  1.00 72.17  ? 89  LYS A O   1 
ATOM   671 C CB  . LYS A 1 87  ? -4.235  -5.398  11.791  1.00 56.90  ? 89  LYS A CB  1 
ATOM   672 C CG  . LYS A 1 87  ? -5.737  -5.550  11.655  1.00 62.93  ? 89  LYS A CG  1 
ATOM   673 C CD  . LYS A 1 87  ? -6.244  -6.756  12.423  1.00 67.49  ? 89  LYS A CD  1 
ATOM   674 C CE  . LYS A 1 87  ? -7.721  -6.994  12.102  1.00 73.79  ? 89  LYS A CE  1 
ATOM   675 N NZ  . LYS A 1 87  ? -8.139  -8.371  12.363  1.00 79.98  ? 89  LYS A NZ  1 
ATOM   676 N N   . GLU A 1 88  ? -1.642  -3.281  11.630  1.00 74.13  ? 90  GLU A N   1 
ATOM   677 C CA  . GLU A 1 88  ? -0.210  -3.113  11.729  1.00 84.76  ? 90  GLU A CA  1 
ATOM   678 C C   . GLU A 1 88  ? 0.407   -3.630  13.011  1.00 86.41  ? 90  GLU A C   1 
ATOM   679 O O   . GLU A 1 88  ? 0.656   -2.842  13.915  1.00 92.92  ? 90  GLU A O   1 
ATOM   680 C CB  . GLU A 1 88  ? 0.124   -1.630  11.549  1.00 89.87  ? 90  GLU A CB  1 
ATOM   681 C CG  . GLU A 1 88  ? -0.586  -0.611  12.447  1.00 93.84  ? 90  GLU A CG  1 
ATOM   682 C CD  . GLU A 1 88  ? -0.013  0.796   12.388  1.00 97.55  ? 90  GLU A CD  1 
ATOM   683 O OE1 . GLU A 1 88  ? 0.716   1.120   11.447  1.00 96.13  ? 90  GLU A OE1 1 
ATOM   684 O OE2 . GLU A 1 88  ? -0.306  1.574   13.296  1.00 102.88 ? 90  GLU A OE2 1 
ATOM   685 N N   . LYS A 1 89  ? 0.658   -4.936  13.153  1.00 88.45  ? 91  LYS A N   1 
ATOM   686 C CA  . LYS A 1 89  ? 1.276   -5.555  14.334  1.00 84.78  ? 91  LYS A CA  1 
ATOM   687 C C   . LYS A 1 89  ? 0.577   -5.209  15.651  1.00 82.14  ? 91  LYS A C   1 
ATOM   688 O O   . LYS A 1 89  ? -0.105  -6.031  16.265  1.00 83.97  ? 91  LYS A O   1 
ATOM   689 C CB  . LYS A 1 89  ? 2.755   -5.145  14.403  1.00 85.83  ? 91  LYS A CB  1 
ATOM   690 N N   . ASN A 1 90  ? 0.713   -3.977  16.105  1.00 76.90  ? 92  ASN A N   1 
ATOM   691 C CA  . ASN A 1 90  ? 0.020   -3.419  17.245  1.00 77.83  ? 92  ASN A CA  1 
ATOM   692 C C   . ASN A 1 90  ? -1.455  -3.135  16.962  1.00 73.01  ? 92  ASN A C   1 
ATOM   693 O O   . ASN A 1 90  ? -1.928  -2.013  17.155  1.00 73.45  ? 92  ASN A O   1 
ATOM   694 C CB  . ASN A 1 90  ? 0.739   -2.131  17.662  1.00 83.66  ? 92  ASN A CB  1 
ATOM   695 C CG  . ASN A 1 90  ? 0.966   -1.149  16.520  1.00 84.86  ? 92  ASN A CG  1 
ATOM   696 O OD1 . ASN A 1 90  ? 2.080   -1.077  16.003  1.00 90.25  ? 92  ASN A OD1 1 
ATOM   697 N ND2 . ASN A 1 90  ? -0.012  -0.393  16.055  1.00 78.28  ? 92  ASN A ND2 1 
ATOM   698 N N   . GLY A 1 91  ? -2.206  -4.115  16.464  1.00 69.39  ? 93  GLY A N   1 
ATOM   699 C CA  . GLY A 1 91  ? -3.641  -4.032  16.222  1.00 68.79  ? 93  GLY A CA  1 
ATOM   700 C C   . GLY A 1 91  ? -4.233  -3.008  15.246  1.00 68.64  ? 93  GLY A C   1 
ATOM   701 O O   . GLY A 1 91  ? -5.245  -3.347  14.633  1.00 67.68  ? 93  GLY A O   1 
ATOM   702 N N   . ASP A 1 92  ? -3.705  -1.790  15.035  1.00 69.60  ? 94  ASP A N   1 
ATOM   703 C CA  . ASP A 1 92  ? -4.370  -0.745  14.252  1.00 63.98  ? 94  ASP A CA  1 
ATOM   704 C C   . ASP A 1 92  ? -4.554  -1.034  12.787  1.00 57.63  ? 94  ASP A C   1 
ATOM   705 O O   . ASP A 1 92  ? -3.633  -1.469  12.114  1.00 61.63  ? 94  ASP A O   1 
ATOM   706 C CB  . ASP A 1 92  ? -3.609  0.568   14.399  1.00 64.88  ? 94  ASP A CB  1 
ATOM   707 C CG  . ASP A 1 92  ? -3.504  0.986   15.863  1.00 65.89  ? 94  ASP A CG  1 
ATOM   708 O OD1 . ASP A 1 92  ? -4.525  1.079   16.554  1.00 59.43  ? 94  ASP A OD1 1 
ATOM   709 O OD2 . ASP A 1 92  ? -2.382  1.199   16.314  1.00 68.26  ? 94  ASP A OD2 1 
ATOM   710 N N   . VAL A 1 93  ? -5.766  -0.774  12.328  1.00 55.08  ? 95  VAL A N   1 
ATOM   711 C CA  . VAL A 1 93  ? -6.247  -1.078  10.989  1.00 51.21  ? 95  VAL A CA  1 
ATOM   712 C C   . VAL A 1 93  ? -5.887  0.071   10.053  1.00 54.95  ? 95  VAL A C   1 
ATOM   713 O O   . VAL A 1 93  ? -6.021  1.235   10.461  1.00 61.52  ? 95  VAL A O   1 
ATOM   714 C CB  . VAL A 1 93  ? -7.785  -1.318  11.142  1.00 53.75  ? 95  VAL A CB  1 
ATOM   715 C CG1 . VAL A 1 93  ? -8.530  -1.317  9.832   1.00 49.10  ? 95  VAL A CG1 1 
ATOM   716 C CG2 . VAL A 1 93  ? -7.974  -2.697  11.780  1.00 54.50  ? 95  VAL A CG2 1 
ATOM   717 N N   . ILE A 1 94  ? -5.402  -0.203  8.836   1.00 45.18  ? 96  ILE A N   1 
ATOM   718 C CA  . ILE A 1 94  ? -5.103  0.831   7.863   1.00 37.00  ? 96  ILE A CA  1 
ATOM   719 C C   . ILE A 1 94  ? -6.023  0.504   6.690   1.00 39.84  ? 96  ILE A C   1 
ATOM   720 O O   . ILE A 1 94  ? -5.946  -0.549  6.044   1.00 36.16  ? 96  ILE A O   1 
ATOM   721 C CB  . ILE A 1 94  ? -3.646  0.785   7.401   1.00 35.27  ? 96  ILE A CB  1 
ATOM   722 C CG1 . ILE A 1 94  ? -2.700  0.292   8.479   1.00 41.59  ? 96  ILE A CG1 1 
ATOM   723 C CG2 . ILE A 1 94  ? -3.241  2.213   7.066   1.00 40.53  ? 96  ILE A CG2 1 
ATOM   724 C CD1 . ILE A 1 94  ? -1.211  0.361   8.099   1.00 42.11  ? 96  ILE A CD1 1 
ATOM   725 N N   . GLU A 1 95  ? -6.988  1.373   6.439   1.00 41.50  ? 97  GLU A N   1 
ATOM   726 C CA  . GLU A 1 95  ? -7.946  1.137   5.379   1.00 42.59  ? 97  GLU A CA  1 
ATOM   727 C C   . GLU A 1 95  ? -7.485  1.658   4.027   1.00 40.59  ? 97  GLU A C   1 
ATOM   728 O O   . GLU A 1 95  ? -7.002  2.795   3.897   1.00 34.39  ? 97  GLU A O   1 
ATOM   729 C CB  . GLU A 1 95  ? -9.257  1.778   5.765   1.00 45.02  ? 97  GLU A CB  1 
ATOM   730 C CG  . GLU A 1 95  ? -9.804  1.149   7.022   1.00 52.01  ? 97  GLU A CG  1 
ATOM   731 C CD  . GLU A 1 95  ? -11.072 1.793   7.545   1.00 63.55  ? 97  GLU A CD  1 
ATOM   732 O OE1 . GLU A 1 95  ? -12.156 1.391   7.108   1.00 65.35  ? 97  GLU A OE1 1 
ATOM   733 O OE2 . GLU A 1 95  ? -10.969 2.685   8.398   1.00 70.31  ? 97  GLU A OE2 1 
ATOM   734 N N   . LEU A 1 96  ? -7.605  0.798   3.017   1.00 34.04  ? 98  LEU A N   1 
ATOM   735 C CA  . LEU A 1 96  ? -7.278  1.135   1.655   1.00 28.45  ? 98  LEU A CA  1 
ATOM   736 C C   . LEU A 1 96  ? -8.626  1.483   1.108   1.00 27.83  ? 98  LEU A C   1 
ATOM   737 O O   . LEU A 1 96  ? -9.395  0.580   0.833   1.00 22.56  ? 98  LEU A O   1 
ATOM   738 C CB  . LEU A 1 96  ? -6.734  -0.053  0.919   1.00 30.15  ? 98  LEU A CB  1 
ATOM   739 C CG  . LEU A 1 96  ? -5.242  -0.172  0.731   1.00 36.86  ? 98  LEU A CG  1 
ATOM   740 C CD1 . LEU A 1 96  ? -4.554  -0.355  2.053   1.00 41.79  ? 98  LEU A CD1 1 
ATOM   741 C CD2 . LEU A 1 96  ? -4.978  -1.354  -0.201  1.00 43.38  ? 98  LEU A CD2 1 
ATOM   742 N N   . LYS A 1 97  ? -8.996  2.752   0.985   1.00 28.71  ? 99  LYS A N   1 
ATOM   743 C CA  . LYS A 1 97  ? -10.342 3.041   0.553   1.00 23.37  ? 99  LYS A CA  1 
ATOM   744 C C   . LYS A 1 97  ? -10.461 3.669   -0.806  1.00 23.84  ? 99  LYS A C   1 
ATOM   745 O O   . LYS A 1 97  ? -11.342 3.255   -1.550  1.00 23.06  ? 99  LYS A O   1 
ATOM   746 C CB  . LYS A 1 97  ? -11.070 3.983   1.498   1.00 24.13  ? 99  LYS A CB  1 
ATOM   747 C CG  . LYS A 1 97  ? -11.041 3.633   2.953   1.00 20.97  ? 99  LYS A CG  1 
ATOM   748 C CD  . LYS A 1 97  ? -12.077 4.523   3.579   1.00 29.80  ? 99  LYS A CD  1 
ATOM   749 C CE  . LYS A 1 97  ? -11.758 4.584   5.060   1.00 39.78  ? 99  LYS A CE  1 
ATOM   750 N NZ  . LYS A 1 97  ? -12.787 5.266   5.826   1.00 45.57  ? 99  LYS A NZ  1 
ATOM   751 N N   . TYR A 1 98  ? -9.642  4.647   -1.180  1.00 21.48  ? 100 TYR A N   1 
ATOM   752 C CA  . TYR A 1 98  ? -9.878  5.404   -2.401  1.00 21.83  ? 100 TYR A CA  1 
ATOM   753 C C   . TYR A 1 98  ? -8.616  5.461   -3.234  1.00 21.58  ? 100 TYR A C   1 
ATOM   754 O O   . TYR A 1 98  ? -7.669  6.109   -2.790  1.00 34.18  ? 100 TYR A O   1 
ATOM   755 C CB  . TYR A 1 98  ? -10.286 6.830   -2.064  1.00 19.36  ? 100 TYR A CB  1 
ATOM   756 C CG  . TYR A 1 98  ? -11.370 6.978   -1.004  1.00 14.45  ? 100 TYR A CG  1 
ATOM   757 C CD1 . TYR A 1 98  ? -12.676 6.534   -1.211  1.00 20.54  ? 100 TYR A CD1 1 
ATOM   758 C CD2 . TYR A 1 98  ? -11.037 7.603   0.185   1.00 19.19  ? 100 TYR A CD2 1 
ATOM   759 C CE1 . TYR A 1 98  ? -13.638 6.717   -0.218  1.00 16.64  ? 100 TYR A CE1 1 
ATOM   760 C CE2 . TYR A 1 98  ? -11.992 7.789   1.184   1.00 25.11  ? 100 TYR A CE2 1 
ATOM   761 C CZ  . TYR A 1 98  ? -13.287 7.348   0.969   1.00 21.56  ? 100 TYR A CZ  1 
ATOM   762 O OH  . TYR A 1 98  ? -14.237 7.596   1.934   1.00 27.16  ? 100 TYR A OH  1 
ATOM   763 N N   . PRO A 1 99  ? -8.485  4.834   -4.396  1.00 26.92  ? 101 PRO A N   1 
ATOM   764 C CA  . PRO A 1 99  ? -7.285  4.853   -5.226  1.00 25.75  ? 101 PRO A CA  1 
ATOM   765 C C   . PRO A 1 99  ? -6.889  6.282   -5.538  1.00 33.14  ? 101 PRO A C   1 
ATOM   766 O O   . PRO A 1 99  ? -7.775  7.119   -5.830  1.00 31.95  ? 101 PRO A O   1 
ATOM   767 C CB  . PRO A 1 99  ? -7.671  4.085   -6.457  1.00 29.44  ? 101 PRO A CB  1 
ATOM   768 C CG  . PRO A 1 99  ? -8.785  3.174   -6.006  1.00 29.13  ? 101 PRO A CG  1 
ATOM   769 C CD  . PRO A 1 99  ? -9.549  4.095   -5.067  1.00 27.27  ? 101 PRO A CD  1 
ATOM   770 N N   . LEU A 1 100 ? -5.586  6.574   -5.455  1.00 26.11  ? 102 LEU A N   1 
ATOM   771 C CA  . LEU A 1 100 ? -5.176  7.906   -5.753  1.00 29.26  ? 102 LEU A CA  1 
ATOM   772 C C   . LEU A 1 100 ? -4.926  7.757   -7.213  1.00 41.60  ? 102 LEU A C   1 
ATOM   773 O O   . LEU A 1 100 ? -3.921  7.180   -7.649  1.00 37.93  ? 102 LEU A O   1 
ATOM   774 C CB  . LEU A 1 100 ? -3.882  8.350   -5.089  1.00 38.35  ? 102 LEU A CB  1 
ATOM   775 C CG  . LEU A 1 100 ? -3.680  9.852   -5.418  1.00 39.01  ? 102 LEU A CG  1 
ATOM   776 C CD1 . LEU A 1 100 ? -3.760  10.670  -4.175  1.00 35.51  ? 102 LEU A CD1 1 
ATOM   777 C CD2 . LEU A 1 100 ? -2.342  10.070  -6.083  1.00 47.48  ? 102 LEU A CD2 1 
ATOM   778 N N   . ASN A 1 101 ? -6.019  8.248   -7.833  1.00 57.05  ? 103 ASN A N   1 
ATOM   779 C CA  . ASN A 1 101 ? -6.359  8.342   -9.271  1.00 65.25  ? 103 ASN A CA  1 
ATOM   780 C C   . ASN A 1 101 ? -7.549  7.475   -9.658  1.00 60.29  ? 103 ASN A C   1 
ATOM   781 C CB  . ASN A 1 101 ? -5.247  7.916   -10.227 1.00 65.14  ? 103 ASN A CB  1 
ATOM   782 C CG  . ASN A 1 101 ? -4.204  8.999   -10.424 1.00 68.88  ? 103 ASN A CG  1 
ATOM   783 O OD1 . ASN A 1 101 ? -4.254  9.711   -11.423 1.00 79.36  ? 103 ASN A OD1 1 
ATOM   784 N ND2 . ASN A 1 101 ? -3.246  9.198   -9.526  1.00 58.62  ? 103 ASN A ND2 1 
ATOM   785 N N   . GLY B 2 2   ? 11.112  6.606   5.767   1.00 86.63  ? -2  GLY P N   1 
ATOM   786 C CA  . GLY B 2 2   ? 9.787   6.999   5.336   1.00 78.81  ? -2  GLY P CA  1 
ATOM   787 C C   . GLY B 2 2   ? 8.868   6.468   6.421   1.00 77.40  ? -2  GLY P C   1 
ATOM   788 O O   . GLY B 2 2   ? 9.392   5.861   7.371   1.00 73.94  ? -2  GLY P O   1 
ATOM   789 N N   . GLY B 2 3   ? 7.556   6.686   6.286   1.00 74.01  ? -1  GLY P N   1 
ATOM   790 C CA  . GLY B 2 3   ? 6.580   6.188   7.243   1.00 68.54  ? -1  GLY P CA  1 
ATOM   791 C C   . GLY B 2 3   ? 6.210   4.751   6.928   1.00 59.92  ? -1  GLY P C   1 
ATOM   792 O O   . GLY B 2 3   ? 5.080   4.493   6.542   1.00 63.95  ? -1  GLY P O   1 
HETATM 793 N N   . PTR B 2 4   ? 7.175   3.827   7.002   1.00 57.60  ? 0   PTR P N   1 
HETATM 794 C CA  . PTR B 2 4   ? 6.986   2.397   6.776   1.00 51.60  ? 0   PTR P CA  1 
HETATM 795 C C   . PTR B 2 4   ? 6.489   1.560   7.950   1.00 57.00  ? 0   PTR P C   1 
HETATM 796 O O   . PTR B 2 4   ? 7.066   1.503   9.040   1.00 63.21  ? 0   PTR P O   1 
HETATM 797 C CB  . PTR B 2 4   ? 8.266   1.761   6.320   1.00 41.04  ? 0   PTR P CB  1 
HETATM 798 C CG  . PTR B 2 4   ? 8.571   2.001   4.867   1.00 38.79  ? 0   PTR P CG  1 
HETATM 799 C CD1 . PTR B 2 4   ? 9.057   3.232   4.500   1.00 35.27  ? 0   PTR P CD1 1 
HETATM 800 C CD2 . PTR B 2 4   ? 8.356   0.981   3.956   1.00 40.74  ? 0   PTR P CD2 1 
HETATM 801 C CE1 . PTR B 2 4   ? 9.352   3.464   3.184   1.00 46.59  ? 0   PTR P CE1 1 
HETATM 802 C CE2 . PTR B 2 4   ? 8.653   1.201   2.628   1.00 45.58  ? 0   PTR P CE2 1 
HETATM 803 C CZ  . PTR B 2 4   ? 9.143   2.444   2.280   1.00 48.42  ? 0   PTR P CZ  1 
HETATM 804 O OH  . PTR B 2 4   ? 9.441   2.774   0.915   1.00 52.68  ? 0   PTR P OH  1 
HETATM 805 P P   . PTR B 2 4   ? 10.401  2.019   -0.115  1.00 59.56  ? 0   PTR P P   1 
HETATM 806 O O1P . PTR B 2 4   ? 10.454  2.792   -1.371  1.00 55.02  ? 0   PTR P O1P 1 
HETATM 807 O O2P . PTR B 2 4   ? 9.875   0.674   -0.386  1.00 66.64  ? 0   PTR P O2P 1 
HETATM 808 O O3P . PTR B 2 4   ? 11.754  1.893   0.460   1.00 66.30  ? 0   PTR P O3P 1 
ATOM   809 N N   . MET B 2 5   ? 5.435   0.811   7.654   1.00 60.59  ? 1   MET P N   1 
ATOM   810 C CA  . MET B 2 5   ? 4.792   -0.056  8.621   1.00 61.39  ? 1   MET P CA  1 
ATOM   811 C C   . MET B 2 5   ? 5.725   -1.227  8.935   1.00 71.43  ? 1   MET P C   1 
ATOM   812 O O   . MET B 2 5   ? 6.504   -1.665  8.071   1.00 75.76  ? 1   MET P O   1 
ATOM   813 C CB  . MET B 2 5   ? 3.491   -0.548  8.009   1.00 53.11  ? 1   MET P CB  1 
ATOM   814 C CG  . MET B 2 5   ? 2.671   -1.421  8.915   1.00 44.08  ? 1   MET P CG  1 
ATOM   815 S SD  . MET B 2 5   ? 1.513   -2.425  7.972   1.00 46.14  ? 1   MET P SD  1 
ATOM   816 C CE  . MET B 2 5   ? 2.072   -4.013  8.487   1.00 46.75  ? 1   MET P CE  1 
ATOM   817 N N   . ASP B 2 6   ? 5.696   -1.769  10.157  1.00 75.57  ? 2   ASP P N   1 
ATOM   818 C CA  . ASP B 2 6   ? 6.551   -2.900  10.405  1.00 75.25  ? 2   ASP P CA  1 
ATOM   819 C C   . ASP B 2 6   ? 5.783   -4.114  9.902   1.00 76.80  ? 2   ASP P C   1 
ATOM   820 O O   . ASP B 2 6   ? 4.693   -4.471  10.378  1.00 76.80  ? 2   ASP P O   1 
ATOM   821 C CB  . ASP B 2 6   ? 6.849   -3.066  11.876  1.00 76.83  ? 2   ASP P CB  1 
ATOM   822 C CG  . ASP B 2 6   ? 8.203   -3.738  12.023  1.00 82.96  ? 2   ASP P CG  1 
ATOM   823 O OD1 . ASP B 2 6   ? 8.303   -4.962  11.862  1.00 85.11  ? 2   ASP P OD1 1 
ATOM   824 O OD2 . ASP B 2 6   ? 9.162   -3.009  12.282  1.00 87.28  ? 2   ASP P OD2 1 
ATOM   825 N N   . MET B 2 7   ? 6.377   -4.739  8.897   1.00 72.83  ? 3   MET P N   1 
ATOM   826 C CA  . MET B 2 7   ? 5.772   -5.903  8.292   1.00 73.71  ? 3   MET P CA  1 
ATOM   827 C C   . MET B 2 7   ? 6.187   -7.081  9.155   1.00 76.42  ? 3   MET P C   1 
ATOM   828 O O   . MET B 2 7   ? 7.301   -7.579  8.987   1.00 79.33  ? 3   MET P O   1 
ATOM   829 C CB  . MET B 2 7   ? 6.291   -6.072  6.875   1.00 73.60  ? 3   MET P CB  1 
ATOM   830 C CG  . MET B 2 7   ? 6.226   -4.859  5.939   1.00 80.07  ? 3   MET P CG  1 
ATOM   831 S SD  . MET B 2 7   ? 4.570   -4.190  5.635   1.00 81.71  ? 3   MET P SD  1 
ATOM   832 C CE  . MET B 2 7   ? 3.770   -5.612  4.954   1.00 74.09  ? 3   MET P CE  1 
ATOM   833 N N   . SER B 2 8   ? 5.360   -7.475  10.137  1.00 83.34  ? 4   SER P N   1 
ATOM   834 C CA  . SER B 2 8   ? 5.609   -8.609  11.041  1.00 84.84  ? 4   SER P CA  1 
ATOM   835 C C   . SER B 2 8   ? 4.447   -9.004  11.948  1.00 78.78  ? 4   SER P C   1 
ATOM   836 C CB  . SER B 2 8   ? 6.812   -8.330  11.939  1.00 84.59  ? 4   SER P CB  1 
ATOM   837 O OG  . SER B 2 8   ? 7.975   -8.906  11.361  1.00 84.14  ? 4   SER P OG  1 
HETATM 838 O O   . HOH C 3 .   ? -11.928 -9.553  -2.749  1.00 25.13  ? 301 HOH A O   1 
HETATM 839 O O   . HOH C 3 .   ? 0.498   -15.137 3.493   1.00 35.35  ? 302 HOH A O   1 
HETATM 840 O O   . HOH C 3 .   ? -9.626  -10.353 -8.148  1.00 49.42  ? 303 HOH A O   1 
HETATM 841 O O   . HOH C 3 .   ? 1.296   -21.473 2.147   1.00 27.51  ? 304 HOH A O   1 
HETATM 842 O O   . HOH C 3 .   ? -10.440 16.164  3.804   1.00 38.17  ? 305 HOH A O   1 
HETATM 843 O O   . HOH C 3 .   ? -6.776  5.037   5.744   1.00 36.18  ? 306 HOH A O   1 
HETATM 844 O O   . HOH C 3 .   ? -8.958  16.024  5.986   1.00 37.18  ? 307 HOH A O   1 
HETATM 845 O O   . HOH C 3 .   ? 4.326   -15.208 2.982   1.00 40.01  ? 308 HOH A O   1 
HETATM 846 O O   . HOH C 3 .   ? 29.054  5.321   2.394   1.00 74.96  ? 309 HOH A O   1 
HETATM 847 O O   . HOH C 3 .   ? -7.969  -2.401  -8.315  1.00 44.24  ? 310 HOH A O   1 
HETATM 848 O O   . HOH C 3 .   ? -2.806  17.954  7.727   1.00 28.67  ? 311 HOH A O   1 
HETATM 849 O O   . HOH C 3 .   ? -9.430  13.614  4.581   1.00 36.42  ? 312 HOH A O   1 
HETATM 850 O O   . HOH C 3 .   ? -1.777  -10.292 2.340   1.00 36.25  ? 313 HOH A O   1 
HETATM 851 O O   . HOH C 3 .   ? -5.068  -10.869 4.693   1.00 33.52  ? 314 HOH A O   1 
HETATM 852 O O   . HOH C 3 .   ? 2.099   -16.608 -10.306 1.00 32.61  ? 315 HOH A O   1 
HETATM 853 O O   . HOH C 3 .   ? -11.545 7.864   6.068   1.00 34.88  ? 316 HOH A O   1 
HETATM 854 O O   . HOH C 3 .   ? 0.407   -8.635  -10.610 1.00 35.38  ? 317 HOH A O   1 
HETATM 855 O O   . HOH C 3 .   ? -6.885  14.584  10.487  1.00 41.74  ? 318 HOH A O   1 
HETATM 856 O O   . HOH C 3 .   ? 2.205   3.407   11.613  1.00 45.60  ? 319 HOH A O   1 
HETATM 857 O O   . HOH C 3 .   ? 9.744   -18.864 -6.907  1.00 43.39  ? 320 HOH A O   1 
HETATM 858 O O   . HOH C 3 .   ? -0.948  -20.008 3.004   1.00 48.29  ? 321 HOH A O   1 
HETATM 859 O O   . HOH C 3 .   ? 11.151  5.688   -2.456  1.00 53.00  ? 322 HOH A O   1 
HETATM 860 O O   . HOH C 3 .   ? -13.123 0.962   -1.085  1.00 40.80  ? 323 HOH A O   1 
HETATM 861 O O   . HOH C 3 .   ? -10.662 7.645   -5.637  1.00 39.45  ? 324 HOH A O   1 
HETATM 862 O O   . HOH C 3 .   ? -3.306  -17.342 4.302   1.00 41.16  ? 325 HOH A O   1 
HETATM 863 O O   . HOH C 3 .   ? -20.515 -9.021  -8.553  1.00 38.97  ? 326 HOH A O   1 
HETATM 864 O O   . HOH C 3 .   ? -15.955 12.928  7.044   1.00 56.52  ? 327 HOH A O   1 
HETATM 865 O O   . HOH C 3 .   ? -3.045  -7.186  7.621   1.00 50.49  ? 328 HOH A O   1 
HETATM 866 O O   . HOH C 3 .   ? 1.222   14.464  7.665   1.00 40.39  ? 329 HOH A O   1 
HETATM 867 O O   . HOH C 3 .   ? 11.994  -0.811  -7.636  1.00 52.92  ? 330 HOH A O   1 
HETATM 868 O O   . HOH C 3 .   ? -0.076  -14.099 8.060   1.00 48.98  ? 331 HOH A O   1 
HETATM 869 O O   . HOH C 3 .   ? -0.640  -8.059  7.257   1.00 42.52  ? 332 HOH A O   1 
HETATM 870 O O   . HOH C 3 .   ? -10.019 -13.718 -2.554  1.00 43.08  ? 333 HOH A O   1 
HETATM 871 O O   . HOH C 3 .   ? 7.639   0.227   -11.822 1.00 52.20  ? 334 HOH A O   1 
HETATM 872 O O   . HOH C 3 .   ? -2.519  -9.792  8.162   1.00 67.69  ? 335 HOH A O   1 
HETATM 873 O O   . HOH C 3 .   ? -16.663 0.692   4.626   1.00 71.15  ? 336 HOH A O   1 
HETATM 874 O O   . HOH C 3 .   ? 3.190   12.467  6.419   1.00 46.60  ? 337 HOH A O   1 
HETATM 875 O O   . HOH C 3 .   ? 9.054   -9.712  -2.206  1.00 36.63  ? 338 HOH A O   1 
HETATM 876 O O   . HOH C 3 .   ? -13.251 -10.690 5.714   1.00 73.67  ? 339 HOH A O   1 
HETATM 877 O O   . HOH C 3 .   ? 0.991   -16.303 6.159   1.00 50.36  ? 340 HOH A O   1 
HETATM 878 O O   . HOH C 3 .   ? 6.106   -13.783 4.814   1.00 77.31  ? 341 HOH A O   1 
HETATM 879 O O   . HOH C 3 .   ? -1.714  15.712  11.424  1.00 53.66  ? 342 HOH A O   1 
HETATM 880 O O   . HOH C 3 .   ? -7.384  3.613   8.075   1.00 53.75  ? 343 HOH A O   1 
HETATM 881 O O   . HOH C 3 .   ? 3.486   7.968   -11.769 1.00 66.33  ? 344 HOH A O   1 
HETATM 882 O O   . HOH C 3 .   ? -5.738  -9.319  -11.621 1.00 52.51  ? 345 HOH A O   1 
HETATM 883 O O   . HOH C 3 .   ? -1.319  7.139   11.133  1.00 56.09  ? 346 HOH A O   1 
HETATM 884 O O   . HOH C 3 .   ? -11.135 -7.984  12.190  1.00 80.60  ? 347 HOH A O   1 
HETATM 885 O O   . HOH C 3 .   ? -12.433 -0.630  9.737   1.00 55.83  ? 348 HOH A O   1 
HETATM 886 O O   . HOH C 3 .   ? -13.640 -2.961  10.424  1.00 55.48  ? 349 HOH A O   1 
HETATM 887 O O   . HOH C 3 .   ? -17.994 -5.456  -4.163  1.00 41.56  ? 350 HOH A O   1 
HETATM 888 O O   . HOH C 3 .   ? 7.309   -12.588 -10.208 1.00 47.80  ? 352 HOH A O   1 
HETATM 889 O O   . HOH C 3 .   ? -11.731 -12.858 3.929   1.00 52.69  ? 353 HOH A O   1 
HETATM 890 O O   . HOH C 3 .   ? -9.534  15.685  -6.543  1.00 52.13  ? 354 HOH A O   1 
HETATM 891 O O   . HOH C 3 .   ? 3.278   1.338   -15.587 1.00 48.77  ? 355 HOH A O   1 
HETATM 892 O O   . HOH C 3 .   ? -2.446  -6.963  15.182  1.00 69.02  ? 356 HOH A O   1 
HETATM 893 O O   . HOH C 3 .   ? -7.835  -1.962  3.453   1.00 53.41  ? 358 HOH A O   1 
HETATM 894 O O   . HOH C 3 .   ? 6.061   -6.359  -4.768  1.00 44.25  ? 359 HOH A O   1 
HETATM 895 O O   . HOH C 3 .   ? 10.870  -10.689 -8.632  1.00 76.30  ? 360 HOH A O   1 
HETATM 896 O O   . HOH C 3 .   ? 14.236  0.662   -7.877  1.00 74.37  ? 361 HOH A O   1 
HETATM 897 O O   . HOH C 3 .   ? -3.098  16.623  5.039   1.00 50.69  ? 362 HOH A O   1 
HETATM 898 O O   . HOH C 3 .   ? -10.216 -15.270 3.482   1.00 64.79  ? 363 HOH A O   1 
HETATM 899 O O   . HOH D 3 .   ? 2.524   -6.707  10.299  1.00 66.04  ? 351 HOH P O   1 
HETATM 900 O O   . HOH D 3 .   ? 3.453   -2.553  12.265  1.00 48.94  ? 357 HOH P O   1 
# 
